data_6KZU
# 
_entry.id   6KZU 
# 
_audit_conform.dict_name       mmcif_pdbx.dic 
_audit_conform.dict_version    5.380 
_audit_conform.dict_location   http://mmcif.pdb.org/dictionaries/ascii/mmcif_pdbx.dic 
# 
loop_
_database_2.database_id 
_database_2.database_code 
_database_2.pdbx_database_accession 
_database_2.pdbx_DOI 
PDB   6KZU         pdb_00006kzu 10.2210/pdb6kzu/pdb 
WWPDB D_1300013927 ?            ?                   
# 
_pdbx_database_status.status_code                     REL 
_pdbx_database_status.status_code_sf                  REL 
_pdbx_database_status.status_code_mr                  ? 
_pdbx_database_status.entry_id                        6KZU 
_pdbx_database_status.recvd_initial_deposition_date   2019-09-25 
_pdbx_database_status.SG_entry                        N 
_pdbx_database_status.deposit_site                    PDBJ 
_pdbx_database_status.process_site                    PDBJ 
_pdbx_database_status.status_code_cs                  ? 
_pdbx_database_status.methods_development_category    ? 
_pdbx_database_status.pdb_format_compatible           Y 
_pdbx_database_status.status_code_nmr_data            ? 
# 
loop_
_audit_author.name 
_audit_author.pdbx_ordinal 
_audit_author.identifier_ORCID 
'Jiang, S.'   1 ?                   
'Brown, C.J.' 2 0000-0001-8425-534X 
# 
_citation.abstract                  ? 
_citation.abstract_id_CAS           ? 
_citation.book_id_ISBN              ? 
_citation.book_publisher            ? 
_citation.book_publisher_city       ? 
_citation.book_title                ? 
_citation.coordinate_linkage        ? 
_citation.country                   UK 
_citation.database_id_Medline       ? 
_citation.details                   ? 
_citation.id                        primary 
_citation.journal_abbrev            'Chem Sci' 
_citation.journal_id_ASTM           ? 
_citation.journal_id_CSD            ? 
_citation.journal_id_ISSN           2041-6520 
_citation.journal_full              ? 
_citation.journal_issue             ? 
_citation.journal_volume            11 
_citation.language                  ? 
_citation.page_first                5577 
_citation.page_last                 5591 
_citation.title                     'Macrocyclization of an all-d linear alpha-helical peptide imparts cellular permeability.' 
_citation.year                      2020 
_citation.database_id_CSD           ? 
_citation.pdbx_database_id_DOI      10.1039/c9sc06383h 
_citation.pdbx_database_id_PubMed   32874502 
_citation.unpublished_flag          ? 
# 
loop_
_citation_author.citation_id 
_citation_author.name 
_citation_author.ordinal 
_citation_author.identifier_ORCID 
primary 'Kannan, S.'        1  0000-0002-9539-5249 
primary 'Aronica, P.G.A.'   2  ?                   
primary 'Ng, S.'            3  ?                   
primary 'Gek Lian, D.T.'    4  ?                   
primary 'Frosi, Y.'         5  ?                   
primary 'Chee, S.'          6  ?                   
primary 'Shimin, J.'        7  ?                   
primary 'Yuen, T.Y.'        8  0000-0001-7971-1726 
primary 'Sadruddin, A.'     9  ?                   
primary 'Kaan, H.Y.K.'      10 ?                   
primary 'Chandramohan, A.'  11 ?                   
primary 'Wong, J.H.'        12 ?                   
primary 'Tan, Y.S.'         13 ?                   
primary 'Chang, Z.W.'       14 0000-0002-7461-9098 
primary 'Ferrer-Gago, F.J.' 15 ?                   
primary 'Arumugam, P.'      16 ?                   
primary 'Han, Y.'           17 ?                   
primary 'Chen, S.'          18 ?                   
primary 'Renia, L.'         19 ?                   
primary 'Brown, C.J.'       20 ?                   
primary 'Johannes, C.W.'    21 ?                   
primary 'Henry, B.'         22 ?                   
primary 'Lane, D.P.'        23 ?                   
primary 'Sawyer, T.K.'      24 ?                   
primary 'Verma, C.S.'       25 0000-0003-0733-9798 
primary 'Partridge, A.W.'   26 0000-0001-8568-2079 
# 
_cell.angle_alpha                  90.000 
_cell.angle_alpha_esd              ? 
_cell.angle_beta                   90.000 
_cell.angle_beta_esd               ? 
_cell.angle_gamma                  120.000 
_cell.angle_gamma_esd              ? 
_cell.entry_id                     6KZU 
_cell.details                      ? 
_cell.formula_units_Z              ? 
_cell.length_a                     82.567 
_cell.length_a_esd                 ? 
_cell.length_b                     82.567 
_cell.length_b_esd                 ? 
_cell.length_c                     54.783 
_cell.length_c_esd                 ? 
_cell.volume                       ? 
_cell.volume_esd                   ? 
_cell.Z_PDB                        12 
_cell.reciprocal_angle_alpha       ? 
_cell.reciprocal_angle_beta        ? 
_cell.reciprocal_angle_gamma       ? 
_cell.reciprocal_angle_alpha_esd   ? 
_cell.reciprocal_angle_beta_esd    ? 
_cell.reciprocal_angle_gamma_esd   ? 
_cell.reciprocal_length_a          ? 
_cell.reciprocal_length_b          ? 
_cell.reciprocal_length_c          ? 
_cell.reciprocal_length_a_esd      ? 
_cell.reciprocal_length_b_esd      ? 
_cell.reciprocal_length_c_esd      ? 
_cell.pdbx_unique_axis             ? 
# 
_symmetry.entry_id                         6KZU 
_symmetry.cell_setting                     ? 
_symmetry.Int_Tables_number                178 
_symmetry.space_group_name_Hall            ? 
_symmetry.space_group_name_H-M             'P 61 2 2' 
_symmetry.pdbx_full_space_group_name_H-M   ? 
# 
loop_
_entity.id 
_entity.type 
_entity.src_method 
_entity.pdbx_description 
_entity.formula_weight 
_entity.pdbx_number_of_molecules 
_entity.pdbx_ec 
_entity.pdbx_mutation 
_entity.pdbx_fragment 
_entity.details 
1 polymer man 'E3 ubiquitin-protein ligase Mdm2'              13749.694 1  2.3.2.27 ? ? ? 
2 polymer syn 2JN-DAL-E03-DTY-2JN-DSG-TDF-DGL-MK8-DLE-DLE-2JN 1649.907  1  ?        ? ? ? 
3 water   nat water                                           18.015    61 ?        ? ? ? 
# 
_entity_name_com.entity_id   1 
_entity_name_com.name        
'Double minute 2 protein,Hdm2,Oncoprotein Mdm2,RING-type E3 ubiquitin transferase Mdm2,p53-binding protein Mdm2' 
# 
loop_
_entity_poly.entity_id 
_entity_poly.type 
_entity_poly.nstd_linkage 
_entity_poly.nstd_monomer 
_entity_poly.pdbx_seq_one_letter_code 
_entity_poly.pdbx_seq_one_letter_code_can 
_entity_poly.pdbx_strand_id 
_entity_poly.pdbx_target_identifier 
1 'polypeptide(L)' no no  
;GPMSVPTDGAVTTSQIPASEQETLVRPKPLLLKLLKSVGAQKDTYTMKEVLFYLGQYIMTKRLYDEKQQHIVYCSNDLLG
DLFGVPSFSVKEHRKIYTMIYRNLVVVNQQESSDSGTSVSEN
;
;GPMSVPTDGAVTTSQIPASEQETLVRPKPLLLKLLKSVGAQKDTYTMKEVLFYLGQYIMTKRLYDEKQQHIVYCSNDLLG
DLFGVPSFSVKEHRKIYTMIYRNLVVVNQQESSDSGTSVSEN
;
A ? 
2 'polypeptide(D)' no yes '(2JN)(DAL)(E03)(DTY)(2JN)(DSG)(TDF)(DGL)(MK8)(DLE)(DLE)(2JN)' XAXYXNXELLLX B ? 
# 
loop_
_entity_poly_seq.entity_id 
_entity_poly_seq.num 
_entity_poly_seq.mon_id 
_entity_poly_seq.hetero 
1 1   GLY n 
1 2   PRO n 
1 3   MET n 
1 4   SER n 
1 5   VAL n 
1 6   PRO n 
1 7   THR n 
1 8   ASP n 
1 9   GLY n 
1 10  ALA n 
1 11  VAL n 
1 12  THR n 
1 13  THR n 
1 14  SER n 
1 15  GLN n 
1 16  ILE n 
1 17  PRO n 
1 18  ALA n 
1 19  SER n 
1 20  GLU n 
1 21  GLN n 
1 22  GLU n 
1 23  THR n 
1 24  LEU n 
1 25  VAL n 
1 26  ARG n 
1 27  PRO n 
1 28  LYS n 
1 29  PRO n 
1 30  LEU n 
1 31  LEU n 
1 32  LEU n 
1 33  LYS n 
1 34  LEU n 
1 35  LEU n 
1 36  LYS n 
1 37  SER n 
1 38  VAL n 
1 39  GLY n 
1 40  ALA n 
1 41  GLN n 
1 42  LYS n 
1 43  ASP n 
1 44  THR n 
1 45  TYR n 
1 46  THR n 
1 47  MET n 
1 48  LYS n 
1 49  GLU n 
1 50  VAL n 
1 51  LEU n 
1 52  PHE n 
1 53  TYR n 
1 54  LEU n 
1 55  GLY n 
1 56  GLN n 
1 57  TYR n 
1 58  ILE n 
1 59  MET n 
1 60  THR n 
1 61  LYS n 
1 62  ARG n 
1 63  LEU n 
1 64  TYR n 
1 65  ASP n 
1 66  GLU n 
1 67  LYS n 
1 68  GLN n 
1 69  GLN n 
1 70  HIS n 
1 71  ILE n 
1 72  VAL n 
1 73  TYR n 
1 74  CYS n 
1 75  SER n 
1 76  ASN n 
1 77  ASP n 
1 78  LEU n 
1 79  LEU n 
1 80  GLY n 
1 81  ASP n 
1 82  LEU n 
1 83  PHE n 
1 84  GLY n 
1 85  VAL n 
1 86  PRO n 
1 87  SER n 
1 88  PHE n 
1 89  SER n 
1 90  VAL n 
1 91  LYS n 
1 92  GLU n 
1 93  HIS n 
1 94  ARG n 
1 95  LYS n 
1 96  ILE n 
1 97  TYR n 
1 98  THR n 
1 99  MET n 
1 100 ILE n 
1 101 TYR n 
1 102 ARG n 
1 103 ASN n 
1 104 LEU n 
1 105 VAL n 
1 106 VAL n 
1 107 VAL n 
1 108 ASN n 
1 109 GLN n 
1 110 GLN n 
1 111 GLU n 
1 112 SER n 
1 113 SER n 
1 114 ASP n 
1 115 SER n 
1 116 GLY n 
1 117 THR n 
1 118 SER n 
1 119 VAL n 
1 120 SER n 
1 121 GLU n 
1 122 ASN n 
2 1   2JN n 
2 2   DAL n 
2 3   E03 n 
2 4   DTY n 
2 5   2JN n 
2 6   DSG n 
2 7   TDF n 
2 8   DGL n 
2 9   MK8 n 
2 10  DLE n 
2 11  DLE n 
2 12  2JN n 
# 
_entity_src_gen.entity_id                          1 
_entity_src_gen.pdbx_src_id                        1 
_entity_src_gen.pdbx_alt_source_flag               sample 
_entity_src_gen.pdbx_seq_type                      'Biological sequence' 
_entity_src_gen.pdbx_beg_seq_num                   1 
_entity_src_gen.pdbx_end_seq_num                   122 
_entity_src_gen.gene_src_common_name               Human 
_entity_src_gen.gene_src_genus                     ? 
_entity_src_gen.pdbx_gene_src_gene                 MDM2 
_entity_src_gen.gene_src_species                   ? 
_entity_src_gen.gene_src_strain                    ? 
_entity_src_gen.gene_src_tissue                    ? 
_entity_src_gen.gene_src_tissue_fraction           ? 
_entity_src_gen.gene_src_details                   ? 
_entity_src_gen.pdbx_gene_src_fragment             ? 
_entity_src_gen.pdbx_gene_src_scientific_name      'Homo sapiens' 
_entity_src_gen.pdbx_gene_src_ncbi_taxonomy_id     9606 
_entity_src_gen.pdbx_gene_src_variant              ? 
_entity_src_gen.pdbx_gene_src_cell_line            ? 
_entity_src_gen.pdbx_gene_src_atcc                 ? 
_entity_src_gen.pdbx_gene_src_organ                ? 
_entity_src_gen.pdbx_gene_src_organelle            ? 
_entity_src_gen.pdbx_gene_src_cell                 ? 
_entity_src_gen.pdbx_gene_src_cellular_location    ? 
_entity_src_gen.host_org_common_name               ? 
_entity_src_gen.pdbx_host_org_scientific_name      'Escherichia coli' 
_entity_src_gen.pdbx_host_org_ncbi_taxonomy_id     562 
_entity_src_gen.host_org_genus                     ? 
_entity_src_gen.pdbx_host_org_gene                 ? 
_entity_src_gen.pdbx_host_org_organ                ? 
_entity_src_gen.host_org_species                   ? 
_entity_src_gen.pdbx_host_org_tissue               ? 
_entity_src_gen.pdbx_host_org_tissue_fraction      ? 
_entity_src_gen.pdbx_host_org_strain               ? 
_entity_src_gen.pdbx_host_org_variant              ? 
_entity_src_gen.pdbx_host_org_cell_line            ? 
_entity_src_gen.pdbx_host_org_atcc                 ? 
_entity_src_gen.pdbx_host_org_culture_collection   ? 
_entity_src_gen.pdbx_host_org_cell                 ? 
_entity_src_gen.pdbx_host_org_organelle            ? 
_entity_src_gen.pdbx_host_org_cellular_location    ? 
_entity_src_gen.pdbx_host_org_vector_type          ? 
_entity_src_gen.pdbx_host_org_vector               ? 
_entity_src_gen.host_org_details                   ? 
_entity_src_gen.expression_system_id               ? 
_entity_src_gen.plasmid_name                       ? 
_entity_src_gen.plasmid_details                    ? 
_entity_src_gen.pdbx_description                   ? 
# 
_pdbx_entity_src_syn.entity_id              2 
_pdbx_entity_src_syn.pdbx_src_id            1 
_pdbx_entity_src_syn.pdbx_alt_source_flag   sample 
_pdbx_entity_src_syn.pdbx_beg_seq_num       1 
_pdbx_entity_src_syn.pdbx_end_seq_num       12 
_pdbx_entity_src_syn.organism_scientific    'Phage 13' 
_pdbx_entity_src_syn.organism_common_name   ? 
_pdbx_entity_src_syn.ncbi_taxonomy_id       12424 
_pdbx_entity_src_syn.details                ? 
# 
loop_
_struct_ref.id 
_struct_ref.db_name 
_struct_ref.db_code 
_struct_ref.pdbx_db_accession 
_struct_ref.pdbx_db_isoform 
_struct_ref.entity_id 
_struct_ref.pdbx_seq_one_letter_code 
_struct_ref.pdbx_align_begin 
1 UNP MDM2_HUMAN Q00987 ? 1 
;MSVPTDGAVTTSQIPASEQETLVRPKPLLLKLLKSVGAQKDTYTMKEVLFYLGQYIMTKRLYDEKQQHIVYCSNDLLGDL
FGVPSFSVKEHRKIYTMIYRNLVVVNQQESSDSGTSVSEN
;
6 
2 PDB 6KZU       6KZU   ? 2 ? 1 
# 
loop_
_struct_ref_seq.align_id 
_struct_ref_seq.ref_id 
_struct_ref_seq.pdbx_PDB_id_code 
_struct_ref_seq.pdbx_strand_id 
_struct_ref_seq.seq_align_beg 
_struct_ref_seq.pdbx_seq_align_beg_ins_code 
_struct_ref_seq.seq_align_end 
_struct_ref_seq.pdbx_seq_align_end_ins_code 
_struct_ref_seq.pdbx_db_accession 
_struct_ref_seq.db_align_beg 
_struct_ref_seq.pdbx_db_align_beg_ins_code 
_struct_ref_seq.db_align_end 
_struct_ref_seq.pdbx_db_align_end_ins_code 
_struct_ref_seq.pdbx_auth_seq_align_beg 
_struct_ref_seq.pdbx_auth_seq_align_end 
1 1 6KZU A 3 ? 122 ? Q00987 6 ? 125 ? 6 125 
2 2 6KZU B 1 ? 12  ? 6KZU   1 ? 12  ? 1 12  
# 
loop_
_struct_ref_seq_dif.align_id 
_struct_ref_seq_dif.pdbx_pdb_id_code 
_struct_ref_seq_dif.mon_id 
_struct_ref_seq_dif.pdbx_pdb_strand_id 
_struct_ref_seq_dif.seq_num 
_struct_ref_seq_dif.pdbx_pdb_ins_code 
_struct_ref_seq_dif.pdbx_seq_db_name 
_struct_ref_seq_dif.pdbx_seq_db_accession_code 
_struct_ref_seq_dif.db_mon_id 
_struct_ref_seq_dif.pdbx_seq_db_seq_num 
_struct_ref_seq_dif.details 
_struct_ref_seq_dif.pdbx_auth_seq_num 
_struct_ref_seq_dif.pdbx_ordinal 
1 6KZU GLY A 1 ? UNP Q00987 ? ? 'expression tag' 4 1 
1 6KZU PRO A 2 ? UNP Q00987 ? ? 'expression tag' 5 2 
# 
loop_
_chem_comp.id 
_chem_comp.type 
_chem_comp.mon_nstd_flag 
_chem_comp.name 
_chem_comp.pdbx_synonyms 
_chem_comp.formula 
_chem_comp.formula_weight 
2JN 'D-peptide linking' . 2-methyl-D-norleucine                 ?                                                           
'C7 H15 N O2'     145.199 
ALA 'L-peptide linking' y ALANINE                               ?                                                           
'C3 H7 N O2'      89.093  
ARG 'L-peptide linking' y ARGININE                              ?                                                           
'C6 H15 N4 O2 1'  175.209 
ASN 'L-peptide linking' y ASPARAGINE                            ?                                                           
'C4 H8 N2 O3'     132.118 
ASP 'L-peptide linking' y 'ASPARTIC ACID'                       ?                                                           
'C4 H7 N O4'      133.103 
CYS 'L-peptide linking' y CYSTEINE                              ?                                                           
'C3 H7 N O2 S'    121.158 
DAL 'D-peptide linking' . D-ALANINE                             ?                                                           
'C3 H7 N O2'      89.093  
DGL 'D-peptide linking' . 'D-GLUTAMIC ACID'                     ?                                                           
'C5 H9 N O4'      147.129 
DLE 'D-peptide linking' . D-LEUCINE                             ?                                                           
'C6 H13 N O2'     131.173 
DSG 'D-peptide linking' . D-ASPARAGINE                          ?                                                           
'C4 H8 N2 O3'     132.118 
DTY 'D-peptide linking' . D-TYROSINE                            ?                                                           
'C9 H11 N O3'     181.189 
E03 'D-peptide linking' . 6-FLUORO-D-TRYPTOPHAN                 '(2R)-2-azanyl-3-(6-fluoranyl-1H-indol-3-yl)propanoic acid' 
'C11 H11 F N2 O2' 222.216 
GLN 'L-peptide linking' y GLUTAMINE                             ?                                                           
'C5 H10 N2 O3'    146.144 
GLU 'L-peptide linking' y 'GLUTAMIC ACID'                       ?                                                           
'C5 H9 N O4'      147.129 
GLY 'peptide linking'   y GLYCINE                               ?                                                           
'C2 H5 N O2'      75.067  
HIS 'L-peptide linking' y HISTIDINE                             ?                                                           
'C6 H10 N3 O2 1'  156.162 
HOH non-polymer         . WATER                                 ?                                                           'H2 O' 
18.015  
ILE 'L-peptide linking' y ISOLEUCINE                            ?                                                           
'C6 H13 N O2'     131.173 
LEU 'L-peptide linking' y LEUCINE                               ?                                                           
'C6 H13 N O2'     131.173 
LYS 'L-peptide linking' y LYSINE                                ?                                                           
'C6 H15 N2 O2 1'  147.195 
MET 'L-peptide linking' y METHIONINE                            ?                                                           
'C5 H11 N O2 S'   149.211 
MK8 'L-peptide linking' n 2-methyl-L-norleucine                 ?                                                           
'C7 H15 N O2'     145.199 
PHE 'L-peptide linking' y PHENYLALANINE                         ?                                                           
'C9 H11 N O2'     165.189 
PRO 'L-peptide linking' y PROLINE                               ?                                                           
'C5 H9 N O2'      115.130 
SER 'L-peptide linking' y SERINE                                ?                                                           
'C3 H7 N O3'      105.093 
TDF 'D-peptide linking' . '4-(trifluoromethyl)-D-phenylalanine' ?                                                           
'C10 H10 F3 N O2' 233.187 
THR 'L-peptide linking' y THREONINE                             ?                                                           
'C4 H9 N O3'      119.119 
TYR 'L-peptide linking' y TYROSINE                              ?                                                           
'C9 H11 N O3'     181.189 
VAL 'L-peptide linking' y VALINE                                ?                                                           
'C5 H11 N O2'     117.146 
# 
_exptl.absorpt_coefficient_mu     ? 
_exptl.absorpt_correction_T_max   ? 
_exptl.absorpt_correction_T_min   ? 
_exptl.absorpt_correction_type    ? 
_exptl.absorpt_process_details    ? 
_exptl.entry_id                   6KZU 
_exptl.crystals_number            1 
_exptl.details                    ? 
_exptl.method                     'X-RAY DIFFRACTION' 
_exptl.method_details             ? 
# 
_exptl_crystal.colour                      ? 
_exptl_crystal.density_diffrn              ? 
_exptl_crystal.density_Matthews            1.77 
_exptl_crystal.density_method              ? 
_exptl_crystal.density_percent_sol         30.39 
_exptl_crystal.description                 ? 
_exptl_crystal.F_000                       ? 
_exptl_crystal.id                          1 
_exptl_crystal.preparation                 ? 
_exptl_crystal.size_max                    ? 
_exptl_crystal.size_mid                    ? 
_exptl_crystal.size_min                    ? 
_exptl_crystal.size_rad                    ? 
_exptl_crystal.colour_lustre               ? 
_exptl_crystal.colour_modifier             ? 
_exptl_crystal.colour_primary              ? 
_exptl_crystal.density_meas                ? 
_exptl_crystal.density_meas_esd            ? 
_exptl_crystal.density_meas_gt             ? 
_exptl_crystal.density_meas_lt             ? 
_exptl_crystal.density_meas_temp           ? 
_exptl_crystal.density_meas_temp_esd       ? 
_exptl_crystal.density_meas_temp_gt        ? 
_exptl_crystal.density_meas_temp_lt        ? 
_exptl_crystal.pdbx_crystal_image_url      ? 
_exptl_crystal.pdbx_crystal_image_format   ? 
_exptl_crystal.pdbx_mosaicity              ? 
_exptl_crystal.pdbx_mosaicity_esd          ? 
# 
_exptl_crystal_grow.apparatus       ? 
_exptl_crystal_grow.atmosphere      ? 
_exptl_crystal_grow.crystal_id      1 
_exptl_crystal_grow.details         ? 
_exptl_crystal_grow.method          'VAPOR DIFFUSION, HANGING DROP' 
_exptl_crystal_grow.method_ref      ? 
_exptl_crystal_grow.pH              7.5 
_exptl_crystal_grow.pressure        ? 
_exptl_crystal_grow.pressure_esd    ? 
_exptl_crystal_grow.seeding         ? 
_exptl_crystal_grow.seeding_ref     ? 
_exptl_crystal_grow.temp            289 
_exptl_crystal_grow.temp_details    ? 
_exptl_crystal_grow.temp_esd        ? 
_exptl_crystal_grow.time            ? 
_exptl_crystal_grow.pdbx_details    
'800 mM Sodium di-hydrogen phosphate, 800 mM di-Potassium hydrogen phosphate, 100 mM HEPES pH 7.5' 
_exptl_crystal_grow.pdbx_pH_range   ? 
# 
_diffrn.ambient_environment              ? 
_diffrn.ambient_temp                     100 
_diffrn.ambient_temp_details             ? 
_diffrn.ambient_temp_esd                 ? 
_diffrn.crystal_id                       1 
_diffrn.crystal_support                  ? 
_diffrn.crystal_treatment                ? 
_diffrn.details                          ? 
_diffrn.id                               1 
_diffrn.ambient_pressure                 ? 
_diffrn.ambient_pressure_esd             ? 
_diffrn.ambient_pressure_gt              ? 
_diffrn.ambient_pressure_lt              ? 
_diffrn.ambient_temp_gt                  ? 
_diffrn.ambient_temp_lt                  ? 
_diffrn.pdbx_serial_crystal_experiment   N 
# 
_diffrn_detector.details                      ? 
_diffrn_detector.detector                     CCD 
_diffrn_detector.diffrn_id                    1 
_diffrn_detector.type                         'ADSC QUANTUM 210r' 
_diffrn_detector.area_resol_mean              ? 
_diffrn_detector.dtime                        ? 
_diffrn_detector.pdbx_frames_total            ? 
_diffrn_detector.pdbx_collection_time_total   ? 
_diffrn_detector.pdbx_collection_date         2018-10-01 
_diffrn_detector.pdbx_frequency               ? 
# 
_diffrn_radiation.collimation                      ? 
_diffrn_radiation.diffrn_id                        1 
_diffrn_radiation.filter_edge                      ? 
_diffrn_radiation.inhomogeneity                    ? 
_diffrn_radiation.monochromator                    ? 
_diffrn_radiation.polarisn_norm                    ? 
_diffrn_radiation.polarisn_ratio                   ? 
_diffrn_radiation.probe                            ? 
_diffrn_radiation.type                             ? 
_diffrn_radiation.xray_symbol                      ? 
_diffrn_radiation.wavelength_id                    1 
_diffrn_radiation.pdbx_monochromatic_or_laue_m_l   M 
_diffrn_radiation.pdbx_wavelength_list             ? 
_diffrn_radiation.pdbx_wavelength                  ? 
_diffrn_radiation.pdbx_diffrn_protocol             'SINGLE WAVELENGTH' 
_diffrn_radiation.pdbx_analyzer                    ? 
_diffrn_radiation.pdbx_scattering_type             x-ray 
# 
_diffrn_radiation_wavelength.id           1 
_diffrn_radiation_wavelength.wavelength   0.95370 
_diffrn_radiation_wavelength.wt           1.0 
# 
_diffrn_source.current                     ? 
_diffrn_source.details                     ? 
_diffrn_source.diffrn_id                   1 
_diffrn_source.power                       ? 
_diffrn_source.size                        ? 
_diffrn_source.source                      SYNCHROTRON 
_diffrn_source.target                      ? 
_diffrn_source.type                        'AUSTRALIAN SYNCHROTRON BEAMLINE MX1' 
_diffrn_source.voltage                     ? 
_diffrn_source.take-off_angle              ? 
_diffrn_source.pdbx_wavelength_list        0.95370 
_diffrn_source.pdbx_wavelength             ? 
_diffrn_source.pdbx_synchrotron_beamline   MX1 
_diffrn_source.pdbx_synchrotron_site       'Australian Synchrotron' 
# 
_reflns.B_iso_Wilson_estimate            ? 
_reflns.entry_id                         6KZU 
_reflns.data_reduction_details           ? 
_reflns.data_reduction_method            ? 
_reflns.d_resolution_high                1.790 
_reflns.d_resolution_low                 43.90 
_reflns.details                          ? 
_reflns.limit_h_max                      ? 
_reflns.limit_h_min                      ? 
_reflns.limit_k_max                      ? 
_reflns.limit_k_min                      ? 
_reflns.limit_l_max                      ? 
_reflns.limit_l_min                      ? 
_reflns.number_all                       ? 
_reflns.number_obs                       10913 
_reflns.observed_criterion               ? 
_reflns.observed_criterion_F_max         ? 
_reflns.observed_criterion_F_min         ? 
_reflns.observed_criterion_I_max         ? 
_reflns.observed_criterion_I_min         ? 
_reflns.observed_criterion_sigma_F       ? 
_reflns.observed_criterion_sigma_I       ? 
_reflns.percent_possible_obs             100.0 
_reflns.R_free_details                   ? 
_reflns.Rmerge_F_all                     ? 
_reflns.Rmerge_F_obs                     ? 
_reflns.Friedel_coverage                 ? 
_reflns.number_gt                        ? 
_reflns.threshold_expression             ? 
_reflns.pdbx_redundancy                  20.7 
_reflns.pdbx_Rmerge_I_obs                0.065 
_reflns.pdbx_Rmerge_I_all                ? 
_reflns.pdbx_Rsym_value                  ? 
_reflns.pdbx_netI_over_av_sigmaI         ? 
_reflns.pdbx_netI_over_sigmaI            25.6 
_reflns.pdbx_res_netI_over_av_sigmaI_2   ? 
_reflns.pdbx_res_netI_over_sigmaI_2      ? 
_reflns.pdbx_chi_squared                 ? 
_reflns.pdbx_scaling_rejects             ? 
_reflns.pdbx_d_res_high_opt              ? 
_reflns.pdbx_d_res_low_opt               ? 
_reflns.pdbx_d_res_opt_method            ? 
_reflns.phase_calculation_details        ? 
_reflns.pdbx_Rrim_I_all                  ? 
_reflns.pdbx_Rpim_I_all                  ? 
_reflns.pdbx_d_opt                       ? 
_reflns.pdbx_number_measured_all         ? 
_reflns.pdbx_diffrn_id                   1 
_reflns.pdbx_ordinal                     1 
_reflns.pdbx_CC_half                     ? 
_reflns.pdbx_R_split                     ? 
# 
_reflns_shell.d_res_high                  1.79 
_reflns_shell.d_res_low                   1.82 
_reflns_shell.meanI_over_sigI_all         ? 
_reflns_shell.meanI_over_sigI_obs         1.6 
_reflns_shell.number_measured_all         ? 
_reflns_shell.number_measured_obs         ? 
_reflns_shell.number_possible             ? 
_reflns_shell.number_unique_all           ? 
_reflns_shell.number_unique_obs           599 
_reflns_shell.percent_possible_all        ? 
_reflns_shell.percent_possible_obs        ? 
_reflns_shell.Rmerge_F_all                ? 
_reflns_shell.Rmerge_F_obs                ? 
_reflns_shell.Rmerge_I_all                ? 
_reflns_shell.Rmerge_I_obs                1.745 
_reflns_shell.meanI_over_sigI_gt          ? 
_reflns_shell.meanI_over_uI_all           ? 
_reflns_shell.meanI_over_uI_gt            ? 
_reflns_shell.number_measured_gt          ? 
_reflns_shell.number_unique_gt            ? 
_reflns_shell.percent_possible_gt         ? 
_reflns_shell.Rmerge_F_gt                 ? 
_reflns_shell.Rmerge_I_gt                 ? 
_reflns_shell.pdbx_redundancy             ? 
_reflns_shell.pdbx_Rsym_value             ? 
_reflns_shell.pdbx_chi_squared            ? 
_reflns_shell.pdbx_netI_over_sigmaI_all   ? 
_reflns_shell.pdbx_netI_over_sigmaI_obs   ? 
_reflns_shell.pdbx_Rrim_I_all             ? 
_reflns_shell.pdbx_Rpim_I_all             0.390 
_reflns_shell.pdbx_rejects                ? 
_reflns_shell.pdbx_ordinal                1 
_reflns_shell.pdbx_diffrn_id              1 
_reflns_shell.pdbx_CC_half                ? 
_reflns_shell.pdbx_R_split                ? 
# 
_refine.aniso_B[1][1]                            0.5700 
_refine.aniso_B[1][2]                            0.2900 
_refine.aniso_B[1][3]                            0.0000 
_refine.aniso_B[2][2]                            0.5700 
_refine.aniso_B[2][3]                            -0.0000 
_refine.aniso_B[3][3]                            -1.8600 
_refine.B_iso_max                                75.040 
_refine.B_iso_mean                               33.1020 
_refine.B_iso_min                                20.190 
_refine.correlation_coeff_Fo_to_Fc               0.9610 
_refine.correlation_coeff_Fo_to_Fc_free          0.9480 
_refine.details                                  
'HYDROGENS HAVE BEEN ADDED IN THE RIDING POSITIONS U VALUES      : REFINED INDIVIDUALLY' 
_refine.diff_density_max                         ? 
_refine.diff_density_max_esd                     ? 
_refine.diff_density_min                         ? 
_refine.diff_density_min_esd                     ? 
_refine.diff_density_rms                         ? 
_refine.diff_density_rms_esd                     ? 
_refine.entry_id                                 6KZU 
_refine.pdbx_refine_id                           'X-RAY DIFFRACTION' 
_refine.ls_abs_structure_details                 ? 
_refine.ls_abs_structure_Flack                   ? 
_refine.ls_abs_structure_Flack_esd               ? 
_refine.ls_abs_structure_Rogers                  ? 
_refine.ls_abs_structure_Rogers_esd              ? 
_refine.ls_d_res_high                            1.7900 
_refine.ls_d_res_low                             43.49 
_refine.ls_extinction_coef                       ? 
_refine.ls_extinction_coef_esd                   ? 
_refine.ls_extinction_expression                 ? 
_refine.ls_extinction_method                     ? 
_refine.ls_goodness_of_fit_all                   ? 
_refine.ls_goodness_of_fit_all_esd               ? 
_refine.ls_goodness_of_fit_obs                   ? 
_refine.ls_goodness_of_fit_obs_esd               ? 
_refine.ls_hydrogen_treatment                    ? 
_refine.ls_matrix_type                           ? 
_refine.ls_number_constraints                    ? 
_refine.ls_number_parameters                     ? 
_refine.ls_number_reflns_all                     ? 
_refine.ls_number_reflns_obs                     9820 
_refine.ls_number_reflns_R_free                  1092 
_refine.ls_number_reflns_R_work                  ? 
_refine.ls_number_restraints                     ? 
_refine.ls_percent_reflns_obs                    99.9100 
_refine.ls_percent_reflns_R_free                 10.0000 
_refine.ls_R_factor_all                          ? 
_refine.ls_R_factor_obs                          0.2027 
_refine.ls_R_factor_R_free                       0.2361 
_refine.ls_R_factor_R_free_error                 ? 
_refine.ls_R_factor_R_free_error_details         ? 
_refine.ls_R_factor_R_work                       0.1990 
_refine.ls_R_Fsqd_factor_obs                     ? 
_refine.ls_R_I_factor_obs                        ? 
_refine.ls_redundancy_reflns_all                 ? 
_refine.ls_redundancy_reflns_obs                 ? 
_refine.ls_restrained_S_all                      ? 
_refine.ls_restrained_S_obs                      ? 
_refine.ls_shift_over_esd_max                    ? 
_refine.ls_shift_over_esd_mean                   ? 
_refine.ls_structure_factor_coef                 ? 
_refine.ls_weighting_details                     ? 
_refine.ls_weighting_scheme                      ? 
_refine.ls_wR_factor_all                         ? 
_refine.ls_wR_factor_obs                         ? 
_refine.ls_wR_factor_R_free                      ? 
_refine.ls_wR_factor_R_work                      ? 
_refine.occupancy_max                            ? 
_refine.occupancy_min                            ? 
_refine.solvent_model_details                    ? 
_refine.solvent_model_param_bsol                 ? 
_refine.solvent_model_param_ksol                 ? 
_refine.ls_R_factor_gt                           ? 
_refine.ls_goodness_of_fit_gt                    ? 
_refine.ls_goodness_of_fit_ref                   ? 
_refine.ls_shift_over_su_max                     ? 
_refine.ls_shift_over_su_max_lt                  ? 
_refine.ls_shift_over_su_mean                    ? 
_refine.ls_shift_over_su_mean_lt                 ? 
_refine.pdbx_ls_sigma_I                          ? 
_refine.pdbx_ls_sigma_F                          0.000 
_refine.pdbx_ls_sigma_Fsqd                       ? 
_refine.pdbx_data_cutoff_high_absF               ? 
_refine.pdbx_data_cutoff_high_rms_absF           ? 
_refine.pdbx_data_cutoff_low_absF                ? 
_refine.pdbx_isotropic_thermal_model             ? 
_refine.pdbx_ls_cross_valid_method               THROUGHOUT 
_refine.pdbx_method_to_determine_struct          'MOLECULAR REPLACEMENT' 
_refine.pdbx_starting_model                      4UMN 
_refine.pdbx_stereochemistry_target_values       ? 
_refine.pdbx_R_Free_selection_details            RANDOM 
_refine.pdbx_stereochem_target_val_spec_case     ? 
_refine.pdbx_overall_ESU_R                       0.1390 
_refine.pdbx_overall_ESU_R_Free                  0.1320 
_refine.pdbx_solvent_vdw_probe_radii             1.2000 
_refine.pdbx_solvent_ion_probe_radii             0.8000 
_refine.pdbx_solvent_shrinkage_radii             0.8000 
_refine.pdbx_real_space_R                        ? 
_refine.pdbx_density_correlation                 ? 
_refine.pdbx_pd_number_of_powder_patterns        ? 
_refine.pdbx_pd_number_of_points                 ? 
_refine.pdbx_pd_meas_number_of_points            ? 
_refine.pdbx_pd_proc_ls_prof_R_factor            ? 
_refine.pdbx_pd_proc_ls_prof_wR_factor           ? 
_refine.pdbx_pd_Marquardt_correlation_coeff      ? 
_refine.pdbx_pd_Fsqrd_R_factor                   ? 
_refine.pdbx_pd_ls_matrix_band_width             ? 
_refine.pdbx_overall_phase_error                 ? 
_refine.pdbx_overall_SU_R_free_Cruickshank_DPI   ? 
_refine.pdbx_overall_SU_R_free_Blow_DPI          ? 
_refine.pdbx_overall_SU_R_Blow_DPI               ? 
_refine.pdbx_TLS_residual_ADP_flag               ? 
_refine.pdbx_diffrn_id                           1 
_refine.overall_SU_B                             3.2380 
_refine.overall_SU_ML                            0.0980 
_refine.overall_SU_R_Cruickshank_DPI             ? 
_refine.overall_SU_R_free                        ? 
_refine.overall_FOM_free_R_set                   ? 
_refine.overall_FOM_work_R_set                   ? 
_refine.pdbx_average_fsc_overall                 ? 
_refine.pdbx_average_fsc_work                    ? 
_refine.pdbx_average_fsc_free                    ? 
# 
_refine_hist.pdbx_refine_id                   'X-RAY DIFFRACTION' 
_refine_hist.cycle_id                         final 
_refine_hist.details                          ? 
_refine_hist.d_res_high                       1.7900 
_refine_hist.d_res_low                        43.49 
_refine_hist.number_atoms_solvent             61 
_refine_hist.number_atoms_total               954 
_refine_hist.number_reflns_all                ? 
_refine_hist.number_reflns_obs                ? 
_refine_hist.number_reflns_R_free             ? 
_refine_hist.number_reflns_R_work             ? 
_refine_hist.R_factor_all                     ? 
_refine_hist.R_factor_obs                     ? 
_refine_hist.R_factor_R_free                  ? 
_refine_hist.R_factor_R_work                  ? 
_refine_hist.pdbx_number_residues_total       89 
_refine_hist.pdbx_B_iso_mean_ligand           27.44 
_refine_hist.pdbx_B_iso_mean_solvent          43.40 
_refine_hist.pdbx_number_atoms_protein        812 
_refine_hist.pdbx_number_atoms_nucleic_acid   0 
_refine_hist.pdbx_number_atoms_ligand         81 
_refine_hist.pdbx_number_atoms_lipid          ? 
_refine_hist.pdbx_number_atoms_carb           ? 
_refine_hist.pdbx_pseudo_atom_details         ? 
# 
loop_
_refine_ls_restr.pdbx_refine_id 
_refine_ls_restr.criterion 
_refine_ls_restr.dev_ideal 
_refine_ls_restr.dev_ideal_target 
_refine_ls_restr.number 
_refine_ls_restr.rejects 
_refine_ls_restr.type 
_refine_ls_restr.weight 
_refine_ls_restr.pdbx_restraint_function 
'X-RAY DIFFRACTION' ? 0.009  0.020  850  ? r_bond_refined_d       ? ? 
'X-RAY DIFFRACTION' ? 0.002  0.020  819  ? r_bond_other_d         ? ? 
'X-RAY DIFFRACTION' ? 1.562  2.142  1146 ? r_angle_refined_deg    ? ? 
'X-RAY DIFFRACTION' ? 0.947  3.000  1891 ? r_angle_other_deg      ? ? 
'X-RAY DIFFRACTION' ? 6.410  5.000  85   ? r_dihedral_angle_1_deg ? ? 
'X-RAY DIFFRACTION' ? 40.210 23.333 30   ? r_dihedral_angle_2_deg ? ? 
'X-RAY DIFFRACTION' ? 12.988 15.000 143  ? r_dihedral_angle_3_deg ? ? 
'X-RAY DIFFRACTION' ? 13.714 15.000 4    ? r_dihedral_angle_4_deg ? ? 
'X-RAY DIFFRACTION' ? 0.094  0.200  127  ? r_chiral_restr         ? ? 
'X-RAY DIFFRACTION' ? 0.006  0.020  856  ? r_gen_planes_refined   ? ? 
'X-RAY DIFFRACTION' ? 0.002  0.020  162  ? r_gen_planes_other     ? ? 
# 
_refine_ls_shell.pdbx_refine_id                   'X-RAY DIFFRACTION' 
_refine_ls_shell.d_res_high                       1.79 
_refine_ls_shell.d_res_low                        1.8320 
_refine_ls_shell.number_reflns_all                ? 
_refine_ls_shell.number_reflns_obs                ? 
_refine_ls_shell.number_reflns_R_free             80 
_refine_ls_shell.number_reflns_R_work             718 
_refine_ls_shell.percent_reflns_obs               99.7500 
_refine_ls_shell.percent_reflns_R_free            ? 
_refine_ls_shell.R_factor_all                     ? 
_refine_ls_shell.R_factor_obs                     ? 
_refine_ls_shell.R_factor_R_free                  0.3260 
_refine_ls_shell.R_factor_R_free_error            0.0000 
_refine_ls_shell.R_factor_R_work                  0.3140 
_refine_ls_shell.redundancy_reflns_all            ? 
_refine_ls_shell.redundancy_reflns_obs            ? 
_refine_ls_shell.wR_factor_all                    ? 
_refine_ls_shell.wR_factor_obs                    ? 
_refine_ls_shell.wR_factor_R_free                 ? 
_refine_ls_shell.wR_factor_R_work                 ? 
_refine_ls_shell.pdbx_total_number_of_bins_used   ? 
_refine_ls_shell.pdbx_phase_error                 ? 
_refine_ls_shell.pdbx_fsc_work                    ? 
_refine_ls_shell.pdbx_fsc_free                    ? 
# 
_struct.entry_id                     6KZU 
_struct.title                        
;Macrocyclization of an all-D linear peptide improves target affinity and imparts cellular activity: A novel stapled alpha-helical peptide modality
;
_struct.pdbx_model_details           ? 
_struct.pdbx_formula_weight          ? 
_struct.pdbx_formula_weight_method   ? 
_struct.pdbx_model_type_details      ? 
_struct.pdbx_CASP_flag               N 
# 
_struct_keywords.entry_id        6KZU 
_struct_keywords.text            'E3 ligase, LIGASE' 
_struct_keywords.pdbx_keywords   LIGASE 
# 
loop_
_struct_asym.id 
_struct_asym.pdbx_blank_PDB_chainid_flag 
_struct_asym.pdbx_modified 
_struct_asym.entity_id 
_struct_asym.details 
A N N 1 ? 
B N N 2 ? 
C N N 3 ? 
D N N 3 ? 
# 
loop_
_struct_conf.conf_type_id 
_struct_conf.id 
_struct_conf.pdbx_PDB_helix_id 
_struct_conf.beg_label_comp_id 
_struct_conf.beg_label_asym_id 
_struct_conf.beg_label_seq_id 
_struct_conf.pdbx_beg_PDB_ins_code 
_struct_conf.end_label_comp_id 
_struct_conf.end_label_asym_id 
_struct_conf.end_label_seq_id 
_struct_conf.pdbx_end_PDB_ins_code 
_struct_conf.beg_auth_comp_id 
_struct_conf.beg_auth_asym_id 
_struct_conf.beg_auth_seq_id 
_struct_conf.end_auth_comp_id 
_struct_conf.end_auth_asym_id 
_struct_conf.end_auth_seq_id 
_struct_conf.pdbx_PDB_helix_class 
_struct_conf.details 
_struct_conf.pdbx_PDB_helix_length 
HELX_P HELX_P1 AA1 LYS A 28 ? VAL A 38  ? LYS A 31 VAL A 41  1 ? 11 
HELX_P HELX_P2 AA2 MET A 47 ? LYS A 61  ? MET A 50 LYS A 64  1 ? 15 
HELX_P HELX_P3 AA3 ASP A 77 ? GLY A 84  ? ASP A 80 GLY A 87  1 ? 8  
HELX_P HELX_P4 AA4 GLU A 92 ? ASN A 103 ? GLU A 95 ASN A 106 1 ? 12 
HELX_P HELX_P5 AA5 TDF B 7  ? DLE B 11  ? TDF B 7  DLE B 11  1 ? 5  
# 
_struct_conf_type.id          HELX_P 
_struct_conf_type.criteria    ? 
_struct_conf_type.reference   ? 
# 
loop_
_struct_conn.id 
_struct_conn.conn_type_id 
_struct_conn.pdbx_leaving_atom_flag 
_struct_conn.pdbx_PDB_id 
_struct_conn.ptnr1_label_asym_id 
_struct_conn.ptnr1_label_comp_id 
_struct_conn.ptnr1_label_seq_id 
_struct_conn.ptnr1_label_atom_id 
_struct_conn.pdbx_ptnr1_label_alt_id 
_struct_conn.pdbx_ptnr1_PDB_ins_code 
_struct_conn.pdbx_ptnr1_standard_comp_id 
_struct_conn.ptnr1_symmetry 
_struct_conn.ptnr2_label_asym_id 
_struct_conn.ptnr2_label_comp_id 
_struct_conn.ptnr2_label_seq_id 
_struct_conn.ptnr2_label_atom_id 
_struct_conn.pdbx_ptnr2_label_alt_id 
_struct_conn.pdbx_ptnr2_PDB_ins_code 
_struct_conn.ptnr1_auth_asym_id 
_struct_conn.ptnr1_auth_comp_id 
_struct_conn.ptnr1_auth_seq_id 
_struct_conn.ptnr2_auth_asym_id 
_struct_conn.ptnr2_auth_comp_id 
_struct_conn.ptnr2_auth_seq_id 
_struct_conn.ptnr2_symmetry 
_struct_conn.pdbx_ptnr3_label_atom_id 
_struct_conn.pdbx_ptnr3_label_seq_id 
_struct_conn.pdbx_ptnr3_label_comp_id 
_struct_conn.pdbx_ptnr3_label_asym_id 
_struct_conn.pdbx_ptnr3_label_alt_id 
_struct_conn.pdbx_ptnr3_PDB_ins_code 
_struct_conn.details 
_struct_conn.pdbx_dist_value 
_struct_conn.pdbx_value_order 
_struct_conn.pdbx_role 
covale1  covale both ? B 2JN 1  C   ? ? ? 1_555 B DAL 2  N   ? ? B 2JN 1  B DAL 2  1_555 ? ? ? ? ? ? ? 1.339 ? ? 
covale2  covale none ? B 2JN 1  CAI ? ? ? 1_555 B 2JN 5  CAI ? ? B 2JN 1  B 2JN 5  1_555 ? ? ? ? ? ? ? 1.349 ? ? 
covale3  covale both ? B DAL 2  C   ? ? ? 1_555 B E03 3  N   ? ? B DAL 2  B E03 3  1_555 ? ? ? ? ? ? ? 1.284 ? ? 
covale4  covale both ? B E03 3  C   ? ? ? 1_555 B DTY 4  N   ? ? B E03 3  B DTY 4  1_555 ? ? ? ? ? ? ? 1.340 ? ? 
covale5  covale both ? B DTY 4  C   ? ? ? 1_555 B 2JN 5  N   ? ? B DTY 4  B 2JN 5  1_555 ? ? ? ? ? ? ? 1.285 ? ? 
covale6  covale both ? B 2JN 5  C   ? ? ? 1_555 B DSG 6  N   A ? B 2JN 5  B DSG 6  1_555 ? ? ? ? ? ? ? 1.332 ? ? 
covale7  covale both ? B 2JN 5  C   ? ? ? 1_555 B DSG 6  N   B ? B 2JN 5  B DSG 6  1_555 ? ? ? ? ? ? ? 1.342 ? ? 
covale8  covale both ? B DSG 6  C   A ? ? 1_555 B TDF 7  N   ? ? B DSG 6  B TDF 7  1_555 ? ? ? ? ? ? ? 1.349 ? ? 
covale9  covale both ? B DSG 6  C   B ? ? 1_555 B TDF 7  N   ? ? B DSG 6  B TDF 7  1_555 ? ? ? ? ? ? ? 1.330 ? ? 
covale10 covale both ? B TDF 7  C   ? ? ? 1_555 B DGL 8  N   ? ? B TDF 7  B DGL 8  1_555 ? ? ? ? ? ? ? 1.293 ? ? 
covale11 covale both ? B DGL 8  C   ? ? ? 1_555 B MK8 9  N   ? ? B DGL 8  B MK8 9  1_555 ? ? ? ? ? ? ? 1.287 ? ? 
covale12 covale both ? B MK8 9  C   ? ? ? 1_555 B DLE 10 N   ? ? B MK8 9  B DLE 10 1_555 ? ? ? ? ? ? ? 1.336 ? ? 
covale13 covale none ? B MK8 9  CE  ? ? ? 1_555 B 2JN 12 CAI ? ? B MK8 9  B 2JN 12 1_555 ? ? ? ? ? ? ? 1.361 ? ? 
covale14 covale both ? B DLE 10 C   ? ? ? 1_555 B DLE 11 N   ? ? B DLE 10 B DLE 11 1_555 ? ? ? ? ? ? ? 1.329 ? ? 
covale15 covale both ? B DLE 11 C   ? ? ? 1_555 B 2JN 12 N   ? ? B DLE 11 B 2JN 12 1_555 ? ? ? ? ? ? ? 1.270 ? ? 
# 
_struct_conn_type.id          covale 
_struct_conn_type.criteria    ? 
_struct_conn_type.reference   ? 
# 
loop_
_struct_sheet.id 
_struct_sheet.type 
_struct_sheet.number_strands 
_struct_sheet.details 
AA1 ? 3 ? 
AA2 ? 3 ? 
# 
loop_
_struct_sheet_order.sheet_id 
_struct_sheet_order.range_id_1 
_struct_sheet_order.range_id_2 
_struct_sheet_order.offset 
_struct_sheet_order.sense 
AA1 1 2 ? anti-parallel 
AA1 2 3 ? anti-parallel 
AA2 1 2 ? anti-parallel 
AA2 2 3 ? anti-parallel 
# 
loop_
_struct_sheet_range.sheet_id 
_struct_sheet_range.id 
_struct_sheet_range.beg_label_comp_id 
_struct_sheet_range.beg_label_asym_id 
_struct_sheet_range.beg_label_seq_id 
_struct_sheet_range.pdbx_beg_PDB_ins_code 
_struct_sheet_range.end_label_comp_id 
_struct_sheet_range.end_label_asym_id 
_struct_sheet_range.end_label_seq_id 
_struct_sheet_range.pdbx_end_PDB_ins_code 
_struct_sheet_range.beg_auth_comp_id 
_struct_sheet_range.beg_auth_asym_id 
_struct_sheet_range.beg_auth_seq_id 
_struct_sheet_range.end_auth_comp_id 
_struct_sheet_range.end_auth_asym_id 
_struct_sheet_range.end_auth_seq_id 
AA1 1 TYR A 45  ? THR A 46  ? TYR A 48  THR A 49  
AA1 2 LEU A 24  ? PRO A 27  ? LEU A 27  PRO A 30  
AA1 3 LEU A 104 ? VAL A 105 ? LEU A 107 VAL A 108 
AA2 1 TYR A 64  ? ASP A 65  ? TYR A 67  ASP A 68  
AA2 2 GLN A 68  ? TYR A 73  ? GLN A 71  TYR A 76  
AA2 3 SER A 87  ? SER A 89  ? SER A 90  SER A 92  
# 
loop_
_pdbx_struct_sheet_hbond.sheet_id 
_pdbx_struct_sheet_hbond.range_id_1 
_pdbx_struct_sheet_hbond.range_id_2 
_pdbx_struct_sheet_hbond.range_1_label_atom_id 
_pdbx_struct_sheet_hbond.range_1_label_comp_id 
_pdbx_struct_sheet_hbond.range_1_label_asym_id 
_pdbx_struct_sheet_hbond.range_1_label_seq_id 
_pdbx_struct_sheet_hbond.range_1_PDB_ins_code 
_pdbx_struct_sheet_hbond.range_1_auth_atom_id 
_pdbx_struct_sheet_hbond.range_1_auth_comp_id 
_pdbx_struct_sheet_hbond.range_1_auth_asym_id 
_pdbx_struct_sheet_hbond.range_1_auth_seq_id 
_pdbx_struct_sheet_hbond.range_2_label_atom_id 
_pdbx_struct_sheet_hbond.range_2_label_comp_id 
_pdbx_struct_sheet_hbond.range_2_label_asym_id 
_pdbx_struct_sheet_hbond.range_2_label_seq_id 
_pdbx_struct_sheet_hbond.range_2_PDB_ins_code 
_pdbx_struct_sheet_hbond.range_2_auth_atom_id 
_pdbx_struct_sheet_hbond.range_2_auth_comp_id 
_pdbx_struct_sheet_hbond.range_2_auth_asym_id 
_pdbx_struct_sheet_hbond.range_2_auth_seq_id 
AA1 1 2 O TYR A 45 ? O TYR A 48 N VAL A 25  ? N VAL A 28  
AA1 2 3 N ARG A 26 ? N ARG A 29 O VAL A 105 ? O VAL A 108 
AA2 1 2 N ASP A 65 ? N ASP A 68 O ILE A 71  ? O ILE A 74  
AA2 2 3 N VAL A 72 ? N VAL A 75 O PHE A 88  ? O PHE A 91  
# 
loop_
_struct_site.id 
_struct_site.pdbx_evidence_code 
_struct_site.pdbx_auth_asym_id 
_struct_site.pdbx_auth_comp_id 
_struct_site.pdbx_auth_seq_id 
_struct_site.pdbx_auth_ins_code 
_struct_site.pdbx_num_residues 
_struct_site.details 
AC1 Software B 2JN 1  ? 10 'binding site for residues 2JN B 1 and 2JN B 5'   
AC2 Software B 2JN 12 ? 14 'binding site for residues 2JN B 101 and 2JN B 9' 
# 
loop_
_struct_site_gen.id 
_struct_site_gen.site_id 
_struct_site_gen.pdbx_num_res 
_struct_site_gen.label_comp_id 
_struct_site_gen.label_asym_id 
_struct_site_gen.label_seq_id 
_struct_site_gen.pdbx_auth_ins_code 
_struct_site_gen.auth_comp_id 
_struct_site_gen.auth_asym_id 
_struct_site_gen.auth_seq_id 
_struct_site_gen.label_atom_id 
_struct_site_gen.label_alt_id 
_struct_site_gen.symmetry 
_struct_site_gen.details 
1  AC1 10 GLU A 92 ? GLU A 95  . ? 6_555  ? 
2  AC1 10 DAL B 2  ? DAL B 2   . ? 1_555  ? 
3  AC1 10 E03 B 3  ? E03 B 3   . ? 1_555  ? 
4  AC1 10 DTY B 4  ? DTY B 4   . ? 1_555  ? 
5  AC1 10 DSG B 6  ? DSG B 6   . ? 1_555  ? 
6  AC1 10 TDF B 7  ? TDF B 7   . ? 1_555  ? 
7  AC1 10 DGL B 8  ? DGL B 8   . ? 1_555  ? 
8  AC1 10 MK8 B 9  ? MK8 B 9   . ? 1_555  ? 
9  AC1 10 MK8 B 9  ? MK8 B 9   . ? 11_555 ? 
10 AC1 10 2JN B 12 ? 2JN B 12  . ? 11_555 ? 
11 AC2 14 LYS A 91 ? LYS A 94  . ? 7_555  ? 
12 AC2 14 GLU A 92 ? GLU A 95  . ? 7_555  ? 
13 AC2 14 HIS A 93 ? HIS A 96  . ? 7_555  ? 
14 AC2 14 ARG A 94 ? ARG A 97  . ? 7_555  ? 
15 AC2 14 HOH C .  ? HOH A 207 . ? 7_555  ? 
16 AC2 14 2JN B 1  ? 2JN B 1   . ? 11_555 ? 
17 AC2 14 2JN B 5  ? 2JN B 5   . ? 11_555 ? 
18 AC2 14 2JN B 5  ? 2JN B 5   . ? 1_555  ? 
19 AC2 14 DSG B 6  ? DSG B 6   . ? 1_555  ? 
20 AC2 14 TDF B 7  ? TDF B 7   . ? 1_555  ? 
21 AC2 14 DGL B 8  ? DGL B 8   . ? 1_555  ? 
22 AC2 14 DLE B 10 ? DLE B 10  . ? 1_555  ? 
23 AC2 14 DLE B 11 ? DLE B 11  . ? 1_555  ? 
24 AC2 14 HOH D .  ? HOH B 204 . ? 1_555  ? 
# 
_atom_sites.entry_id                    6KZU 
_atom_sites.Cartn_transf_matrix[1][1]   ? 
_atom_sites.Cartn_transf_matrix[1][2]   ? 
_atom_sites.Cartn_transf_matrix[1][3]   ? 
_atom_sites.Cartn_transf_matrix[2][1]   ? 
_atom_sites.Cartn_transf_matrix[2][2]   ? 
_atom_sites.Cartn_transf_matrix[2][3]   ? 
_atom_sites.Cartn_transf_matrix[3][1]   ? 
_atom_sites.Cartn_transf_matrix[3][2]   ? 
_atom_sites.Cartn_transf_matrix[3][3]   ? 
_atom_sites.Cartn_transf_vector[1]      ? 
_atom_sites.Cartn_transf_vector[2]      ? 
_atom_sites.Cartn_transf_vector[3]      ? 
_atom_sites.fract_transf_matrix[1][1]   0.00528844 
_atom_sites.fract_transf_matrix[1][2]   0.00000817 
_atom_sites.fract_transf_matrix[1][3]   0.01294646 
_atom_sites.fract_transf_matrix[2][1]   0.00766735 
_atom_sites.fract_transf_matrix[2][2]   -0.01082487 
_atom_sites.fract_transf_matrix[2][3]   0.00442880 
_atom_sites.fract_transf_matrix[3][1]   0.01510780 
_atom_sites.fract_transf_matrix[3][2]   0.00817399 
_atom_sites.fract_transf_matrix[3][3]   -0.00617648 
_atom_sites.fract_transf_vector[1]      -0.297649 
_atom_sites.fract_transf_vector[2]      -0.444049 
_atom_sites.fract_transf_vector[3]      0.062467 
_atom_sites.solution_primary            ? 
_atom_sites.solution_secondary          ? 
_atom_sites.solution_hydrogens          ? 
_atom_sites.special_details             ? 
# 
loop_
_atom_type.symbol 
C 
F 
N 
O 
S 
# 
loop_
_atom_site.group_PDB 
_atom_site.id 
_atom_site.type_symbol 
_atom_site.label_atom_id 
_atom_site.label_alt_id 
_atom_site.label_comp_id 
_atom_site.label_asym_id 
_atom_site.label_entity_id 
_atom_site.label_seq_id 
_atom_site.pdbx_PDB_ins_code 
_atom_site.Cartn_x 
_atom_site.Cartn_y 
_atom_site.Cartn_z 
_atom_site.occupancy 
_atom_site.B_iso_or_equiv 
_atom_site.pdbx_formal_charge 
_atom_site.auth_seq_id 
_atom_site.auth_comp_id 
_atom_site.auth_asym_id 
_atom_site.auth_atom_id 
_atom_site.pdbx_PDB_model_num 
ATOM   1   N N   . GLU A 1 22  ? 13.332  8.863   -11.917 1.00 51.33 ? 25  GLU A N   1 
ATOM   2   C CA  . GLU A 1 22  ? 12.503  7.671   -11.546 1.00 47.67 ? 25  GLU A CA  1 
ATOM   3   C C   . GLU A 1 22  ? 11.209  7.612   -12.372 1.00 46.07 ? 25  GLU A C   1 
ATOM   4   O O   . GLU A 1 22  ? 10.607  8.654   -12.645 1.00 49.58 ? 25  GLU A O   1 
ATOM   5   C CB  . GLU A 1 22  ? 12.181  7.682   -10.044 1.00 46.58 ? 25  GLU A CB  1 
ATOM   6   C CG  . GLU A 1 22  ? 13.388  7.989   -9.159  1.00 48.10 ? 25  GLU A CG  1 
ATOM   7   C CD  . GLU A 1 22  ? 13.287  7.435   -7.742  1.00 50.54 ? 25  GLU A CD  1 
ATOM   8   O OE1 . GLU A 1 22  ? 12.157  7.221   -7.245  1.00 46.24 ? 25  GLU A OE1 1 
ATOM   9   O OE2 . GLU A 1 22  ? 14.359  7.217   -7.113  1.00 51.16 ? 25  GLU A OE2 1 
ATOM   10  N N   . THR A 1 23  ? 10.810  6.399   -12.775 1.00 42.94 ? 26  THR A N   1 
ATOM   11  C CA  . THR A 1 23  ? 9.520   6.126   -13.443 1.00 39.05 ? 26  THR A CA  1 
ATOM   12  C C   . THR A 1 23  ? 8.355   6.763   -12.676 1.00 39.30 ? 26  THR A C   1 
ATOM   13  O O   . THR A 1 23  ? 8.243   6.574   -11.462 1.00 37.08 ? 26  THR A O   1 
ATOM   14  C CB  . THR A 1 23  ? 9.262   4.598   -13.505 1.00 38.09 ? 26  THR A CB  1 
ATOM   15  O OG1 . THR A 1 23  ? 10.283  3.958   -14.286 1.00 37.07 ? 26  THR A OG1 1 
ATOM   16  C CG2 . THR A 1 23  ? 7.902   4.263   -14.120 1.00 40.09 ? 26  THR A CG2 1 
ATOM   17  N N   . LEU A 1 24  ? 7.489   7.494   -13.384 1.00 37.46 ? 27  LEU A N   1 
ATOM   18  C CA  . LEU A 1 24  ? 6.330   8.151   -12.778 1.00 38.43 ? 27  LEU A CA  1 
ATOM   19  C C   . LEU A 1 24  ? 5.039   7.391   -13.070 1.00 35.75 ? 27  LEU A C   1 
ATOM   20  O O   . LEU A 1 24  ? 4.830   6.877   -14.182 1.00 34.61 ? 27  LEU A O   1 
ATOM   21  C CB  . LEU A 1 24  ? 6.191   9.595   -13.265 1.00 40.66 ? 27  LEU A CB  1 
ATOM   22  C CG  . LEU A 1 24  ? 7.230   10.601  -12.759 1.00 43.02 ? 27  LEU A CG  1 
ATOM   23  C CD1 . LEU A 1 24  ? 6.989   11.973  -13.392 1.00 43.05 ? 27  LEU A CD1 1 
ATOM   24  C CD2 . LEU A 1 24  ? 7.240   10.700  -11.238 1.00 43.58 ? 27  LEU A CD2 1 
ATOM   25  N N   . VAL A 1 25  ? 4.173   7.328   -12.062 1.00 33.10 ? 28  VAL A N   1 
ATOM   26  C CA  . VAL A 1 25  ? 2.895   6.653   -12.188 1.00 31.54 ? 28  VAL A CA  1 
ATOM   27  C C   . VAL A 1 25  ? 1.773   7.575   -11.738 1.00 30.69 ? 28  VAL A C   1 
ATOM   28  O O   . VAL A 1 25  ? 1.959   8.428   -10.877 1.00 27.46 ? 28  VAL A O   1 
ATOM   29  C CB  . VAL A 1 25  ? 2.851   5.324   -11.388 1.00 33.11 ? 28  VAL A CB  1 
ATOM   30  C CG1 . VAL A 1 25  ? 4.020   4.422   -11.768 1.00 32.98 ? 28  VAL A CG1 1 
ATOM   31  C CG2 . VAL A 1 25  ? 2.806   5.572   -9.880  1.00 32.99 ? 28  VAL A CG2 1 
ATOM   32  N N   . ARG A 1 26  ? 0.601   7.367   -12.323 1.00 29.56 ? 29  ARG A N   1 
ATOM   33  C CA  . ARG A 1 26  ? -0.577  8.133   -12.003 1.00 30.93 ? 29  ARG A CA  1 
ATOM   34  C C   . ARG A 1 26  ? -1.605  7.178   -11.409 1.00 29.10 ? 29  ARG A C   1 
ATOM   35  O O   . ARG A 1 26  ? -2.232  6.391   -12.160 1.00 29.27 ? 29  ARG A O   1 
ATOM   36  C CB  . ARG A 1 26  ? -1.080  8.762   -13.303 1.00 35.99 ? 29  ARG A CB  1 
ATOM   37  C CG  . ARG A 1 26  ? -2.379  9.531   -13.208 1.00 41.97 ? 29  ARG A CG  1 
ATOM   38  C CD  . ARG A 1 26  ? -2.781  10.075  -14.580 1.00 47.06 ? 29  ARG A CD  1 
ATOM   39  N NE  . ARG A 1 26  ? -1.711  10.880  -15.175 1.00 52.27 ? 29  ARG A NE  1 
ATOM   40  C CZ  . ARG A 1 26  ? -1.371  12.118  -14.798 1.00 56.43 ? 29  ARG A CZ  1 
ATOM   41  N NH1 . ARG A 1 26  ? -2.018  12.749  -13.812 1.00 57.83 ? 29  ARG A NH1 1 
ATOM   42  N NH2 . ARG A 1 26  ? -0.364  12.741  -15.419 1.00 56.50 ? 29  ARG A NH2 1 
ATOM   43  N N   . PRO A 1 27  ? -1.761  7.188   -10.071 1.00 26.24 ? 30  PRO A N   1 
ATOM   44  C CA  . PRO A 1 27  ? -2.757  6.303   -9.458  1.00 26.00 ? 30  PRO A CA  1 
ATOM   45  C C   . PRO A 1 27  ? -4.187  6.535   -9.956  1.00 27.29 ? 30  PRO A C   1 
ATOM   46  O O   . PRO A 1 27  ? -4.597  7.681   -10.198 1.00 28.25 ? 30  PRO A O   1 
ATOM   47  C CB  . PRO A 1 27  ? -2.667  6.663   -7.988  1.00 26.01 ? 30  PRO A CB  1 
ATOM   48  C CG  . PRO A 1 27  ? -1.247  7.060   -7.796  1.00 26.31 ? 30  PRO A CG  1 
ATOM   49  C CD  . PRO A 1 27  ? -0.920  7.828   -9.041  1.00 25.72 ? 30  PRO A CD  1 
ATOM   50  N N   . LYS A 1 28  ? -4.926  5.443   -10.088 1.00 26.52 ? 31  LYS A N   1 
ATOM   51  C CA  . LYS A 1 28  ? -6.366  5.507   -10.364 1.00 27.08 ? 31  LYS A CA  1 
ATOM   52  C C   . LYS A 1 28  ? -7.108  6.041   -9.133  1.00 26.34 ? 31  LYS A C   1 
ATOM   53  O O   . LYS A 1 28  ? -6.514  6.168   -8.036  1.00 24.70 ? 31  LYS A O   1 
ATOM   54  C CB  . LYS A 1 28  ? -6.868  4.151   -10.852 1.00 27.56 ? 31  LYS A CB  1 
ATOM   55  C CG  . LYS A 1 28  ? -6.393  3.873   -12.270 1.00 30.35 ? 31  LYS A CG  1 
ATOM   56  C CD  . LYS A 1 28  ? -6.753  2.477   -12.719 1.00 32.27 ? 31  LYS A CD  1 
ATOM   57  C CE  . LYS A 1 28  ? -6.240  2.201   -14.123 1.00 34.84 ? 31  LYS A CE  1 
ATOM   58  N NZ  . LYS A 1 28  ? -6.528  0.789   -14.513 1.00 35.92 ? 31  LYS A NZ  1 
ATOM   59  N N   . PRO A 1 29  ? -8.396  6.408   -9.299  1.00 26.10 ? 32  PRO A N   1 
ATOM   60  C CA  . PRO A 1 29  ? -9.091  7.148   -8.243  1.00 26.57 ? 32  PRO A CA  1 
ATOM   61  C C   . PRO A 1 29  ? -9.050  6.560   -6.845  1.00 24.87 ? 32  PRO A C   1 
ATOM   62  O O   . PRO A 1 29  ? -8.847  7.311   -5.879  1.00 27.47 ? 32  PRO A O   1 
ATOM   63  C CB  . PRO A 1 29  ? -10.532 7.197   -8.773  1.00 26.71 ? 32  PRO A CB  1 
ATOM   64  C CG  . PRO A 1 29  ? -10.323 7.296   -10.246 1.00 28.13 ? 32  PRO A CG  1 
ATOM   65  C CD  . PRO A 1 29  ? -9.245  6.279   -10.498 1.00 26.51 ? 32  PRO A CD  1 
ATOM   66  N N   . LEU A 1 30  ? -9.250  5.248   -6.706  1.00 23.81 ? 33  LEU A N   1 
ATOM   67  C CA  . LEU A 1 30  ? -9.280  4.651   -5.385  1.00 25.15 ? 33  LEU A CA  1 
ATOM   68  C C   . LEU A 1 30  ? -7.896  4.688   -4.744  1.00 24.53 ? 33  LEU A C   1 
ATOM   69  O O   . LEU A 1 30  ? -7.764  5.128   -3.595  1.00 25.32 ? 33  LEU A O   1 
ATOM   70  C CB  . LEU A 1 30  ? -9.815  3.217   -5.387  1.00 27.17 ? 33  LEU A CB  1 
ATOM   71  C CG  . LEU A 1 30  ? -9.862  2.539   -3.998  1.00 28.38 ? 33  LEU A CG  1 
ATOM   72  C CD1 . LEU A 1 30  ? -10.479 3.404   -2.907  1.00 29.33 ? 33  LEU A CD1 1 
ATOM   73  C CD2 . LEU A 1 30  ? -10.590 1.211   -4.074  1.00 30.25 ? 33  LEU A CD2 1 
ATOM   74  N N   . LEU A 1 31  ? -6.882  4.235   -5.480  1.00 23.58 ? 34  LEU A N   1 
ATOM   75  C CA  . LEU A 1 31  ? -5.496  4.279   -4.961  1.00 23.14 ? 34  LEU A CA  1 
ATOM   76  C C   . LEU A 1 31  ? -5.132  5.717   -4.586  1.00 22.78 ? 34  LEU A C   1 
ATOM   77  O O   . LEU A 1 31  ? -4.621  5.982   -3.483  1.00 23.50 ? 34  LEU A O   1 
ATOM   78  C CB  . LEU A 1 31  ? -4.491  3.730   -5.969  1.00 22.44 ? 34  LEU A CB  1 
ATOM   79  C CG  . LEU A 1 31  ? -3.006  3.775   -5.566  1.00 21.96 ? 34  LEU A CG  1 
ATOM   80  C CD1 . LEU A 1 31  ? -2.745  3.090   -4.223  1.00 22.60 ? 34  LEU A CD1 1 
ATOM   81  C CD2 . LEU A 1 31  ? -2.186  3.111   -6.644  1.00 22.76 ? 34  LEU A CD2 1 
ATOM   82  N N   . LEU A 1 32  ? -5.429  6.645   -5.484  1.00 24.97 ? 35  LEU A N   1 
ATOM   83  C CA  . LEU A 1 32  ? -5.151  8.062   -5.237  1.00 27.22 ? 35  LEU A CA  1 
ATOM   84  C C   . LEU A 1 32  ? -5.779  8.543   -3.941  1.00 29.86 ? 35  LEU A C   1 
ATOM   85  O O   . LEU A 1 32  ? -5.113  9.205   -3.137  1.00 29.39 ? 35  LEU A O   1 
ATOM   86  C CB  . LEU A 1 32  ? -5.630  8.932   -6.399  1.00 28.22 ? 35  LEU A CB  1 
ATOM   87  C CG  . LEU A 1 32  ? -5.217  10.409  -6.327  1.00 29.91 ? 35  LEU A CG  1 
ATOM   88  C CD1 . LEU A 1 32  ? -3.695  10.529  -6.193  1.00 29.86 ? 35  LEU A CD1 1 
ATOM   89  C CD2 . LEU A 1 32  ? -5.715  11.151  -7.555  1.00 30.64 ? 35  LEU A CD2 1 
ATOM   90  N N   . LYS A 1 33  ? -7.050  8.189   -3.726  1.00 29.11 ? 36  LYS A N   1 
ATOM   91  C CA  . LYS A 1 33  ? -7.768  8.567   -2.493  1.00 30.47 ? 36  LYS A CA  1 
ATOM   92  C C   . LYS A 1 33  ? -7.078  8.072   -1.221  1.00 28.95 ? 36  LYS A C   1 
ATOM   93  O O   . LYS A 1 33  ? -6.951  8.822   -0.242  1.00 25.60 ? 36  LYS A O   1 
ATOM   94  C CB  . LYS A 1 33  ? -9.212  8.052   -2.522  1.00 34.01 ? 36  LYS A CB  1 
ATOM   95  C CG  . LYS A 1 33  ? -9.995  8.295   -1.227  1.00 37.38 ? 36  LYS A CG  1 
ATOM   96  C CD  . LYS A 1 33  ? -11.512 8.222   -1.388  1.00 42.26 ? 36  LYS A CD  1 
ATOM   97  C CE  . LYS A 1 33  ? -12.096 9.177   -2.435  1.00 46.81 ? 36  LYS A CE  1 
ATOM   98  N NZ  . LYS A 1 33  ? -11.656 10.605  -2.379  1.00 50.73 ? 36  LYS A NZ  1 
ATOM   99  N N   . LEU A 1 34  ? -6.608  6.824   -1.237  1.00 27.16 ? 37  LEU A N   1 
ATOM   100 C CA  . LEU A 1 34  ? -5.956  6.266   -0.065  1.00 27.55 ? 37  LEU A CA  1 
ATOM   101 C C   . LEU A 1 34  ? -4.630  6.996   0.222   1.00 27.29 ? 37  LEU A C   1 
ATOM   102 O O   . LEU A 1 34  ? -4.327  7.287   1.379   1.00 26.32 ? 37  LEU A O   1 
ATOM   103 C CB  . LEU A 1 34  ? -5.712  4.767   -0.236  1.00 28.01 ? 37  LEU A CB  1 
ATOM   104 C CG  . LEU A 1 34  ? -6.941  3.894   -0.537  1.00 27.29 ? 37  LEU A CG  1 
ATOM   105 C CD1 . LEU A 1 34  ? -6.610  2.439   -0.245  1.00 27.39 ? 37  LEU A CD1 1 
ATOM   106 C CD2 . LEU A 1 34  ? -8.164  4.327   0.248   1.00 27.34 ? 37  LEU A CD2 1 
ATOM   107 N N   . LEU A 1 35  ? -3.855  7.272   -0.825  1.00 25.97 ? 38  LEU A N   1 
ATOM   108 C CA  . LEU A 1 35  ? -2.547  7.939   -0.665  1.00 27.90 ? 38  LEU A CA  1 
ATOM   109 C C   . LEU A 1 35  ? -2.739  9.372   -0.144  1.00 29.42 ? 38  LEU A C   1 
ATOM   110 O O   . LEU A 1 35  ? -2.036  9.796   0.778   1.00 30.65 ? 38  LEU A O   1 
ATOM   111 C CB  . LEU A 1 35  ? -1.769  7.970   -1.978  1.00 27.58 ? 38  LEU A CB  1 
ATOM   112 C CG  . LEU A 1 35  ? -1.409  6.649   -2.661  1.00 27.22 ? 38  LEU A CG  1 
ATOM   113 C CD1 . LEU A 1 35  ? -0.686  6.948   -3.962  1.00 28.63 ? 38  LEU A CD1 1 
ATOM   114 C CD2 . LEU A 1 35  ? -0.577  5.728   -1.781  1.00 28.02 ? 38  LEU A CD2 1 
ATOM   115 N N   . LYS A 1 36  ? -3.706  10.084  -0.726  1.00 31.14 ? 39  LYS A N   1 
ATOM   116 C CA  . LYS A 1 36  ? -4.070  11.433  -0.265  1.00 33.64 ? 39  LYS A CA  1 
ATOM   117 C C   . LYS A 1 36  ? -4.615  11.461  1.157   1.00 35.88 ? 39  LYS A C   1 
ATOM   118 O O   . LYS A 1 36  ? -4.383  12.441  1.883   1.00 36.35 ? 39  LYS A O   1 
ATOM   119 C CB  . LYS A 1 36  ? -5.041  12.095  -1.230  1.00 33.37 ? 39  LYS A CB  1 
ATOM   120 C CG  . LYS A 1 36  ? -4.386  12.482  -2.541  1.00 36.10 ? 39  LYS A CG  1 
ATOM   121 C CD  . LYS A 1 36  ? -5.282  13.413  -3.339  1.00 37.01 ? 39  LYS A CD  1 
ATOM   122 C CE  . LYS A 1 36  ? -4.617  13.843  -4.621  1.00 39.48 ? 39  LYS A CE  1 
ATOM   123 N NZ  . LYS A 1 36  ? -5.398  14.920  -5.295  1.00 42.41 ? 39  LYS A NZ  1 
ATOM   124 N N   . SER A 1 37  ? -5.299  10.388  1.566   1.00 33.85 ? 40  SER A N   1 
ATOM   125 C CA  . SER A 1 37  ? -5.810  10.263  2.935   1.00 34.50 ? 40  SER A CA  1 
ATOM   126 C C   . SER A 1 37  ? -4.735  10.267  4.022   1.00 35.41 ? 40  SER A C   1 
ATOM   127 O O   . SER A 1 37  ? -5.051  10.576  5.166   1.00 36.59 ? 40  SER A O   1 
ATOM   128 C CB  . SER A 1 37  ? -6.712  9.029   3.111   1.00 34.00 ? 40  SER A CB  1 
ATOM   129 O OG  . SER A 1 37  ? -5.987  7.820   3.304   1.00 32.12 ? 40  SER A OG  1 
ATOM   130 N N   . VAL A 1 38  ? -3.494  9.905   3.679   1.00 34.30 ? 41  VAL A N   1 
ATOM   131 C CA  . VAL A 1 38  ? -2.378  9.923   4.642   1.00 34.62 ? 41  VAL A CA  1 
ATOM   132 C C   . VAL A 1 38  ? -1.317  10.988  4.331   1.00 35.28 ? 41  VAL A C   1 
ATOM   133 O O   . VAL A 1 38  ? -0.162  10.860  4.740   1.00 35.73 ? 41  VAL A O   1 
ATOM   134 C CB  . VAL A 1 38  ? -1.719  8.531   4.811   1.00 33.29 ? 41  VAL A CB  1 
ATOM   135 C CG1 . VAL A 1 38  ? -2.622  7.605   5.598   1.00 34.43 ? 41  VAL A CG1 1 
ATOM   136 C CG2 . VAL A 1 38  ? -1.330  7.913   3.465   1.00 32.73 ? 41  VAL A CG2 1 
ATOM   137 N N   . GLY A 1 39  ? -1.715  12.036  3.615   1.00 36.79 ? 42  GLY A N   1 
ATOM   138 C CA  . GLY A 1 39  ? -0.901  13.241  3.480   1.00 38.72 ? 42  GLY A CA  1 
ATOM   139 C C   . GLY A 1 39  ? -0.186  13.492  2.171   1.00 39.18 ? 42  GLY A C   1 
ATOM   140 O O   . GLY A 1 39  ? 0.427   14.542  2.020   1.00 41.92 ? 42  GLY A O   1 
ATOM   141 N N   . ALA A 1 40  ? -0.243  12.564  1.219   1.00 38.77 ? 43  ALA A N   1 
ATOM   142 C CA  . ALA A 1 40  ? 0.321   12.827  -0.105  1.00 40.32 ? 43  ALA A CA  1 
ATOM   143 C C   . ALA A 1 40  ? -0.546  13.876  -0.810  1.00 43.42 ? 43  ALA A C   1 
ATOM   144 O O   . ALA A 1 40  ? -1.766  13.808  -0.743  1.00 44.50 ? 43  ALA A O   1 
ATOM   145 C CB  . ALA A 1 40  ? 0.391   11.556  -0.926  1.00 38.19 ? 43  ALA A CB  1 
ATOM   146 N N   . GLN A 1 41  ? 0.080   14.837  -1.474  1.00 45.98 ? 44  GLN A N   1 
ATOM   147 C CA  . GLN A 1 41  ? -0.641  15.987  -2.024  1.00 47.93 ? 44  GLN A CA  1 
ATOM   148 C C   . GLN A 1 41  ? -0.786  15.953  -3.536  1.00 49.62 ? 44  GLN A C   1 
ATOM   149 O O   . GLN A 1 41  ? -1.448  16.826  -4.114  1.00 55.27 ? 44  GLN A O   1 
ATOM   150 C CB  . GLN A 1 41  ? 0.087   17.280  -1.661  1.00 50.75 ? 44  GLN A CB  1 
ATOM   151 C CG  . GLN A 1 41  ? 0.469   17.431  -0.198  1.00 52.79 ? 44  GLN A CG  1 
ATOM   152 C CD  . GLN A 1 41  ? -0.702  17.793  0.684   1.00 56.02 ? 44  GLN A CD  1 
ATOM   153 O OE1 . GLN A 1 41  ? -1.654  17.028  0.817   1.00 59.77 ? 44  GLN A OE1 1 
ATOM   154 N NE2 . GLN A 1 41  ? -0.628  18.963  1.315   1.00 59.36 ? 44  GLN A NE2 1 
ATOM   155 N N   . LYS A 1 42  ? -0.204  14.945  -4.172  1.00 43.87 ? 45  LYS A N   1 
ATOM   156 C CA  . LYS A 1 42  ? 0.058   14.982  -5.607  1.00 43.58 ? 45  LYS A CA  1 
ATOM   157 C C   . LYS A 1 42  ? -0.784  13.943  -6.361  1.00 39.69 ? 45  LYS A C   1 
ATOM   158 O O   . LYS A 1 42  ? -1.473  13.127  -5.746  1.00 41.01 ? 45  LYS A O   1 
ATOM   159 C CB  . LYS A 1 42  ? 1.560   14.808  -5.863  1.00 47.70 ? 45  LYS A CB  1 
ATOM   160 C CG  . LYS A 1 42  ? 2.237   13.779  -4.960  1.00 50.37 ? 45  LYS A CG  1 
ATOM   161 C CD  . LYS A 1 42  ? 3.590   13.328  -5.487  1.00 51.21 ? 45  LYS A CD  1 
ATOM   162 C CE  . LYS A 1 42  ? 4.740   14.030  -4.826  1.00 49.36 ? 45  LYS A CE  1 
ATOM   163 N NZ  . LYS A 1 42  ? 5.952   13.817  -5.655  1.00 49.99 ? 45  LYS A NZ  1 
ATOM   164 N N   . ASP A 1 43  ? -0.762  14.039  -7.687  1.00 39.61 ? 46  ASP A N   1 
ATOM   165 C CA  . ASP A 1 43  ? -1.442  13.104  -8.603  1.00 39.78 ? 46  ASP A CA  1 
ATOM   166 C C   . ASP A 1 43  ? -0.490  12.125  -9.285  1.00 35.86 ? 46  ASP A C   1 
ATOM   167 O O   . ASP A 1 43  ? -0.932  11.099  -9.784  1.00 34.36 ? 46  ASP A O   1 
ATOM   168 C CB  . ASP A 1 43  ? -2.157  13.875  -9.719  1.00 43.46 ? 46  ASP A CB  1 
ATOM   169 C CG  . ASP A 1 43  ? -3.399  14.610  -9.244  1.00 45.34 ? 46  ASP A CG  1 
ATOM   170 O OD1 . ASP A 1 43  ? -3.846  14.433  -8.087  1.00 44.87 ? 46  ASP A OD1 1 
ATOM   171 O OD2 . ASP A 1 43  ? -3.935  15.376  -10.070 1.00 49.53 ? 46  ASP A OD2 1 
ATOM   172 N N   . THR A 1 44  ? 0.797   12.468  -9.340  1.00 32.06 ? 47  THR A N   1 
ATOM   173 C CA  . THR A 1 44  ? 1.814   11.677  -10.022 1.00 34.86 ? 47  THR A CA  1 
ATOM   174 C C   . THR A 1 44  ? 2.852   11.296  -8.968  1.00 32.26 ? 47  THR A C   1 
ATOM   175 O O   . THR A 1 44  ? 3.166   12.101  -8.110  1.00 34.24 ? 47  THR A O   1 
ATOM   176 C CB  . THR A 1 44  ? 2.412   12.481  -11.200 1.00 37.72 ? 47  THR A CB  1 
ATOM   177 O OG1 . THR A 1 44  ? 1.381   12.695  -12.180 1.00 41.47 ? 47  THR A OG1 1 
ATOM   178 C CG2 . THR A 1 44  ? 3.537   11.760  -11.849 1.00 40.02 ? 47  THR A CG2 1 
ATOM   179 N N   . TYR A 1 45  ? 3.345   10.057  -9.014  1.00 30.66 ? 48  TYR A N   1 
ATOM   180 C CA  . TYR A 1 45  ? 4.195   9.513   -7.949  1.00 27.70 ? 48  TYR A CA  1 
ATOM   181 C C   . TYR A 1 45  ? 5.270   8.633   -8.526  1.00 26.70 ? 48  TYR A C   1 
ATOM   182 O O   . TYR A 1 45  ? 5.124   8.069   -9.607  1.00 25.44 ? 48  TYR A O   1 
ATOM   183 C CB  . TYR A 1 45  ? 3.392   8.632   -6.973  1.00 28.51 ? 48  TYR A CB  1 
ATOM   184 C CG  . TYR A 1 45  ? 2.329   9.323   -6.156  1.00 29.72 ? 48  TYR A CG  1 
ATOM   185 C CD1 . TYR A 1 45  ? 1.111   9.686   -6.723  1.00 29.45 ? 48  TYR A CD1 1 
ATOM   186 C CD2 . TYR A 1 45  ? 2.525   9.588   -4.806  1.00 32.73 ? 48  TYR A CD2 1 
ATOM   187 C CE1 . TYR A 1 45  ? 0.144   10.329  -5.991  1.00 29.34 ? 48  TYR A CE1 1 
ATOM   188 C CE2 . TYR A 1 45  ? 1.544   10.212  -4.050  1.00 33.67 ? 48  TYR A CE2 1 
ATOM   189 C CZ  . TYR A 1 45  ? 0.350   10.578  -4.648  1.00 33.17 ? 48  TYR A CZ  1 
ATOM   190 O OH  . TYR A 1 45  ? -0.639  11.200  -3.912  1.00 36.01 ? 48  TYR A OH  1 
ATOM   191 N N   . THR A 1 46  ? 6.347   8.487   -7.767  1.00 23.53 ? 49  THR A N   1 
ATOM   192 C CA  . THR A 1 46  ? 7.292   7.421   -8.005  1.00 24.50 ? 49  THR A CA  1 
ATOM   193 C C   . THR A 1 46  ? 6.714   6.185   -7.328  1.00 23.65 ? 49  THR A C   1 
ATOM   194 O O   . THR A 1 46  ? 5.850   6.302   -6.463  1.00 23.85 ? 49  THR A O   1 
ATOM   195 C CB  . THR A 1 46  ? 8.691   7.744   -7.424  1.00 23.91 ? 49  THR A CB  1 
ATOM   196 O OG1 . THR A 1 46  ? 8.635   7.827   -5.997  1.00 24.56 ? 49  THR A OG1 1 
ATOM   197 C CG2 . THR A 1 46  ? 9.216   9.054   -8.006  1.00 25.34 ? 49  THR A CG2 1 
ATOM   198 N N   . MET A 1 47  ? 7.201   5.016   -7.729  1.00 24.89 ? 50  MET A N   1 
ATOM   199 C CA  . MET A 1 47  ? 6.879   3.786   -7.042  1.00 25.55 ? 50  MET A CA  1 
ATOM   200 C C   . MET A 1 47  ? 7.312   3.816   -5.579  1.00 24.30 ? 50  MET A C   1 
ATOM   201 O O   . MET A 1 47  ? 6.587   3.312   -4.712  1.00 23.81 ? 50  MET A O   1 
ATOM   202 C CB  . MET A 1 47  ? 7.461   2.568   -7.768  1.00 28.01 ? 50  MET A CB  1 
ATOM   203 C CG  . MET A 1 47  ? 6.666   2.191   -9.009  1.00 31.66 ? 50  MET A CG  1 
ATOM   204 S SD  . MET A 1 47  ? 4.969   1.754   -8.571  1.00 37.14 ? 50  MET A SD  1 
ATOM   205 C CE  . MET A 1 47  ? 5.294   0.424   -7.457  1.00 29.14 ? 50  MET A CE  1 
ATOM   206 N N   . LYS A 1 48  ? 8.470   4.416   -5.278  1.00 23.97 ? 51  LYS A N   1 
ATOM   207 C CA  . LYS A 1 48  ? 8.841   4.551   -3.865  1.00 24.31 ? 51  LYS A CA  1 
ATOM   208 C C   . LYS A 1 48  ? 7.785   5.332   -3.083  1.00 21.46 ? 51  LYS A C   1 
ATOM   209 O O   . LYS A 1 48  ? 7.430   4.934   -1.978  1.00 22.36 ? 51  LYS A O   1 
ATOM   210 C CB  . LYS A 1 48  ? 10.225  5.183   -3.672  1.00 24.96 ? 51  LYS A CB  1 
ATOM   211 C CG  . LYS A 1 48  ? 11.355  4.167   -3.717  1.00 28.85 ? 51  LYS A CG  1 
ATOM   212 C CD  . LYS A 1 48  ? 12.695  4.821   -3.416  1.00 31.38 ? 51  LYS A CD  1 
ATOM   213 C CE  . LYS A 1 48  ? 13.085  5.764   -4.531  1.00 34.94 ? 51  LYS A CE  1 
ATOM   214 N NZ  . LYS A 1 48  ? 14.553  5.805   -4.728  1.00 39.68 ? 51  LYS A NZ  1 
ATOM   215 N N   . GLU A 1 49  ? 7.278   6.427   -3.641  1.00 21.87 ? 52  GLU A N   1 
ATOM   216 C CA  . GLU A 1 49  ? 6.262   7.236   -2.951  1.00 21.77 ? 52  GLU A CA  1 
ATOM   217 C C   . GLU A 1 49  ? 4.952   6.479   -2.788  1.00 21.56 ? 52  GLU A C   1 
ATOM   218 O O   . GLU A 1 49  ? 4.315   6.558   -1.741  1.00 20.96 ? 52  GLU A O   1 
ATOM   219 C CB  . GLU A 1 49  ? 5.990   8.543   -3.685  1.00 23.08 ? 52  GLU A CB  1 
ATOM   220 C CG  . GLU A 1 49  ? 7.144   9.523   -3.624  1.00 24.33 ? 52  GLU A CG  1 
ATOM   221 C CD  . GLU A 1 49  ? 6.935   10.722  -4.542  1.00 26.75 ? 52  GLU A CD  1 
ATOM   222 O OE1 . GLU A 1 49  ? 6.504   10.559  -5.714  1.00 26.59 ? 52  GLU A OE1 1 
ATOM   223 O OE2 . GLU A 1 49  ? 7.198   11.840  -4.067  1.00 30.82 ? 52  GLU A OE2 1 
ATOM   224 N N   . VAL A 1 50  ? 4.546   5.752   -3.826  1.00 21.55 ? 53  VAL A N   1 
ATOM   225 C CA  . VAL A 1 50  ? 3.342   4.919   -3.715  1.00 21.64 ? 53  VAL A CA  1 
ATOM   226 C C   . VAL A 1 50  ? 3.492   3.974   -2.525  1.00 20.94 ? 53  VAL A C   1 
ATOM   227 O O   . VAL A 1 50  ? 2.610   3.885   -1.674  1.00 21.18 ? 53  VAL A O   1 
ATOM   228 C CB  . VAL A 1 50  ? 3.025   4.147   -5.023  1.00 21.57 ? 53  VAL A CB  1 
ATOM   229 C CG1 . VAL A 1 50  ? 1.887   3.152   -4.811  1.00 22.46 ? 53  VAL A CG1 1 
ATOM   230 C CG2 . VAL A 1 50  ? 2.629   5.123   -6.126  1.00 22.81 ? 53  VAL A CG2 1 
ATOM   231 N N   . LEU A 1 51  ? 4.615   3.292   -2.439  1.00 20.19 ? 54  LEU A N   1 
ATOM   232 C CA  . LEU A 1 51  ? 4.813   2.345   -1.347  1.00 20.63 ? 54  LEU A CA  1 
ATOM   233 C C   . LEU A 1 51  ? 4.901   3.023   0.027   1.00 20.73 ? 54  LEU A C   1 
ATOM   234 O O   . LEU A 1 51  ? 4.364   2.507   1.007   1.00 21.10 ? 54  LEU A O   1 
ATOM   235 C CB  . LEU A 1 51  ? 6.052   1.505   -1.586  1.00 21.09 ? 54  LEU A CB  1 
ATOM   236 C CG  . LEU A 1 51  ? 5.963   0.573   -2.797  1.00 22.05 ? 54  LEU A CG  1 
ATOM   237 C CD1 . LEU A 1 51  ? 7.321   -0.057  -3.044  1.00 23.21 ? 54  LEU A CD1 1 
ATOM   238 C CD2 . LEU A 1 51  ? 4.893   -0.483  -2.584  1.00 22.85 ? 54  LEU A CD2 1 
ATOM   239 N N   . PHE A 1 52  ? 5.598   4.154   0.076   1.00 22.41 ? 55  PHE A N   1 
ATOM   240 C CA  . PHE A 1 52  ? 5.711   4.942   1.299   1.00 22.50 ? 55  PHE A CA  1 
ATOM   241 C C   . PHE A 1 52  ? 4.323   5.223   1.870   1.00 21.89 ? 55  PHE A C   1 
ATOM   242 O O   . PHE A 1 52  ? 4.056   4.892   3.015   1.00 22.09 ? 55  PHE A O   1 
ATOM   243 C CB  . PHE A 1 52  ? 6.447   6.264   1.044   1.00 23.79 ? 55  PHE A CB  1 
ATOM   244 C CG  . PHE A 1 52  ? 6.645   7.081   2.290   1.00 24.30 ? 55  PHE A CG  1 
ATOM   245 C CD1 . PHE A 1 52  ? 7.760   6.888   3.085   1.00 27.54 ? 55  PHE A CD1 1 
ATOM   246 C CD2 . PHE A 1 52  ? 5.703   8.016   2.688   1.00 25.55 ? 55  PHE A CD2 1 
ATOM   247 C CE1 . PHE A 1 52  ? 7.938   7.617   4.258   1.00 28.19 ? 55  PHE A CE1 1 
ATOM   248 C CE2 . PHE A 1 52  ? 5.870   8.755   3.854   1.00 26.75 ? 55  PHE A CE2 1 
ATOM   249 C CZ  . PHE A 1 52  ? 6.995   8.562   4.638   1.00 27.15 ? 55  PHE A CZ  1 
ATOM   250 N N   . TYR A 1 53  ? 3.439   5.789   1.048   1.00 21.64 ? 56  TYR A N   1 
ATOM   251 C CA  . TYR A 1 53  ? 2.118   6.215   1.526   1.00 22.38 ? 56  TYR A CA  1 
ATOM   252 C C   . TYR A 1 53  ? 1.151   5.047   1.744   1.00 22.64 ? 56  TYR A C   1 
ATOM   253 O O   . TYR A 1 53  ? 0.356   5.087   2.688   1.00 22.02 ? 56  TYR A O   1 
ATOM   254 C CB  . TYR A 1 53  ? 1.549   7.343   0.667   1.00 22.55 ? 56  TYR A CB  1 
ATOM   255 C CG  . TYR A 1 53  ? 2.313   8.621   0.913   1.00 24.22 ? 56  TYR A CG  1 
ATOM   256 C CD1 . TYR A 1 53  ? 2.172   9.304   2.122   1.00 25.07 ? 56  TYR A CD1 1 
ATOM   257 C CD2 . TYR A 1 53  ? 3.207   9.118   -0.021  1.00 24.70 ? 56  TYR A CD2 1 
ATOM   258 C CE1 . TYR A 1 53  ? 2.878   10.468  2.368   1.00 26.10 ? 56  TYR A CE1 1 
ATOM   259 C CE2 . TYR A 1 53  ? 3.922   10.285  0.219   1.00 26.51 ? 56  TYR A CE2 1 
ATOM   260 C CZ  . TYR A 1 53  ? 3.762   10.940  1.417   1.00 25.98 ? 56  TYR A CZ  1 
ATOM   261 O OH  . TYR A 1 53  ? 4.495   12.081  1.669   1.00 27.85 ? 56  TYR A OH  1 
ATOM   262 N N   . LEU A 1 54  ? 1.239   3.999   0.927   1.00 22.59 ? 57  LEU A N   1 
ATOM   263 C CA  . LEU A 1 54  ? 0.465   2.769   1.224   1.00 23.48 ? 57  LEU A CA  1 
ATOM   264 C C   . LEU A 1 54  ? 0.836   2.183   2.578   1.00 23.96 ? 57  LEU A C   1 
ATOM   265 O O   . LEU A 1 54  ? -0.031  1.766   3.326   1.00 24.83 ? 57  LEU A O   1 
ATOM   266 C CB  . LEU A 1 54  ? 0.658   1.694   0.146   1.00 23.83 ? 57  LEU A CB  1 
ATOM   267 C CG  . LEU A 1 54  ? -0.225  1.820   -1.093  1.00 25.77 ? 57  LEU A CG  1 
ATOM   268 C CD1 . LEU A 1 54  ? 0.118   0.679   -2.052  1.00 26.79 ? 57  LEU A CD1 1 
ATOM   269 C CD2 . LEU A 1 54  ? -1.698  1.799   -0.712  1.00 25.68 ? 57  LEU A CD2 1 
ATOM   270 N N   . GLY A 1 55  ? 2.131   2.149   2.881   1.00 22.79 ? 58  GLY A N   1 
ATOM   271 C CA  . GLY A 1 55  ? 2.625   1.700   4.161   1.00 23.65 ? 58  GLY A CA  1 
ATOM   272 C C   . GLY A 1 55  ? 2.071   2.495   5.319   1.00 24.64 ? 58  GLY A C   1 
ATOM   273 O O   . GLY A 1 55  ? 1.634   1.907   6.316   1.00 24.93 ? 58  GLY A O   1 
ATOM   274 N N   . GLN A 1 56  ? 2.090   3.823   5.179   1.00 26.54 ? 59  GLN A N   1 
ATOM   275 C CA  . GLN A 1 56  ? 1.514   4.734   6.163   1.00 28.18 ? 59  GLN A CA  1 
ATOM   276 C C   . GLN A 1 56  ? 0.020   4.540   6.323   1.00 28.60 ? 59  GLN A C   1 
ATOM   277 O O   . GLN A 1 56  ? -0.502  4.652   7.439   1.00 27.57 ? 59  GLN A O   1 
ATOM   278 C CB  . GLN A 1 56  ? 1.784   6.194   5.791   1.00 29.98 ? 59  GLN A CB  1 
ATOM   279 C CG  . GLN A 1 56  ? 3.247   6.589   5.875   1.00 33.46 ? 59  GLN A CG  1 
ATOM   280 C CD  . GLN A 1 56  ? 3.807   6.411   7.269   1.00 35.23 ? 59  GLN A CD  1 
ATOM   281 O OE1 . GLN A 1 56  ? 3.244   6.922   8.239   1.00 38.09 ? 59  GLN A OE1 1 
ATOM   282 N NE2 . GLN A 1 56  ? 4.890   5.646   7.380   1.00 38.35 ? 59  GLN A NE2 1 
ATOM   283 N N   . TYR A 1 57  ? -0.663  4.267   5.207   1.00 27.31 ? 60  TYR A N   1 
ATOM   284 C CA  . TYR A 1 57  ? -2.094  4.001   5.230   1.00 27.73 ? 60  TYR A CA  1 
ATOM   285 C C   . TYR A 1 57  ? -2.401  2.788   6.089   1.00 27.58 ? 60  TYR A C   1 
ATOM   286 O O   . TYR A 1 57  ? -3.284  2.846   6.945   1.00 31.24 ? 60  TYR A O   1 
ATOM   287 C CB  . TYR A 1 57  ? -2.650  3.834   3.811   1.00 26.82 ? 60  TYR A CB  1 
ATOM   288 C CG  . TYR A 1 57  ? -4.141  3.543   3.772   1.00 26.64 ? 60  TYR A CG  1 
ATOM   289 C CD1 . TYR A 1 57  ? -4.617  2.234   3.855   1.00 27.25 ? 60  TYR A CD1 1 
ATOM   290 C CD2 . TYR A 1 57  ? -5.062  4.569   3.665   1.00 26.29 ? 60  TYR A CD2 1 
ATOM   291 C CE1 . TYR A 1 57  ? -5.979  1.960   3.820   1.00 27.18 ? 60  TYR A CE1 1 
ATOM   292 C CE2 . TYR A 1 57  ? -6.432  4.307   3.631   1.00 28.30 ? 60  TYR A CE2 1 
ATOM   293 C CZ  . TYR A 1 57  ? -6.879  3.002   3.718   1.00 27.91 ? 60  TYR A CZ  1 
ATOM   294 O OH  . TYR A 1 57  ? -8.226  2.741   3.681   1.00 28.67 ? 60  TYR A OH  1 
ATOM   295 N N   . ILE A 1 58  ? -1.668  1.701   5.860   1.00 26.51 ? 61  ILE A N   1 
ATOM   296 C CA  . ILE A 1 58  ? -1.863  0.459   6.591   1.00 26.89 ? 61  ILE A CA  1 
ATOM   297 C C   . ILE A 1 58  ? -1.556  0.643   8.088   1.00 30.59 ? 61  ILE A C   1 
ATOM   298 O O   . ILE A 1 58  ? -2.282  0.135   8.950   1.00 30.28 ? 61  ILE A O   1 
ATOM   299 C CB  . ILE A 1 58  ? -0.992  -0.670  5.991   1.00 26.11 ? 61  ILE A CB  1 
ATOM   300 C CG1 . ILE A 1 58  ? -1.549  -1.064  4.599   1.00 26.76 ? 61  ILE A CG1 1 
ATOM   301 C CG2 . ILE A 1 58  ? -0.929  -1.886  6.909   1.00 25.24 ? 61  ILE A CG2 1 
ATOM   302 C CD1 . ILE A 1 58  ? -0.544  -1.766  3.706   1.00 27.10 ? 61  ILE A CD1 1 
ATOM   303 N N   . MET A 1 59  ? -0.475  1.356   8.380   1.00 31.48 ? 62  MET A N   1 
ATOM   304 C CA  . MET A 1 59  ? -0.088  1.659   9.771   1.00 36.75 ? 62  MET A CA  1 
ATOM   305 C C   . MET A 1 59  ? -1.129  2.447   10.536  1.00 35.16 ? 62  MET A C   1 
ATOM   306 O O   . MET A 1 59  ? -1.499  2.082   11.660  1.00 35.09 ? 62  MET A O   1 
ATOM   307 C CB  . MET A 1 59  ? 1.185   2.501   9.799   1.00 40.16 ? 62  MET A CB  1 
ATOM   308 C CG  . MET A 1 59  ? 2.423   1.759   9.397   1.00 46.80 ? 62  MET A CG  1 
ATOM   309 S SD  . MET A 1 59  ? 3.890   2.802   9.517   1.00 57.76 ? 62  MET A SD  1 
ATOM   310 C CE  . MET A 1 59  ? 3.964   3.044   11.297  1.00 52.89 ? 62  MET A CE  1 
ATOM   311 N N   . THR A 1 60  ? -1.577  3.532   9.926   1.00 35.97 ? 63  THR A N   1 
ATOM   312 C CA  . THR A 1 60  ? -2.486  4.483   10.560  1.00 40.24 ? 63  THR A CA  1 
ATOM   313 C C   . THR A 1 60  ? -3.902  3.959   10.723  1.00 40.66 ? 63  THR A C   1 
ATOM   314 O O   . THR A 1 60  ? -4.660  4.501   11.515  1.00 41.20 ? 63  THR A O   1 
ATOM   315 C CB  . THR A 1 60  ? -2.562  5.796   9.769   1.00 40.86 ? 63  THR A CB  1 
ATOM   316 O OG1 . THR A 1 60  ? -2.808  5.503   8.392   1.00 47.30 ? 63  THR A OG1 1 
ATOM   317 C CG2 . THR A 1 60  ? -1.258  6.562   9.884   1.00 42.33 ? 63  THR A CG2 1 
ATOM   318 N N   . LYS A 1 61  ? -4.277  2.940   9.956   1.00 39.64 ? 64  LYS A N   1 
ATOM   319 C CA  . LYS A 1 61  ? -5.562  2.279   10.162  1.00 41.58 ? 64  LYS A CA  1 
ATOM   320 C C   . LYS A 1 61  ? -5.415  0.960   10.906  1.00 39.58 ? 64  LYS A C   1 
ATOM   321 O O   . LYS A 1 61  ? -6.400  0.245   11.062  1.00 43.05 ? 64  LYS A O   1 
ATOM   322 C CB  . LYS A 1 61  ? -6.262  2.089   8.821   1.00 40.19 ? 64  LYS A CB  1 
ATOM   323 C CG  . LYS A 1 61  ? -6.503  3.411   8.120   1.00 41.72 ? 64  LYS A CG  1 
ATOM   324 C CD  . LYS A 1 61  ? -7.492  3.300   6.983   1.00 40.61 ? 64  LYS A CD  1 
ATOM   325 C CE  . LYS A 1 61  ? -8.930  3.294   7.477   1.00 41.25 ? 64  LYS A CE  1 
ATOM   326 N NZ  . LYS A 1 61  ? -9.869  3.464   6.337   1.00 39.57 ? 64  LYS A NZ  1 
ATOM   327 N N   . ARG A 1 62  ? -4.199  0.655   11.374  1.00 39.60 ? 65  ARG A N   1 
ATOM   328 C CA  . ARG A 1 62  ? -3.851  -0.605  12.063  1.00 43.46 ? 65  ARG A CA  1 
ATOM   329 C C   . ARG A 1 62  ? -4.502  -1.848  11.448  1.00 39.93 ? 65  ARG A C   1 
ATOM   330 O O   . ARG A 1 62  ? -5.121  -2.665  12.130  1.00 35.88 ? 65  ARG A O   1 
ATOM   331 C CB  . ARG A 1 62  ? -4.146  -0.505  13.568  1.00 47.84 ? 65  ARG A CB  1 
ATOM   332 C CG  . ARG A 1 62  ? -3.270  0.521   14.279  1.00 53.13 ? 65  ARG A CG  1 
ATOM   333 C CD  . ARG A 1 62  ? -3.731  0.765   15.706  1.00 58.36 ? 65  ARG A CD  1 
ATOM   334 N NE  . ARG A 1 62  ? -5.110  1.266   15.739  1.00 62.89 ? 65  ARG A NE  1 
ATOM   335 C CZ  . ARG A 1 62  ? -5.871  1.370   16.831  1.00 67.01 ? 65  ARG A CZ  1 
ATOM   336 N NH1 . ARG A 1 62  ? -5.406  1.023   18.035  1.00 68.34 ? 65  ARG A NH1 1 
ATOM   337 N NH2 . ARG A 1 62  ? -7.115  1.835   16.716  1.00 67.64 ? 65  ARG A NH2 1 
ATOM   338 N N   . LEU A 1 63  ? -4.331  -1.974  10.137  1.00 35.93 ? 66  LEU A N   1 
ATOM   339 C CA  . LEU A 1 63  ? -4.905  -3.079  9.379   1.00 33.79 ? 66  LEU A CA  1 
ATOM   340 C C   . LEU A 1 63  ? -4.135  -4.371  9.567   1.00 32.75 ? 66  LEU A C   1 
ATOM   341 O O   . LEU A 1 63  ? -4.629  -5.450  9.269   1.00 34.19 ? 66  LEU A O   1 
ATOM   342 C CB  . LEU A 1 63  ? -4.979  -2.694  7.889   1.00 31.45 ? 66  LEU A CB  1 
ATOM   343 C CG  . LEU A 1 63  ? -5.914  -1.512  7.616   1.00 31.81 ? 66  LEU A CG  1 
ATOM   344 C CD1 . LEU A 1 63  ? -5.944  -1.179  6.134   1.00 32.26 ? 66  LEU A CD1 1 
ATOM   345 C CD2 . LEU A 1 63  ? -7.332  -1.777  8.131   1.00 32.28 ? 66  LEU A CD2 1 
ATOM   346 N N   . TYR A 1 64  ? -2.911  -4.256  10.055  1.00 34.24 ? 67  TYR A N   1 
ATOM   347 C CA  . TYR A 1 64  ? -2.077  -5.404  10.332  1.00 35.56 ? 67  TYR A CA  1 
ATOM   348 C C   . TYR A 1 64  ? -2.527  -6.137  11.601  1.00 36.23 ? 67  TYR A C   1 
ATOM   349 O O   . TYR A 1 64  ? -3.125  -5.545  12.494  1.00 39.38 ? 67  TYR A O   1 
ATOM   350 C CB  . TYR A 1 64  ? -0.607  -4.996  10.432  1.00 36.06 ? 67  TYR A CB  1 
ATOM   351 C CG  . TYR A 1 64  ? -0.308  -4.016  11.536  1.00 35.75 ? 67  TYR A CG  1 
ATOM   352 C CD1 . TYR A 1 64  ? 0.015   -4.471  12.823  1.00 35.88 ? 67  TYR A CD1 1 
ATOM   353 C CD2 . TYR A 1 64  ? -0.330  -2.635  11.302  1.00 35.39 ? 67  TYR A CD2 1 
ATOM   354 C CE1 . TYR A 1 64  ? 0.299   -3.575  13.839  1.00 36.84 ? 67  TYR A CE1 1 
ATOM   355 C CE2 . TYR A 1 64  ? -0.054  -1.734  12.318  1.00 37.92 ? 67  TYR A CE2 1 
ATOM   356 C CZ  . TYR A 1 64  ? 0.261   -2.214  13.580  1.00 37.55 ? 67  TYR A CZ  1 
ATOM   357 O OH  . TYR A 1 64  ? 0.538   -1.337  14.590  1.00 39.96 ? 67  TYR A OH  1 
ATOM   358 N N   . ASP A 1 65  ? -2.221  -7.424  11.662  1.00 38.62 ? 68  ASP A N   1 
ATOM   359 C CA  . ASP A 1 65  ? -2.519  -8.224  12.840  1.00 43.12 ? 68  ASP A CA  1 
ATOM   360 C C   . ASP A 1 65  ? -1.482  -7.902  13.918  1.00 46.31 ? 68  ASP A C   1 
ATOM   361 O O   . ASP A 1 65  ? -0.289  -8.047  13.691  1.00 47.62 ? 68  ASP A O   1 
ATOM   362 C CB  . ASP A 1 65  ? -2.476  -9.704  12.472  1.00 43.65 ? 68  ASP A CB  1 
ATOM   363 C CG  . ASP A 1 65  ? -2.788  -10.635 13.650  1.00 45.83 ? 68  ASP A CG  1 
ATOM   364 O OD1 . ASP A 1 65  ? -3.052  -10.162 14.772  1.00 47.42 ? 68  ASP A OD1 1 
ATOM   365 O OD2 . ASP A 1 65  ? -2.743  -11.857 13.443  1.00 45.86 ? 68  ASP A OD2 1 
ATOM   366 N N   . GLU A 1 66  ? -1.955  -7.505  15.096  1.00 51.91 ? 69  GLU A N   1 
ATOM   367 C CA  . GLU A 1 66  ? -1.079  -7.105  16.211  1.00 55.82 ? 69  GLU A CA  1 
ATOM   368 C C   . GLU A 1 66  ? -0.097  -8.222  16.584  1.00 54.40 ? 69  GLU A C   1 
ATOM   369 O O   . GLU A 1 66  ? 1.067   -7.956  16.865  1.00 53.70 ? 69  GLU A O   1 
ATOM   370 C CB  . GLU A 1 66  ? -1.901  -6.717  17.451  1.00 59.52 ? 69  GLU A CB  1 
ATOM   371 C CG  . GLU A 1 66  ? -2.938  -5.609  17.237  1.00 64.30 ? 69  GLU A CG  1 
ATOM   372 C CD  . GLU A 1 66  ? -4.347  -6.128  16.922  1.00 68.28 ? 69  GLU A CD  1 
ATOM   373 O OE1 . GLU A 1 66  ? -4.591  -6.583  15.771  1.00 65.28 ? 69  GLU A OE1 1 
ATOM   374 O OE2 . GLU A 1 66  ? -5.216  -6.065  17.825  1.00 68.40 ? 69  GLU A OE2 1 
ATOM   375 N N   . LYS A 1 67  ? -0.580  -9.464  16.550  1.00 57.32 ? 70  LYS A N   1 
ATOM   376 C CA  . LYS A 1 67  ? 0.192   -10.653 16.944  1.00 58.55 ? 70  LYS A CA  1 
ATOM   377 C C   . LYS A 1 67  ? 0.945   -11.328 15.797  1.00 55.79 ? 70  LYS A C   1 
ATOM   378 O O   . LYS A 1 67  ? 1.794   -12.179 16.046  1.00 54.82 ? 70  LYS A O   1 
ATOM   379 C CB  . LYS A 1 67  ? -0.741  -11.679 17.604  1.00 63.68 ? 70  LYS A CB  1 
ATOM   380 C CG  . LYS A 1 67  ? -1.383  -11.174 18.892  1.00 68.33 ? 70  LYS A CG  1 
ATOM   381 C CD  . LYS A 1 67  ? -2.570  -12.023 19.327  1.00 71.71 ? 70  LYS A CD  1 
ATOM   382 C CE  . LYS A 1 67  ? -3.263  -11.399 20.529  1.00 73.71 ? 70  LYS A CE  1 
ATOM   383 N NZ  . LYS A 1 67  ? -4.285  -12.299 21.133  1.00 75.04 ? 70  LYS A NZ  1 
ATOM   384 N N   . GLN A 1 68  ? 0.632   -10.964 14.552  1.00 52.69 ? 71  GLN A N   1 
ATOM   385 C CA  . GLN A 1 68  ? 1.299   -11.524 13.369  1.00 47.80 ? 71  GLN A CA  1 
ATOM   386 C C   . GLN A 1 68  ? 1.486   -10.386 12.348  1.00 45.28 ? 71  GLN A C   1 
ATOM   387 O O   . GLN A 1 68  ? 0.780   -10.288 11.334  1.00 39.90 ? 71  GLN A O   1 
ATOM   388 C CB  . GLN A 1 68  ? 0.481   -12.699 12.823  1.00 48.62 ? 71  GLN A CB  1 
ATOM   389 C CG  . GLN A 1 68  ? 1.274   -13.686 11.982  1.00 52.06 ? 71  GLN A CG  1 
ATOM   390 C CD  . GLN A 1 68  ? 0.552   -15.011 11.801  1.00 55.13 ? 71  GLN A CD  1 
ATOM   391 O OE1 . GLN A 1 68  ? -0.654  -15.047 11.558  1.00 56.45 ? 71  GLN A OE1 1 
ATOM   392 N NE2 . GLN A 1 68  ? 1.290   -16.111 11.929  1.00 57.50 ? 71  GLN A NE2 1 
ATOM   393 N N   . GLN A 1 69  ? 2.461   -9.533  12.644  1.00 40.48 ? 72  GLN A N   1 
ATOM   394 C CA  . GLN A 1 69  ? 2.511   -8.175  12.098  1.00 39.44 ? 72  GLN A CA  1 
ATOM   395 C C   . GLN A 1 69  ? 2.843   -8.047  10.608  1.00 34.32 ? 72  GLN A C   1 
ATOM   396 O O   . GLN A 1 69  ? 2.602   -6.996  10.028  1.00 33.19 ? 72  GLN A O   1 
ATOM   397 C CB  . GLN A 1 69  ? 3.443   -7.302  12.938  1.00 42.92 ? 72  GLN A CB  1 
ATOM   398 C CG  . GLN A 1 69  ? 2.973   -7.178  14.387  1.00 46.35 ? 72  GLN A CG  1 
ATOM   399 C CD  . GLN A 1 69  ? 3.476   -5.936  15.090  1.00 49.66 ? 72  GLN A CD  1 
ATOM   400 O OE1 . GLN A 1 69  ? 4.398   -5.254  14.622  1.00 52.21 ? 72  GLN A OE1 1 
ATOM   401 N NE2 . GLN A 1 69  ? 2.861   -5.629  16.232  1.00 52.68 ? 72  GLN A NE2 1 
ATOM   402 N N   . HIS A 1 70  ? 3.361   -9.111  10.006  1.00 33.74 ? 73  HIS A N   1 
ATOM   403 C CA  . HIS A 1 70  ? 3.533   -9.179  8.551   1.00 35.13 ? 73  HIS A CA  1 
ATOM   404 C C   . HIS A 1 70  ? 2.203   -9.242  7.799   1.00 32.69 ? 73  HIS A C   1 
ATOM   405 O O   . HIS A 1 70  ? 2.171   -8.933  6.603   1.00 29.41 ? 73  HIS A O   1 
ATOM   406 C CB  . HIS A 1 70  ? 4.367   -10.401 8.136   1.00 37.14 ? 73  HIS A CB  1 
ATOM   407 C CG  . HIS A 1 70  ? 5.804   -10.328 8.547   1.00 42.18 ? 73  HIS A CG  1 
ATOM   408 N ND1 . HIS A 1 70  ? 6.343   -11.148 9.514   1.00 44.31 ? 73  HIS A ND1 1 
ATOM   409 C CD2 . HIS A 1 70  ? 6.814   -9.531  8.124   1.00 46.16 ? 73  HIS A CD2 1 
ATOM   410 C CE1 . HIS A 1 70  ? 7.626   -10.867 9.662   1.00 46.50 ? 73  HIS A CE1 1 
ATOM   411 N NE2 . HIS A 1 70  ? 7.937   -9.887  8.833   1.00 47.08 ? 73  HIS A NE2 1 
ATOM   412 N N   . ILE A 1 71  ? 1.136   -9.675  8.486   1.00 31.40 ? 74  ILE A N   1 
ATOM   413 C CA  . ILE A 1 71  ? -0.153  -9.952  7.858   1.00 32.43 ? 74  ILE A CA  1 
ATOM   414 C C   . ILE A 1 71  ? -1.083  -8.755  7.993   1.00 31.22 ? 74  ILE A C   1 
ATOM   415 O O   . ILE A 1 71  ? -1.303  -8.249  9.092   1.00 30.31 ? 74  ILE A O   1 
ATOM   416 C CB  . ILE A 1 71  ? -0.837  -11.204 8.474   1.00 34.76 ? 74  ILE A CB  1 
ATOM   417 C CG1 . ILE A 1 71  ? 0.123   -12.398 8.523   1.00 35.53 ? 74  ILE A CG1 1 
ATOM   418 C CG2 . ILE A 1 71  ? -2.109  -11.569 7.705   1.00 37.04 ? 74  ILE A CG2 1 
ATOM   419 C CD1 . ILE A 1 71  ? 0.685   -12.848 7.198   1.00 38.49 ? 74  ILE A CD1 1 
ATOM   420 N N   . VAL A 1 72  ? -1.629  -8.323  6.859   1.00 29.51 ? 75  VAL A N   1 
ATOM   421 C CA  . VAL A 1 72  ? -2.542  -7.198  6.767   1.00 28.71 ? 75  VAL A CA  1 
ATOM   422 C C   . VAL A 1 72  ? -3.922  -7.775  6.488   1.00 30.09 ? 75  VAL A C   1 
ATOM   423 O O   . VAL A 1 72  ? -4.066  -8.530  5.536   1.00 30.01 ? 75  VAL A O   1 
ATOM   424 C CB  . VAL A 1 72  ? -2.129  -6.283  5.598   1.00 29.48 ? 75  VAL A CB  1 
ATOM   425 C CG1 . VAL A 1 72  ? -3.083  -5.105  5.451   1.00 28.94 ? 75  VAL A CG1 1 
ATOM   426 C CG2 . VAL A 1 72  ? -0.697  -5.798  5.797   1.00 30.91 ? 75  VAL A CG2 1 
ATOM   427 N N   . TYR A 1 73  ? -4.921  -7.408  7.290   1.00 31.81 ? 76  TYR A N   1 
ATOM   428 C CA  . TYR A 1 73  ? -6.316  -7.855  7.093   1.00 32.73 ? 76  TYR A CA  1 
ATOM   429 C C   . TYR A 1 73  ? -7.120  -6.677  6.597   1.00 32.84 ? 76  TYR A C   1 
ATOM   430 O O   . TYR A 1 73  ? -7.254  -5.686  7.304   1.00 34.39 ? 76  TYR A O   1 
ATOM   431 C CB  . TYR A 1 73  ? -6.908  -8.400  8.405   1.00 34.03 ? 76  TYR A CB  1 
ATOM   432 C CG  . TYR A 1 73  ? -6.332  -9.742  8.766   1.00 37.33 ? 76  TYR A CG  1 
ATOM   433 C CD1 . TYR A 1 73  ? -6.836  -10.913 8.202   1.00 39.09 ? 76  TYR A CD1 1 
ATOM   434 C CD2 . TYR A 1 73  ? -5.252  -9.849  9.647   1.00 40.35 ? 76  TYR A CD2 1 
ATOM   435 C CE1 . TYR A 1 73  ? -6.292  -12.152 8.512   1.00 40.38 ? 76  TYR A CE1 1 
ATOM   436 C CE2 . TYR A 1 73  ? -4.706  -11.085 9.964   1.00 40.01 ? 76  TYR A CE2 1 
ATOM   437 C CZ  . TYR A 1 73  ? -5.230  -12.226 9.403   1.00 42.11 ? 76  TYR A CZ  1 
ATOM   438 O OH  . TYR A 1 73  ? -4.661  -13.426 9.724   1.00 43.57 ? 76  TYR A OH  1 
ATOM   439 N N   . CYS A 1 74  ? -7.663  -6.783  5.387   1.00 33.81 ? 77  CYS A N   1 
ATOM   440 C CA  . CYS A 1 74  ? -8.253  -5.625  4.707   1.00 35.07 ? 77  CYS A CA  1 
ATOM   441 C C   . CYS A 1 74  ? -9.659  -5.829  4.146   1.00 36.22 ? 77  CYS A C   1 
ATOM   442 O O   . CYS A 1 74  ? -10.154 -4.949  3.444   1.00 35.96 ? 77  CYS A O   1 
ATOM   443 C CB  . CYS A 1 74  ? -7.299  -5.139  3.603   1.00 36.56 ? 77  CYS A CB  1 
ATOM   444 S SG  . CYS A 1 74  ? -6.694  -6.426  2.502   1.00 33.47 ? 77  CYS A SG  1 
ATOM   445 N N   . SER A 1 75  ? -10.335 -6.922  4.510   1.00 37.24 ? 78  SER A N   1 
ATOM   446 C CA  . SER A 1 75  ? -11.632 -7.267  3.886   1.00 39.78 ? 78  SER A CA  1 
ATOM   447 C C   . SER A 1 75  ? -12.741 -6.224  4.093   1.00 39.59 ? 78  SER A C   1 
ATOM   448 O O   . SER A 1 75  ? -13.624 -6.087  3.233   1.00 40.69 ? 78  SER A O   1 
ATOM   449 C CB  . SER A 1 75  ? -12.117 -8.654  4.338   1.00 40.34 ? 78  SER A CB  1 
ATOM   450 O OG  . SER A 1 75  ? -12.509 -8.644  5.696   1.00 41.73 ? 78  SER A OG  1 
ATOM   451 N N   . ASN A 1 76  ? -12.691 -5.479  5.197   1.00 38.62 ? 79  ASN A N   1 
ATOM   452 C CA  . ASN A 1 76  ? -13.669 -4.407  5.443   1.00 37.32 ? 79  ASN A CA  1 
ATOM   453 C C   . ASN A 1 76  ? -13.176 -3.011  5.104   1.00 34.29 ? 79  ASN A C   1 
ATOM   454 O O   . ASN A 1 76  ? -13.932 -2.042  5.210   1.00 35.08 ? 79  ASN A O   1 
ATOM   455 C CB  . ASN A 1 76  ? -14.177 -4.464  6.884   1.00 41.95 ? 79  ASN A CB  1 
ATOM   456 C CG  . ASN A 1 76  ? -15.594 -4.982  6.959   1.00 45.77 ? 79  ASN A CG  1 
ATOM   457 O OD1 . ASN A 1 76  ? -16.507 -4.260  7.365   1.00 53.75 ? 79  ASN A OD1 1 
ATOM   458 N ND2 . ASN A 1 76  ? -15.796 -6.220  6.519   1.00 44.10 ? 79  ASN A ND2 1 
ATOM   459 N N   . ASP A 1 77  ? -11.934 -2.900  4.647   1.00 32.03 ? 80  ASP A N   1 
ATOM   460 C CA  . ASP A 1 77  ? -11.361 -1.633  4.262   1.00 29.55 ? 80  ASP A CA  1 
ATOM   461 C C   . ASP A 1 77  ? -11.374 -1.453  2.754   1.00 27.67 ? 80  ASP A C   1 
ATOM   462 O O   . ASP A 1 77  ? -11.347 -2.426  2.003   1.00 27.30 ? 80  ASP A O   1 
ATOM   463 C CB  . ASP A 1 77  ? -9.910  -1.573  4.755   1.00 29.65 ? 80  ASP A CB  1 
ATOM   464 C CG  . ASP A 1 77  ? -9.370  -0.165  4.783   1.00 29.57 ? 80  ASP A CG  1 
ATOM   465 O OD1 . ASP A 1 77  ? -8.832  0.316   3.748   1.00 27.23 ? 80  ASP A OD1 1 
ATOM   466 O OD2 . ASP A 1 77  ? -9.492  0.465   5.849   1.00 29.60 ? 80  ASP A OD2 1 
ATOM   467 N N   . LEU A 1 78  ? -11.347 -0.204  2.306   1.00 26.98 ? 81  LEU A N   1 
ATOM   468 C CA  . LEU A 1 78  ? -11.148 0.082   0.891   1.00 27.90 ? 81  LEU A CA  1 
ATOM   469 C C   . LEU A 1 78  ? -9.893  -0.586  0.328   1.00 27.43 ? 81  LEU A C   1 
ATOM   470 O O   . LEU A 1 78  ? -9.864  -0.961  -0.837  1.00 26.87 ? 81  LEU A O   1 
ATOM   471 C CB  . LEU A 1 78  ? -11.075 1.567   0.644   1.00 27.78 ? 81  LEU A CB  1 
ATOM   472 C CG  . LEU A 1 78  ? -12.376 2.352   0.830   1.00 28.81 ? 81  LEU A CG  1 
ATOM   473 C CD1 . LEU A 1 78  ? -12.070 3.818   0.591   1.00 29.81 ? 81  LEU A CD1 1 
ATOM   474 C CD2 . LEU A 1 78  ? -13.445 1.856   -0.126  1.00 29.15 ? 81  LEU A CD2 1 
ATOM   475 N N   . LEU A 1 79  ? -8.856  -0.734  1.156   1.00 27.55 ? 82  LEU A N   1 
ATOM   476 C CA  . LEU A 1 79  ? -7.646  -1.433  0.715   1.00 27.27 ? 82  LEU A CA  1 
ATOM   477 C C   . LEU A 1 79  ? -7.981  -2.821  0.179   1.00 25.95 ? 82  LEU A C   1 
ATOM   478 O O   . LEU A 1 79  ? -7.347  -3.290  -0.769  1.00 26.86 ? 82  LEU A O   1 
ATOM   479 C CB  . LEU A 1 79  ? -6.637  -1.564  1.854   1.00 27.89 ? 82  LEU A CB  1 
ATOM   480 C CG  . LEU A 1 79  ? -5.237  -2.063  1.491   1.00 27.95 ? 82  LEU A CG  1 
ATOM   481 C CD1 . LEU A 1 79  ? -4.582  -1.124  0.496   1.00 27.93 ? 82  LEU A CD1 1 
ATOM   482 C CD2 . LEU A 1 79  ? -4.420  -2.191  2.773   1.00 28.66 ? 82  LEU A CD2 1 
ATOM   483 N N   . GLY A 1 80  ? -8.959  -3.476  0.798   1.00 25.76 ? 83  GLY A N   1 
ATOM   484 C CA  . GLY A 1 80  ? -9.393  -4.792  0.370   1.00 26.71 ? 83  GLY A CA  1 
ATOM   485 C C   . GLY A 1 80  ? -9.939  -4.808  -1.044  1.00 26.55 ? 83  GLY A C   1 
ATOM   486 O O   . GLY A 1 80  ? -9.771  -5.798  -1.744  1.00 26.38 ? 83  GLY A O   1 
ATOM   487 N N   . ASP A 1 81  ? -10.624 -3.746  -1.459  1.00 27.12 ? 84  ASP A N   1 
ATOM   488 C CA  . ASP A 1 81  ? -11.024 -3.637  -2.856  1.00 29.03 ? 84  ASP A CA  1 
ATOM   489 C C   . ASP A 1 81  ? -9.861  -3.352  -3.817  1.00 30.76 ? 84  ASP A C   1 
ATOM   490 O O   . ASP A 1 81  ? -9.907  -3.817  -4.938  1.00 28.24 ? 84  ASP A O   1 
ATOM   491 C CB  . ASP A 1 81  ? -12.191 -2.677  -3.043  1.00 30.81 ? 84  ASP A CB  1 
ATOM   492 C CG  . ASP A 1 81  ? -13.515 -3.286  -2.603  1.00 32.21 ? 84  ASP A CG  1 
ATOM   493 O OD1 . ASP A 1 81  ? -13.607 -4.525  -2.433  1.00 35.73 ? 84  ASP A OD1 1 
ATOM   494 O OD2 . ASP A 1 81  ? -14.465 -2.537  -2.403  1.00 36.03 ? 84  ASP A OD2 1 
ATOM   495 N N   . LEU A 1 82  ? -8.807  -2.651  -3.390  1.00 30.41 ? 85  LEU A N   1 
ATOM   496 C CA  . LEU A 1 82  ? -7.601  -2.552  -4.245  1.00 32.79 ? 85  LEU A CA  1 
ATOM   497 C C   . LEU A 1 82  ? -6.969  -3.907  -4.482  1.00 32.58 ? 85  LEU A C   1 
ATOM   498 O O   . LEU A 1 82  ? -6.709  -4.293  -5.619  1.00 31.64 ? 85  LEU A O   1 
ATOM   499 C CB  . LEU A 1 82  ? -6.528  -1.646  -3.647  1.00 34.31 ? 85  LEU A CB  1 
ATOM   500 C CG  . LEU A 1 82  ? -6.673  -0.142  -3.716  1.00 37.03 ? 85  LEU A CG  1 
ATOM   501 C CD1 . LEU A 1 82  ? -5.480  0.483   -3.015  1.00 37.15 ? 85  LEU A CD1 1 
ATOM   502 C CD2 . LEU A 1 82  ? -6.750  0.376   -5.134  1.00 37.59 ? 85  LEU A CD2 1 
ATOM   503 N N   . PHE A 1 83  ? -6.707  -4.625  -3.404  1.00 32.42 ? 86  PHE A N   1 
ATOM   504 C CA  . PHE A 1 83  ? -6.053  -5.935  -3.516  1.00 33.51 ? 86  PHE A CA  1 
ATOM   505 C C   . PHE A 1 83  ? -6.960  -7.017  -4.076  1.00 35.79 ? 86  PHE A C   1 
ATOM   506 O O   . PHE A 1 83  ? -6.486  -7.917  -4.772  1.00 36.07 ? 86  PHE A O   1 
ATOM   507 C CB  . PHE A 1 83  ? -5.503  -6.378  -2.168  1.00 35.90 ? 86  PHE A CB  1 
ATOM   508 C CG  . PHE A 1 83  ? -4.137  -5.863  -1.888  1.00 36.95 ? 86  PHE A CG  1 
ATOM   509 C CD1 . PHE A 1 83  ? -3.953  -4.605  -1.335  1.00 35.69 ? 86  PHE A CD1 1 
ATOM   510 C CD2 . PHE A 1 83  ? -3.018  -6.637  -2.191  1.00 39.32 ? 86  PHE A CD2 1 
ATOM   511 C CE1 . PHE A 1 83  ? -2.684  -4.128  -1.073  1.00 38.96 ? 86  PHE A CE1 1 
ATOM   512 C CE2 . PHE A 1 83  ? -1.746  -6.160  -1.930  1.00 38.00 ? 86  PHE A CE2 1 
ATOM   513 C CZ  . PHE A 1 83  ? -1.579  -4.897  -1.380  1.00 38.62 ? 86  PHE A CZ  1 
ATOM   514 N N   . GLY A 1 84  ? -8.257  -6.932  -3.773  1.00 34.02 ? 87  GLY A N   1 
ATOM   515 C CA  . GLY A 1 84  ? -9.209  -7.969  -4.146  1.00 33.77 ? 87  GLY A CA  1 
ATOM   516 C C   . GLY A 1 84  ? -9.025  -9.240  -3.349  1.00 35.09 ? 87  GLY A C   1 
ATOM   517 O O   . GLY A 1 84  ? -9.392  -10.309 -3.815  1.00 33.48 ? 87  GLY A O   1 
ATOM   518 N N   . VAL A 1 85  ? -8.443  -9.131  -2.152  1.00 33.98 ? 88  VAL A N   1 
ATOM   519 C CA  . VAL A 1 85  ? -8.320  -10.252 -1.228  1.00 35.33 ? 88  VAL A CA  1 
ATOM   520 C C   . VAL A 1 85  ? -8.609  -9.739  0.182   1.00 35.34 ? 88  VAL A C   1 
ATOM   521 O O   . VAL A 1 85  ? -8.504  -8.518  0.445   1.00 33.82 ? 88  VAL A O   1 
ATOM   522 C CB  . VAL A 1 85  ? -6.911  -10.908 -1.266  1.00 37.73 ? 88  VAL A CB  1 
ATOM   523 C CG1 . VAL A 1 85  ? -6.627  -11.523 -2.625  1.00 39.35 ? 88  VAL A CG1 1 
ATOM   524 C CG2 . VAL A 1 85  ? -5.822  -9.917  -0.903  1.00 36.57 ? 88  VAL A CG2 1 
ATOM   525 N N   . PRO A 1 86  ? -8.973  -10.650 1.095   1.00 32.94 ? 89  PRO A N   1 
ATOM   526 C CA  . PRO A 1 86  ? -9.265  -10.215 2.446   1.00 34.15 ? 89  PRO A CA  1 
ATOM   527 C C   . PRO A 1 86  ? -8.015  -9.976  3.285   1.00 32.38 ? 89  PRO A C   1 
ATOM   528 O O   . PRO A 1 86  ? -8.104  -9.313  4.303   1.00 32.27 ? 89  PRO A O   1 
ATOM   529 C CB  . PRO A 1 86  ? -10.081 -11.381 3.015   1.00 34.29 ? 89  PRO A CB  1 
ATOM   530 C CG  . PRO A 1 86  ? -9.546  -12.557 2.301   1.00 34.99 ? 89  PRO A CG  1 
ATOM   531 C CD  . PRO A 1 86  ? -9.297  -12.075 0.905   1.00 34.43 ? 89  PRO A CD  1 
ATOM   532 N N   . SER A 1 87  ? -6.879  -10.535 2.879   1.00 33.64 ? 90  SER A N   1 
ATOM   533 C CA  . SER A 1 87  ? -5.625  -10.320 3.595   1.00 31.90 ? 90  SER A CA  1 
ATOM   534 C C   . SER A 1 87  ? -4.421  -10.656 2.743   1.00 31.32 ? 90  SER A C   1 
ATOM   535 O O   . SER A 1 87  ? -4.551  -11.302 1.714   1.00 30.56 ? 90  SER A O   1 
ATOM   536 C CB  . SER A 1 87  ? -5.589  -11.171 4.865   1.00 34.59 ? 90  SER A CB  1 
ATOM   537 O OG  . SER A 1 87  ? -5.656  -12.536 4.539   1.00 31.54 ? 90  SER A OG  1 
ATOM   538 N N   . PHE A 1 88  ? -3.249  -10.197 3.179   1.00 28.93 ? 91  PHE A N   1 
ATOM   539 C CA  . PHE A 1 88  ? -1.993  -10.500 2.499   1.00 29.39 ? 91  PHE A CA  1 
ATOM   540 C C   . PHE A 1 88  ? -0.835  -10.280 3.456   1.00 27.82 ? 91  PHE A C   1 
ATOM   541 O O   . PHE A 1 88  ? -0.973  -9.564  4.442   1.00 28.89 ? 91  PHE A O   1 
ATOM   542 C CB  . PHE A 1 88  ? -1.817  -9.648  1.210   1.00 29.46 ? 91  PHE A CB  1 
ATOM   543 C CG  . PHE A 1 88  ? -1.692  -8.160  1.456   1.00 28.40 ? 91  PHE A CG  1 
ATOM   544 C CD1 . PHE A 1 88  ? -2.823  -7.360  1.567   1.00 27.42 ? 91  PHE A CD1 1 
ATOM   545 C CD2 . PHE A 1 88  ? -0.434  -7.557  1.573   1.00 27.79 ? 91  PHE A CD2 1 
ATOM   546 C CE1 . PHE A 1 88  ? -2.711  -6.000  1.796   1.00 28.28 ? 91  PHE A CE1 1 
ATOM   547 C CE2 . PHE A 1 88  ? -0.323  -6.195  1.825   1.00 27.40 ? 91  PHE A CE2 1 
ATOM   548 C CZ  . PHE A 1 88  ? -1.459  -5.414  1.926   1.00 27.39 ? 91  PHE A CZ  1 
ATOM   549 N N   . SER A 1 89  ? 0.305   -10.877 3.138   1.00 28.94 ? 92  SER A N   1 
ATOM   550 C CA  . SER A 1 89  ? 1.532   -10.642 3.896   1.00 27.65 ? 92  SER A CA  1 
ATOM   551 C C   . SER A 1 89  ? 2.365   -9.575  3.183   1.00 26.17 ? 92  SER A C   1 
ATOM   552 O O   . SER A 1 89  ? 2.416   -9.540  1.959   1.00 25.06 ? 92  SER A O   1 
ATOM   553 C CB  . SER A 1 89  ? 2.344   -11.927 4.043   1.00 27.53 ? 92  SER A CB  1 
ATOM   554 O OG  . SER A 1 89  ? 3.632   -11.645 4.567   1.00 27.81 ? 92  SER A OG  1 
ATOM   555 N N   . VAL A 1 90  ? 3.048   -8.725  3.948   1.00 25.94 ? 93  VAL A N   1 
ATOM   556 C CA  . VAL A 1 90  ? 4.006   -7.781  3.346   1.00 26.32 ? 93  VAL A CA  1 
ATOM   557 C C   . VAL A 1 90  ? 5.136   -8.454  2.563   1.00 25.08 ? 93  VAL A C   1 
ATOM   558 O O   . VAL A 1 90  ? 5.782   -7.810  1.738   1.00 24.72 ? 93  VAL A O   1 
ATOM   559 C CB  . VAL A 1 90  ? 4.642   -6.813  4.389   1.00 27.08 ? 93  VAL A CB  1 
ATOM   560 C CG1 . VAL A 1 90  ? 3.563   -5.969  5.065   1.00 27.21 ? 93  VAL A CG1 1 
ATOM   561 C CG2 . VAL A 1 90  ? 5.499   -7.568  5.386   1.00 28.26 ? 93  VAL A CG2 1 
ATOM   562 N N   . LYS A 1 91  ? 5.387   -9.734  2.846   1.00 25.46 ? 94  LYS A N   1 
ATOM   563 C CA  . LYS A 1 91  ? 6.353   -10.549 2.089   1.00 27.36 ? 94  LYS A CA  1 
ATOM   564 C C   . LYS A 1 91  ? 5.915   -10.883 0.659   1.00 26.34 ? 94  LYS A C   1 
ATOM   565 O O   . LYS A 1 91  ? 6.759   -11.263 -0.147  1.00 26.10 ? 94  LYS A O   1 
ATOM   566 C CB  . LYS A 1 91  ? 6.669   -11.877 2.815   1.00 31.09 ? 94  LYS A CB  1 
ATOM   567 C CG  . LYS A 1 91  ? 7.164   -11.761 4.243   1.00 34.28 ? 94  LYS A CG  1 
ATOM   568 C CD  . LYS A 1 91  ? 8.456   -10.950 4.313   1.00 39.24 ? 94  LYS A CD  1 
ATOM   569 C CE  . LYS A 1 91  ? 9.127   -11.063 5.677   1.00 41.77 ? 94  LYS A CE  1 
ATOM   570 N NZ  . LYS A 1 91  ? 10.360  -10.227 5.765   1.00 42.21 ? 94  LYS A NZ  1 
ATOM   571 N N   . GLU A 1 92  ? 4.624   -10.746 0.340   1.00 25.83 ? 95  GLU A N   1 
ATOM   572 C CA  . GLU A 1 92  ? 4.094   -11.127 -0.979  1.00 25.80 ? 95  GLU A CA  1 
ATOM   573 C C   . GLU A 1 92  ? 4.256   -10.016 -2.003  1.00 23.80 ? 95  GLU A C   1 
ATOM   574 O O   . GLU A 1 92  ? 3.282   -9.374  -2.398  1.00 23.06 ? 95  GLU A O   1 
ATOM   575 C CB  . GLU A 1 92  ? 2.609   -11.505 -0.870  1.00 28.71 ? 95  GLU A CB  1 
ATOM   576 C CG  . GLU A 1 92  ? 2.320   -12.654 0.073   1.00 30.07 ? 95  GLU A CG  1 
ATOM   577 C CD  . GLU A 1 92  ? 0.856   -13.041 0.020   1.00 32.04 ? 95  GLU A CD  1 
ATOM   578 O OE1 . GLU A 1 92  ? 0.097   -12.673 0.930   1.00 30.31 ? 95  GLU A OE1 1 
ATOM   579 O OE2 . GLU A 1 92  ? 0.458   -13.691 -0.967  1.00 36.84 ? 95  GLU A OE2 1 
ATOM   580 N N   . HIS A 1 93  ? 5.493   -9.793  -2.438  1.00 23.84 ? 96  HIS A N   1 
ATOM   581 C CA  . HIS A 1 93  ? 5.795   -8.694  -3.356  1.00 24.40 ? 96  HIS A CA  1 
ATOM   582 C C   . HIS A 1 93  ? 5.100   -8.843  -4.708  1.00 23.72 ? 96  HIS A C   1 
ATOM   583 O O   . HIS A 1 93  ? 4.614   -7.869  -5.251  1.00 22.30 ? 96  HIS A O   1 
ATOM   584 C CB  . HIS A 1 93  ? 7.305   -8.524  -3.571  1.00 23.74 ? 96  HIS A CB  1 
ATOM   585 C CG  . HIS A 1 93  ? 8.066   -8.275  -2.307  1.00 23.99 ? 96  HIS A CG  1 
ATOM   586 N ND1 . HIS A 1 93  ? 9.435   -8.404  -2.224  1.00 25.05 ? 96  HIS A ND1 1 
ATOM   587 C CD2 . HIS A 1 93  ? 7.644   -7.924  -1.071  1.00 24.40 ? 96  HIS A CD2 1 
ATOM   588 C CE1 . HIS A 1 93  ? 9.821   -8.128  -0.992  1.00 23.01 ? 96  HIS A CE1 1 
ATOM   589 N NE2 . HIS A 1 93  ? 8.755   -7.830  -0.275  1.00 22.20 ? 96  HIS A NE2 1 
ATOM   590 N N   . ARG A 1 94  ? 5.042   -10.059 -5.250  1.00 24.85 ? 97  ARG A N   1 
ATOM   591 C CA  . ARG A 1 94  ? 4.363   -10.245 -6.537  1.00 25.09 ? 97  ARG A CA  1 
ATOM   592 C C   . ARG A 1 94  ? 2.899   -9.783  -6.476  1.00 24.49 ? 97  ARG A C   1 
ATOM   593 O O   . ARG A 1 94  ? 2.465   -9.007  -7.335  1.00 25.87 ? 97  ARG A O   1 
ATOM   594 C CB  . ARG A 1 94  ? 4.468   -11.685 -7.062  1.00 26.15 ? 97  ARG A CB  1 
ATOM   595 C CG  . ARG A 1 94  ? 4.071   -11.775 -8.539  1.00 27.78 ? 97  ARG A CG  1 
ATOM   596 C CD  . ARG A 1 94  ? 4.150   -13.153 -9.137  1.00 29.08 ? 97  ARG A CD  1 
ATOM   597 N NE  . ARG A 1 94  ? 3.175   -14.026 -8.489  1.00 32.51 ? 97  ARG A NE  1 
ATOM   598 C CZ  . ARG A 1 94  ? 3.445   -15.026 -7.657  1.00 32.65 ? 97  ARG A CZ  1 
ATOM   599 N NH1 . ARG A 1 94  ? 4.690   -15.375 -7.356  1.00 37.72 ? 97  ARG A NH1 1 
ATOM   600 N NH2 . ARG A 1 94  ? 2.444   -15.709 -7.130  1.00 34.13 ? 97  ARG A NH2 1 
ATOM   601 N N   . LYS A 1 95  ? 2.164   -10.235 -5.463  1.00 25.72 ? 98  LYS A N   1 
ATOM   602 C CA  . LYS A 1 95  ? 0.749   -9.850  -5.269  1.00 25.64 ? 98  LYS A CA  1 
ATOM   603 C C   . LYS A 1 95  ? 0.585   -8.338  -5.102  1.00 24.56 ? 98  LYS A C   1 
ATOM   604 O O   . LYS A 1 95  ? -0.283  -7.700  -5.710  1.00 22.41 ? 98  LYS A O   1 
ATOM   605 C CB  . LYS A 1 95  ? 0.194   -10.551 -4.024  1.00 28.90 ? 98  LYS A CB  1 
ATOM   606 C CG  . LYS A 1 95  ? -1.263  -10.234 -3.705  1.00 30.21 ? 98  LYS A CG  1 
ATOM   607 C CD  . LYS A 1 95  ? -1.781  -11.067 -2.548  1.00 33.38 ? 98  LYS A CD  1 
ATOM   608 C CE  . LYS A 1 95  ? -2.196  -12.459 -3.006  1.00 35.16 ? 98  LYS A CE  1 
ATOM   609 N NZ  . LYS A 1 95  ? -2.312  -13.389 -1.860  1.00 37.25 ? 98  LYS A NZ  1 
ATOM   610 N N   . ILE A 1 96  ? 1.432   -7.771  -4.248  1.00 23.45 ? 99  ILE A N   1 
ATOM   611 C CA  . ILE A 1 96  ? 1.430   -6.338  -4.003  1.00 23.20 ? 99  ILE A CA  1 
ATOM   612 C C   . ILE A 1 96  ? 1.692   -5.533  -5.281  1.00 23.32 ? 99  ILE A C   1 
ATOM   613 O O   . ILE A 1 96  ? 0.942   -4.603  -5.596  1.00 23.49 ? 99  ILE A O   1 
ATOM   614 C CB  . ILE A 1 96  ? 2.454   -5.958  -2.909  1.00 22.31 ? 99  ILE A CB  1 
ATOM   615 C CG1 . ILE A 1 96  ? 2.015   -6.512  -1.545  1.00 23.12 ? 99  ILE A CG1 1 
ATOM   616 C CG2 . ILE A 1 96  ? 2.628   -4.450  -2.845  1.00 22.45 ? 99  ILE A CG2 1 
ATOM   617 C CD1 . ILE A 1 96  ? 3.151   -6.604  -0.525  1.00 23.99 ? 99  ILE A CD1 1 
ATOM   618 N N   . TYR A 1 97  ? 2.770   -5.857  -6.003  1.00 22.15 ? 100 TYR A N   1 
ATOM   619 C CA  . TYR A 1 97  ? 3.086   -5.135  -7.242  1.00 22.54 ? 100 TYR A CA  1 
ATOM   620 C C   . TYR A 1 97  ? 2.029   -5.343  -8.331  1.00 22.98 ? 100 TYR A C   1 
ATOM   621 O O   . TYR A 1 97  ? 1.747   -4.424  -9.100  1.00 24.40 ? 100 TYR A O   1 
ATOM   622 C CB  . TYR A 1 97  ? 4.485   -5.490  -7.752  1.00 22.01 ? 100 TYR A CB  1 
ATOM   623 C CG  . TYR A 1 97  ? 5.576   -4.784  -6.963  1.00 21.86 ? 100 TYR A CG  1 
ATOM   624 C CD1 . TYR A 1 97  ? 5.741   -3.401  -7.053  1.00 22.04 ? 100 TYR A CD1 1 
ATOM   625 C CD2 . TYR A 1 97  ? 6.422   -5.488  -6.098  1.00 21.96 ? 100 TYR A CD2 1 
ATOM   626 C CE1 . TYR A 1 97  ? 6.725   -2.740  -6.321  1.00 22.14 ? 100 TYR A CE1 1 
ATOM   627 C CE2 . TYR A 1 97  ? 7.423   -4.836  -5.373  1.00 21.28 ? 100 TYR A CE2 1 
ATOM   628 C CZ  . TYR A 1 97  ? 7.562   -3.461  -5.480  1.00 22.46 ? 100 TYR A CZ  1 
ATOM   629 O OH  . TYR A 1 97  ? 8.566   -2.806  -4.769  1.00 24.64 ? 100 TYR A OH  1 
ATOM   630 N N   . THR A 1 98  ? 1.420   -6.519  -8.357  1.00 24.76 ? 101 THR A N   1 
ATOM   631 C CA  . THR A 1 98  ? 0.380   -6.795  -9.350  1.00 27.11 ? 101 THR A CA  1 
ATOM   632 C C   . THR A 1 98  ? -0.872  -5.949  -9.047  1.00 28.68 ? 101 THR A C   1 
ATOM   633 O O   . THR A 1 98  ? -1.484  -5.393  -9.971  1.00 26.46 ? 101 THR A O   1 
ATOM   634 C CB  . THR A 1 98  ? 0.074   -8.297  -9.434  1.00 27.23 ? 101 THR A CB  1 
ATOM   635 O OG1 . THR A 1 98  ? 1.271   -8.998  -9.801  1.00 27.99 ? 101 THR A OG1 1 
ATOM   636 C CG2 . THR A 1 98  ? -0.993  -8.588  -10.498 1.00 26.98 ? 101 THR A CG2 1 
ATOM   637 N N   . MET A 1 99  ? -1.223  -5.828  -7.757  1.00 31.17 ? 102 MET A N   1 
ATOM   638 C CA  . MET A 1 99  ? -2.329  -4.938  -7.324  1.00 32.40 ? 102 MET A CA  1 
ATOM   639 C C   . MET A 1 99  ? -2.078  -3.506  -7.733  1.00 31.72 ? 102 MET A C   1 
ATOM   640 O O   . MET A 1 99  ? -2.964  -2.841  -8.283  1.00 31.50 ? 102 MET A O   1 
ATOM   641 C CB  . MET A 1 99  ? -2.554  -4.959  -5.799  1.00 34.65 ? 102 MET A CB  1 
ATOM   642 C CG  . MET A 1 99  ? -3.458  -3.810  -5.282  1.00 34.79 ? 102 MET A CG  1 
ATOM   643 S SD  . MET A 1 99  ? -2.802  -2.103  -5.160  1.00 36.31 ? 102 MET A SD  1 
ATOM   644 C CE  . MET A 1 99  ? -1.821  -2.283  -3.666  1.00 37.09 ? 102 MET A CE  1 
ATOM   645 N N   . ILE A 1 100 ? -0.878  -3.018  -7.431  1.00 31.15 ? 103 ILE A N   1 
ATOM   646 C CA  . ILE A 1 100 ? -0.501  -1.670  -7.787  1.00 31.49 ? 103 ILE A CA  1 
ATOM   647 C C   . ILE A 1 100 ? -0.584  -1.481  -9.295  1.00 30.29 ? 103 ILE A C   1 
ATOM   648 O O   . ILE A 1 100 ? -1.097  -0.467  -9.754  1.00 31.31 ? 103 ILE A O   1 
ATOM   649 C CB  . ILE A 1 100 ? 0.905   -1.278  -7.247  1.00 31.78 ? 103 ILE A CB  1 
ATOM   650 C CG1 . ILE A 1 100 ? 0.837   -1.117  -5.730  1.00 32.75 ? 103 ILE A CG1 1 
ATOM   651 C CG2 . ILE A 1 100 ? 1.394   0.005   -7.890  1.00 33.83 ? 103 ILE A CG2 1 
ATOM   652 C CD1 . ILE A 1 100 ? 2.193   -1.139  -5.046  1.00 32.48 ? 103 ILE A CD1 1 
ATOM   653 N N   . TYR A 1 101 ? -0.127  -2.461  -10.063 1.00 28.44 ? 104 TYR A N   1 
ATOM   654 C CA  . TYR A 1 101 ? -0.194  -2.332  -11.494 1.00 28.00 ? 104 TYR A CA  1 
ATOM   655 C C   . TYR A 1 101 ? -1.636  -2.116  -12.023 1.00 26.50 ? 104 TYR A C   1 
ATOM   656 O O   . TYR A 1 101 ? -1.845  -1.308  -12.926 1.00 25.84 ? 104 TYR A O   1 
ATOM   657 C CB  . TYR A 1 101 ? 0.402   -3.539  -12.197 1.00 29.51 ? 104 TYR A CB  1 
ATOM   658 C CG  . TYR A 1 101 ? 0.354   -3.325  -13.665 0.50 29.49 ? 104 TYR A CG  1 
ATOM   659 C CD1 . TYR A 1 101 ? 1.009   -2.245  -14.235 0.50 30.74 ? 104 TYR A CD1 1 
ATOM   660 C CD2 . TYR A 1 101 ? -0.400  -4.140  -14.475 0.50 30.43 ? 104 TYR A CD2 1 
ATOM   661 C CE1 . TYR A 1 101 ? 0.944   -2.009  -15.583 0.50 32.26 ? 104 TYR A CE1 1 
ATOM   662 C CE2 . TYR A 1 101 ? -0.460  -3.918  -15.822 0.50 31.03 ? 104 TYR A CE2 1 
ATOM   663 C CZ  . TYR A 1 101 ? 0.208   -2.848  -16.365 0.50 31.22 ? 104 TYR A CZ  1 
ATOM   664 O OH  . TYR A 1 101 ? 0.162   -2.597  -17.702 0.50 32.97 ? 104 TYR A OH  1 
ATOM   665 N N   . ARG A 1 102 ? -2.596  -2.835  -11.454 1.00 27.30 ? 105 ARG A N   1 
ATOM   666 C CA  . ARG A 1 102 ? -4.007  -2.681  -11.843 1.00 28.04 ? 105 ARG A CA  1 
ATOM   667 C C   . ARG A 1 102 ? -4.582  -1.311  -11.468 1.00 28.29 ? 105 ARG A C   1 
ATOM   668 O O   . ARG A 1 102 ? -5.639  -0.937  -11.955 1.00 26.56 ? 105 ARG A O   1 
ATOM   669 C CB  . ARG A 1 102 ? -4.863  -3.744  -11.167 1.00 30.87 ? 105 ARG A CB  1 
ATOM   670 C CG  . ARG A 1 102 ? -4.542  -5.185  -11.524 1.00 32.76 ? 105 ARG A CG  1 
ATOM   671 C CD  . ARG A 1 102 ? -5.640  -6.103  -11.010 1.00 35.19 ? 105 ARG A CD  1 
ATOM   672 N NE  . ARG A 1 102 ? -5.762  -6.040  -9.548  1.00 39.08 ? 105 ARG A NE  1 
ATOM   673 C CZ  . ARG A 1 102 ? -5.097  -6.808  -8.679  1.00 40.42 ? 105 ARG A CZ  1 
ATOM   674 N NH1 . ARG A 1 102 ? -4.226  -7.722  -9.096  1.00 42.41 ? 105 ARG A NH1 1 
ATOM   675 N NH2 . ARG A 1 102 ? -5.301  -6.662  -7.371  1.00 40.63 ? 105 ARG A NH2 1 
ATOM   676 N N   . ASN A 1 103 ? -3.910  -0.566  -10.583 1.00 26.81 ? 106 ASN A N   1 
ATOM   677 C CA  . ASN A 1 103 ? -4.467  0.665   -10.040 1.00 27.71 ? 106 ASN A CA  1 
ATOM   678 C C   . ASN A 1 103 ? -3.711  1.935   -10.384 1.00 29.04 ? 106 ASN A C   1 
ATOM   679 O O   . ASN A 1 103 ? -3.824  2.944   -9.693  1.00 28.52 ? 106 ASN A O   1 
ATOM   680 C CB  . ASN A 1 103 ? -4.614  0.486   -8.546  1.00 26.15 ? 106 ASN A CB  1 
ATOM   681 C CG  . ASN A 1 103 ? -5.764  -0.407  -8.217  1.00 28.15 ? 106 ASN A CG  1 
ATOM   682 O OD1 . ASN A 1 103 ? -6.915  0.014   -8.344  1.00 27.46 ? 106 ASN A OD1 1 
ATOM   683 N ND2 . ASN A 1 103 ? -5.477  -1.660  -7.826  1.00 25.48 ? 106 ASN A ND2 1 
ATOM   684 N N   . LEU A 1 104 ? -2.960  1.903   -11.468 1.00 31.89 ? 107 LEU A N   1 
ATOM   685 C CA  . LEU A 1 104 ? -2.344  3.105   -11.956 1.00 36.17 ? 107 LEU A CA  1 
ATOM   686 C C   . LEU A 1 104 ? -2.227  3.074   -13.466 1.00 39.53 ? 107 LEU A C   1 
ATOM   687 O O   . LEU A 1 104 ? -2.648  2.109   -14.127 1.00 38.14 ? 107 LEU A O   1 
ATOM   688 C CB  . LEU A 1 104 ? -1.003  3.377   -11.230 1.00 38.75 ? 107 LEU A CB  1 
ATOM   689 C CG  . LEU A 1 104 ? -0.002  2.251   -10.998 1.00 37.80 ? 107 LEU A CG  1 
ATOM   690 C CD1 . LEU A 1 104 ? 0.809   1.965   -12.234 1.00 40.51 ? 107 LEU A CD1 1 
ATOM   691 C CD2 . LEU A 1 104 ? 0.904   2.606   -9.835  1.00 42.50 ? 107 LEU A CD2 1 
ATOM   692 N N   . VAL A 1 105 ? -1.747  4.191   -13.993 1.00 43.65 ? 108 VAL A N   1 
ATOM   693 C CA  . VAL A 1 105 ? -1.284  4.320   -15.373 1.00 43.46 ? 108 VAL A CA  1 
ATOM   694 C C   . VAL A 1 105 ? 0.177   4.812   -15.342 1.00 44.04 ? 108 VAL A C   1 
ATOM   695 O O   . VAL A 1 105 ? 0.516   5.728   -14.571 1.00 38.63 ? 108 VAL A O   1 
ATOM   696 C CB  . VAL A 1 105 ? -2.162  5.327   -16.151 1.00 42.72 ? 108 VAL A CB  1 
ATOM   697 C CG1 . VAL A 1 105 ? -2.034  5.106   -17.644 1.00 44.21 ? 108 VAL A CG1 1 
ATOM   698 C CG2 . VAL A 1 105 ? -3.626  5.209   -15.726 1.00 42.28 ? 108 VAL A CG2 1 
ATOM   699 N N   . VAL A 1 106 ? 1.031   4.206   -16.173 1.00 47.30 ? 109 VAL A N   1 
ATOM   700 C CA  . VAL A 1 106 ? 2.402   4.703   -16.417 1.00 50.87 ? 109 VAL A CA  1 
ATOM   701 C C   . VAL A 1 106 ? 2.361   6.101   -17.037 1.00 51.09 ? 109 VAL A C   1 
ATOM   702 O O   . VAL A 1 106 ? 2.962   7.035   -16.513 1.00 50.88 ? 109 VAL A O   1 
ATOM   703 C CB  . VAL A 1 106 ? 3.226   3.749   -17.342 1.00 55.58 ? 109 VAL A CB  1 
ATOM   704 C CG1 . VAL A 1 106 ? 2.803   3.854   -18.812 1.00 58.43 ? 109 VAL A CG1 1 
ATOM   705 C CG2 . VAL A 1 106 ? 4.725   3.988   -17.171 1.00 55.26 ? 109 VAL A CG2 1 
HETATM 706 O O   . 2JN B 2 1   ? 7.346   -1.187  15.006  1.00 38.48 ? 1   2JN B O   1 
HETATM 707 C C   . 2JN B 2 1   ? 8.423   -1.762  15.139  1.00 38.56 ? 1   2JN B C   1 
HETATM 708 C CA  . 2JN B 2 1   ? 9.417   -1.172  16.132  1.00 40.55 ? 1   2JN B CA  1 
HETATM 709 C CAA . 2JN B 2 1   ? 10.081  -2.273  16.954  1.00 39.41 ? 1   2JN B CAA 1 
HETATM 710 N N   . 2JN B 2 1   ? 8.785   -0.241  17.048  1.00 40.40 ? 1   2JN B N   1 
HETATM 711 C CAO . 2JN B 2 1   ? 10.384  -0.263  15.364  1.00 42.66 ? 1   2JN B CAO 1 
HETATM 712 C CAM . 2JN B 2 1   ? 11.418  -0.955  14.506  1.00 42.10 ? 1   2JN B CAM 1 
HETATM 713 C CAK . 2JN B 2 1   ? 12.325  0.124   13.946  1.00 41.02 ? 1   2JN B CAK 1 
HETATM 714 C CAI . 2JN B 2 1   ? 13.301  -0.542  13.013  1.00 40.65 ? 1   2JN B CAI 1 
HETATM 715 N N   . DAL B 2 2   ? 8.767   -2.844  14.430  1.00 37.91 ? 2   DAL B N   1 
HETATM 716 C CA  . DAL B 2 2   ? 7.849   -3.430  13.438  1.00 37.09 ? 2   DAL B CA  1 
HETATM 717 C CB  . DAL B 2 2   ? 8.562   -4.518  12.637  1.00 38.25 ? 2   DAL B CB  1 
HETATM 718 C C   . DAL B 2 2   ? 7.389   -2.333  12.523  1.00 34.47 ? 2   DAL B C   1 
HETATM 719 O O   . DAL B 2 2   ? 8.218   -1.653  11.933  1.00 32.32 ? 2   DAL B O   1 
HETATM 720 F F1  . E03 B 2 3   ? 1.977   -3.286  5.519   1.00 31.86 ? 3   E03 B F1  1 
HETATM 721 N N   . E03 B 2 3   ? 6.124   -2.137  12.428  1.00 31.86 ? 3   E03 B N   1 
HETATM 722 C CA  . E03 B 2 3   ? 5.545   -1.057  11.581  1.00 30.77 ? 3   E03 B CA  1 
HETATM 723 C CB  . E03 B 2 3   ? 4.007   -1.071  11.654  1.00 33.71 ? 3   E03 B CB  1 
HETATM 724 C CG  . E03 B 2 3   ? 3.412   -2.187  10.822  1.00 33.04 ? 3   E03 B CG  1 
HETATM 725 C CD1 . E03 B 2 3   ? 3.056   -3.445  11.282  1.00 34.46 ? 3   E03 B CD1 1 
HETATM 726 N NE1 . E03 B 2 3   ? 2.565   -4.217  10.271  1.00 32.43 ? 3   E03 B NE1 1 
HETATM 727 C CE2 . E03 B 2 3   ? 2.568   -3.564  9.105   1.00 32.83 ? 3   E03 B CE2 1 
HETATM 728 C CD2 . E03 B 2 3   ? 3.110   -2.220  9.362   1.00 32.55 ? 3   E03 B CD2 1 
HETATM 729 C CE3 . E03 B 2 3   ? 3.247   -1.319  8.316   1.00 32.58 ? 3   E03 B CE3 1 
HETATM 730 C CZ3 . E03 B 2 3   ? 2.847   -1.687  7.022   1.00 31.07 ? 3   E03 B CZ3 1 
HETATM 731 C CH2 . E03 B 2 3   ? 2.322   -2.957  6.777   1.00 31.66 ? 3   E03 B CH2 1 
HETATM 732 C CZ2 . E03 B 2 3   ? 2.193   -3.899  7.799   1.00 31.51 ? 3   E03 B CZ2 1 
HETATM 733 C C   . E03 B 2 3   ? 5.963   -1.099  10.130  1.00 29.47 ? 3   E03 B C   1 
HETATM 734 O O   . E03 B 2 3   ? 5.993   0.007   9.529   1.00 29.02 ? 3   E03 B O   1 
HETATM 735 N N   . DTY B 2 4   ? 6.265   -2.291  9.597   1.00 27.12 ? 4   DTY B N   1 
HETATM 736 C CA  . DTY B 2 4   ? 6.626   -2.465  8.181   1.00 27.85 ? 4   DTY B CA  1 
HETATM 737 C C   . DTY B 2 4   ? 8.078   -2.270  7.842   1.00 28.68 ? 4   DTY B C   1 
HETATM 738 O O   . DTY B 2 4   ? 8.447   -2.463  6.698   1.00 26.19 ? 4   DTY B O   1 
HETATM 739 C CB  . DTY B 2 4   ? 6.177   -3.873  7.726   1.00 28.92 ? 4   DTY B CB  1 
HETATM 740 C CG  . DTY B 2 4   ? 6.706   -4.995  8.595   1.00 31.96 ? 4   DTY B CG  1 
HETATM 741 C CD1 . DTY B 2 4   ? 5.857   -5.597  9.524   1.00 33.25 ? 4   DTY B CD1 1 
HETATM 742 C CD2 . DTY B 2 4   ? 8.023   -5.446  8.484   1.00 34.39 ? 4   DTY B CD2 1 
HETATM 743 C CE1 . DTY B 2 4   ? 6.319   -6.627  10.337  1.00 35.05 ? 4   DTY B CE1 1 
HETATM 744 C CE2 . DTY B 2 4   ? 8.487   -6.474  9.301   1.00 36.64 ? 4   DTY B CE2 1 
HETATM 745 C CZ  . DTY B 2 4   ? 7.638   -7.066  10.230  1.00 37.17 ? 4   DTY B CZ  1 
HETATM 746 O OH  . DTY B 2 4   ? 8.099   -8.073  11.029  1.00 39.30 ? 4   DTY B OH  1 
HETATM 747 O O   . 2JN B 2 5   ? 11.283  -1.441  6.378   1.00 28.30 ? 5   2JN B O   1 
HETATM 748 C C   . 2JN B 2 5   ? 10.600  -0.904  7.243   1.00 27.39 ? 5   2JN B C   1 
HETATM 749 C CA  . 2JN B 2 5   ? 10.322  -1.677  8.516   1.00 28.54 ? 5   2JN B CA  1 
HETATM 750 C CAA . 2JN B 2 5   ? 10.963  -3.055  8.436   1.00 27.51 ? 5   2JN B CAA 1 
HETATM 751 N N   . 2JN B 2 5   ? 8.888   -1.880  8.760   1.00 28.80 ? 5   2JN B N   1 
HETATM 752 C CAO . 2JN B 2 5   ? 10.911  -0.923  9.718   1.00 29.93 ? 5   2JN B CAO 1 
HETATM 753 C CAM . 2JN B 2 5   ? 12.291  -0.317  9.464   1.00 30.89 ? 5   2JN B CAM 1 
HETATM 754 C CAK . 2JN B 2 5   ? 12.839  0.266   10.758  1.00 32.11 ? 5   2JN B CAK 1 
HETATM 755 C CAI . 2JN B 2 5   ? 13.179  -0.855  11.706  1.00 34.83 ? 5   2JN B CAI 1 
HETATM 756 N N   A DSG B 2 6   ? 10.118  0.332   7.126   0.50 27.02 ? 6   DSG B N   1 
HETATM 757 N N   B DSG B 2 6   ? 10.050  0.317   7.160   0.50 27.25 ? 6   DSG B N   1 
HETATM 758 C CA  A DSG B 2 6   ? 10.406  1.085   5.903   0.50 26.69 ? 6   DSG B CA  1 
HETATM 759 C CA  B DSG B 2 6   ? 10.182  1.222   6.013   0.50 27.29 ? 6   DSG B CA  1 
HETATM 760 C C   A DSG B 2 6   ? 9.575   0.582   4.738   0.50 25.89 ? 6   DSG B C   1 
HETATM 761 C C   B DSG B 2 6   ? 9.516   0.673   4.777   0.50 26.27 ? 6   DSG B C   1 
HETATM 762 O O   A DSG B 2 6   ? 10.055  0.604   3.623   0.50 24.28 ? 6   DSG B O   1 
HETATM 763 O O   B DSG B 2 6   ? 10.044  0.783   3.687   0.50 24.74 ? 6   DSG B O   1 
HETATM 764 C CB  A DSG B 2 6   ? 10.265  2.544   6.312   0.50 27.73 ? 6   DSG B CB  1 
HETATM 765 C CB  B DSG B 2 6   ? 9.483   2.514   6.457   0.50 28.44 ? 6   DSG B CB  1 
HETATM 766 C CG  A DSG B 2 6   ? 8.928   3.150   6.023   0.50 28.43 ? 6   DSG B CG  1 
HETATM 767 C CG  B DSG B 2 6   ? 9.195   3.504   5.352   0.50 29.94 ? 6   DSG B CG  1 
HETATM 768 O OD1 A DSG B 2 6   ? 8.669   3.639   4.926   0.50 30.77 ? 6   DSG B OD1 1 
HETATM 769 O OD1 B DSG B 2 6   ? 10.030  3.783   4.529   0.50 30.44 ? 6   DSG B OD1 1 
HETATM 770 N ND2 A DSG B 2 6   ? 8.102   3.145   7.064   0.50 27.60 ? 6   DSG B ND2 1 
HETATM 771 N ND2 B DSG B 2 6   ? 7.986   4.079   5.350   0.50 30.62 ? 6   DSG B ND2 1 
HETATM 772 C C   . TDF B 2 7   ? 8.334   -1.676  3.180   1.00 24.38 ? 7   TDF B C   1 
HETATM 773 N N   . TDF B 2 7   ? 8.352   0.052   4.943   1.00 25.92 ? 7   TDF B N   1 
HETATM 774 O O   . TDF B 2 7   ? 8.453   -1.666  1.912   1.00 20.82 ? 7   TDF B O   1 
HETATM 775 C CA  . TDF B 2 7   ? 7.592   -0.505  3.801   1.00 24.74 ? 7   TDF B CA  1 
HETATM 776 C CB  . TDF B 2 7   ? 6.257   -0.957  4.387   1.00 25.20 ? 7   TDF B CB  1 
HETATM 777 C CG  . TDF B 2 7   ? 5.181   -1.301  3.376   1.00 25.25 ? 7   TDF B CG  1 
HETATM 778 C CZ  . TDF B 2 7   ? 3.124   -1.945  1.546   1.00 25.37 ? 7   TDF B CZ  1 
HETATM 779 C C13 . TDF B 2 7   ? 2.015   -2.284  0.569   1.00 27.22 ? 7   TDF B C13 1 
HETATM 780 F F19 . TDF B 2 7   ? 1.764   -3.581  0.613   1.00 27.11 ? 7   TDF B F19 1 
HETATM 781 F F20 . TDF B 2 7   ? 2.300   -1.893  -0.668  1.00 24.96 ? 7   TDF B F20 1 
HETATM 782 F F21 . TDF B 2 7   ? 0.902   -1.652  0.907   1.00 25.30 ? 7   TDF B F21 1 
HETATM 783 C CD1 . TDF B 2 7   ? 4.873   -0.454  2.313   1.00 24.37 ? 7   TDF B CD1 1 
HETATM 784 C CD2 . TDF B 2 7   ? 4.462   -2.484  3.515   1.00 25.76 ? 7   TDF B CD2 1 
HETATM 785 C CE1 . TDF B 2 7   ? 3.849   -0.763  1.407   1.00 24.65 ? 7   TDF B CE1 1 
HETATM 786 C CE2 . TDF B 2 7   ? 3.438   -2.798  2.609   1.00 25.98 ? 7   TDF B CE2 1 
HETATM 787 N N   . DGL B 2 8   ? 8.964   -2.582  3.855   1.00 25.77 ? 8   DGL B N   1 
HETATM 788 C CA  . DGL B 2 8   ? 9.853   -3.657  3.314   1.00 26.61 ? 8   DGL B CA  1 
HETATM 789 C C   . DGL B 2 8   ? 11.054  -3.107  2.600   1.00 25.63 ? 8   DGL B C   1 
HETATM 790 O O   . DGL B 2 8   ? 11.351  -3.561  1.505   1.00 23.82 ? 8   DGL B O   1 
HETATM 791 C CB  . DGL B 2 8   ? 10.304  -4.629  4.395   1.00 29.23 ? 8   DGL B CB  1 
HETATM 792 C CG  . DGL B 2 8   ? 9.133   -5.415  4.947   1.00 34.37 ? 8   DGL B CG  1 
HETATM 793 C CD  . DGL B 2 8   ? 9.643   -6.659  5.643   1.00 37.51 ? 8   DGL B CD  1 
HETATM 794 O OE1 . DGL B 2 8   ? 9.122   -7.753  5.344   1.00 39.49 ? 8   DGL B OE1 1 
HETATM 795 O OE2 . DGL B 2 8   ? 10.571  -6.551  6.487   1.00 40.61 ? 8   DGL B OE2 1 
HETATM 796 C C   . MK8 B 2 9   ? 12.494  -0.944  1.203   1.00 22.78 ? 9   MK8 B C   1 
HETATM 797 N N   . MK8 B 2 9   ? 11.711  -2.163  3.177   1.00 24.71 ? 9   MK8 B N   1 
HETATM 798 O O   . MK8 B 2 9   ? 13.253  -1.043  0.235   1.00 24.60 ? 9   MK8 B O   1 
HETATM 799 C CA  . MK8 B 2 9   ? 12.883  -1.500  2.573   1.00 24.49 ? 9   MK8 B CA  1 
HETATM 800 C CB  . MK8 B 2 9   ? 14.057  -2.467  2.475   1.00 26.31 ? 9   MK8 B CB  1 
HETATM 801 C CD  . MK8 B 2 9   ? 15.685  -4.016  3.532   1.00 29.12 ? 9   MK8 B CD  1 
HETATM 802 C CE  . MK8 B 2 9   ? 15.312  -5.313  2.840   1.00 29.44 ? 9   MK8 B CE  1 
HETATM 803 C CG  . MK8 B 2 9   ? 14.456  -3.147  3.789   1.00 28.17 ? 9   MK8 B CG  1 
HETATM 804 C CB1 . MK8 B 2 9   ? 13.321  -0.308  3.428   1.00 25.07 ? 9   MK8 B CB1 1 
HETATM 805 N N   . DLE B 2 10  ? 11.302  -0.349  1.099   1.00 21.27 ? 10  DLE B N   1 
HETATM 806 C CA  . DLE B 2 10  ? 10.858  0.207   -0.176  1.00 22.04 ? 10  DLE B CA  1 
HETATM 807 C CB  . DLE B 2 10  ? 9.662   1.116   0.095   1.00 22.03 ? 10  DLE B CB  1 
HETATM 808 C CG  . DLE B 2 10  ? 10.004  2.445   0.766   1.00 23.21 ? 10  DLE B CG  1 
HETATM 809 C CD1 . DLE B 2 10  ? 10.691  3.395   -0.186  1.00 23.25 ? 10  DLE B CD1 1 
HETATM 810 C CD2 . DLE B 2 10  ? 8.742   3.129   1.276   1.00 23.12 ? 10  DLE B CD2 1 
HETATM 811 C C   . DLE B 2 10  ? 10.476  -0.901  -1.141  1.00 21.95 ? 10  DLE B C   1 
HETATM 812 O O   . DLE B 2 10  ? 10.763  -0.804  -2.331  1.00 21.29 ? 10  DLE B O   1 
HETATM 813 N N   . DLE B 2 11  ? 9.814   -1.943  -0.649  1.00 22.53 ? 11  DLE B N   1 
HETATM 814 C CA  . DLE B 2 11  ? 9.391   -3.050  -1.511  1.00 23.16 ? 11  DLE B CA  1 
HETATM 815 C CB  . DLE B 2 11  ? 8.559   -4.100  -0.760  1.00 23.13 ? 11  DLE B CB  1 
HETATM 816 C CG  . DLE B 2 11  ? 7.134   -3.664  -0.458  1.00 23.25 ? 11  DLE B CG  1 
HETATM 817 C CD1 . DLE B 2 11  ? 6.212   -3.810  -1.673  1.00 22.30 ? 11  DLE B CD1 1 
HETATM 818 C CD2 . DLE B 2 11  ? 6.590   -4.455  0.721   1.00 23.40 ? 11  DLE B CD2 1 
HETATM 819 C C   . DLE B 2 11  ? 10.589  -3.701  -2.155  1.00 23.92 ? 11  DLE B C   1 
HETATM 820 O O   . DLE B 2 11  ? 10.565  -4.000  -3.360  1.00 22.77 ? 11  DLE B O   1 
HETATM 821 O O   . 2JN B 2 12  ? 13.776  -4.023  -4.063  1.00 24.94 ? 12  2JN B O   1 
HETATM 822 C C   . 2JN B 2 12  ? 13.490  -3.580  -2.933  1.00 25.58 ? 12  2JN B C   1 
HETATM 823 C CA  . 2JN B 2 12  ? 12.937  -4.513  -1.866  1.00 24.90 ? 12  2JN B CA  1 
HETATM 824 C CAA . 2JN B 2 12  ? 12.716  -5.963  -2.353  1.00 24.63 ? 12  2JN B CAA 1 
HETATM 825 N N   . 2JN B 2 12  ? 11.613  -3.958  -1.448  1.00 23.38 ? 12  2JN B N   1 
HETATM 826 C CAO . 2JN B 2 12  ? 13.879  -4.548  -0.666  1.00 24.81 ? 12  2JN B CAO 1 
HETATM 827 C CAM . 2JN B 2 12  ? 15.171  -5.354  -0.848  1.00 26.23 ? 12  2JN B CAM 1 
HETATM 828 C CAK . 2JN B 2 12  ? 16.095  -5.201  0.355   1.00 27.92 ? 12  2JN B CAK 1 
HETATM 829 C CAI . 2JN B 2 12  ? 15.539  -5.820  1.598   1.00 29.59 ? 12  2JN B CAI 1 
HETATM 830 O OXT . 2JN B 2 12  ? 13.638  -2.346  -2.655  1.00 28.15 ? 12  2JN B OXT 1 
HETATM 831 O O   . HOH C 3 .   ? 3.238   -2.517  -9.368  1.00 37.52 ? 201 HOH A O   1 
HETATM 832 O O   . HOH C 3 .   ? -3.223  14.810  0.949   1.00 39.58 ? 202 HOH A O   1 
HETATM 833 O O   . HOH C 3 .   ? 4.304   -2.792  14.687  1.00 48.25 ? 203 HOH A O   1 
HETATM 834 O O   . HOH C 3 .   ? 10.906  8.451   -5.114  1.00 36.38 ? 204 HOH A O   1 
HETATM 835 O O   . HOH C 3 .   ? 9.206   4.782   -9.870  1.00 36.54 ? 205 HOH A O   1 
HETATM 836 O O   . HOH C 3 .   ? -10.867 -0.031  7.985   1.00 39.79 ? 206 HOH A O   1 
HETATM 837 O O   . HOH C 3 .   ? 5.374   -17.783 -6.599  1.00 36.51 ? 207 HOH A O   1 
HETATM 838 O O   . HOH C 3 .   ? 15.848  4.562   -6.636  1.00 51.18 ? 208 HOH A O   1 
HETATM 839 O O   . HOH C 3 .   ? -7.523  -2.342  13.128  1.00 48.99 ? 209 HOH A O   1 
HETATM 840 O O   . HOH C 3 .   ? -16.744 -2.540  -3.731  1.00 22.55 ? 210 HOH A O   1 
HETATM 841 O O   . HOH C 3 .   ? -5.161  -4.531  14.035  1.00 46.89 ? 211 HOH A O   1 
HETATM 842 O O   . HOH C 3 .   ? -9.586  9.874   -6.063  1.00 33.47 ? 212 HOH A O   1 
HETATM 843 O O   . HOH C 3 .   ? 4.979   7.497   -18.233 1.00 50.47 ? 213 HOH A O   1 
HETATM 844 O O   . HOH C 3 .   ? -3.638  -15.529 -2.831  1.00 49.64 ? 214 HOH A O   1 
HETATM 845 O O   . HOH C 3 .   ? -1.885  0.010   -15.658 1.00 42.43 ? 215 HOH A O   1 
HETATM 846 O O   . HOH C 3 .   ? -3.448  10.248  -10.327 1.00 31.63 ? 216 HOH A O   1 
HETATM 847 O O   . HOH C 3 .   ? 8.670   -7.189  2.359   1.00 38.03 ? 217 HOH A O   1 
HETATM 848 O O   . HOH C 3 .   ? -7.939  -5.405  9.940   1.00 43.13 ? 218 HOH A O   1 
HETATM 849 O O   . HOH C 3 .   ? 4.203   -11.671 11.146  1.00 48.52 ? 219 HOH A O   1 
HETATM 850 O O   . HOH C 3 .   ? -6.696  7.049   5.843   1.00 46.12 ? 220 HOH A O   1 
HETATM 851 O O   . HOH C 3 .   ? -8.179  11.257  0.149   1.00 41.00 ? 221 HOH A O   1 
HETATM 852 O O   . HOH C 3 .   ? 4.416   -10.074 14.526  1.00 47.39 ? 222 HOH A O   1 
HETATM 853 O O   . HOH C 3 .   ? -9.289  12.005  -1.995  1.00 43.05 ? 223 HOH A O   1 
HETATM 854 O O   . HOH C 3 .   ? -8.973  0.027   -10.220 1.00 43.88 ? 224 HOH A O   1 
HETATM 855 O O   . HOH C 3 .   ? -7.046  8.962   -10.692 1.00 34.91 ? 225 HOH A O   1 
HETATM 856 O O   . HOH C 3 .   ? 9.476   -11.585 0.523   1.00 25.31 ? 226 HOH A O   1 
HETATM 857 O O   . HOH C 3 .   ? 10.589  4.869   -7.350  1.00 32.34 ? 227 HOH A O   1 
HETATM 858 O O   . HOH C 3 .   ? 7.121   7.353   -16.209 1.00 51.72 ? 228 HOH A O   1 
HETATM 859 O O   . HOH C 3 .   ? -10.634 -4.505  6.931   1.00 42.27 ? 229 HOH A O   1 
HETATM 860 O O   . HOH C 3 .   ? -12.055 1.909   4.126   1.00 30.81 ? 230 HOH A O   1 
HETATM 861 O O   . HOH C 3 .   ? 10.926  -9.205  8.437   1.00 40.30 ? 231 HOH A O   1 
HETATM 862 O O   . HOH C 3 .   ? -12.099 10.597  -5.299  1.00 48.53 ? 232 HOH A O   1 
HETATM 863 O O   . HOH C 3 .   ? -16.755 -1.588  4.371   1.00 46.50 ? 233 HOH A O   1 
HETATM 864 O O   . HOH C 3 .   ? 0.623   -11.973 -9.797  1.00 38.78 ? 234 HOH A O   1 
HETATM 865 O O   . HOH C 3 .   ? 1.637   -14.355 -3.716  1.00 42.81 ? 235 HOH A O   1 
HETATM 866 O O   . HOH C 3 .   ? -6.161  -5.894  12.128  1.00 44.82 ? 236 HOH A O   1 
HETATM 867 O O   . HOH C 3 .   ? -9.479  1.100   10.203  1.00 49.98 ? 237 HOH A O   1 
HETATM 868 O O   . HOH C 3 .   ? 17.152  5.956   -8.603  1.00 59.41 ? 238 HOH A O   1 
HETATM 869 O O   . HOH C 3 .   ? -9.598  6.499   4.615   1.00 48.25 ? 239 HOH A O   1 
HETATM 870 O O   . HOH C 3 .   ? -12.664 -7.890  -2.871  1.00 50.55 ? 240 HOH A O   1 
HETATM 871 O O   . HOH C 3 .   ? -4.411  2.614   21.021  1.00 59.54 ? 241 HOH A O   1 
HETATM 872 O O   . HOH C 3 .   ? 3.896   -3.378  -11.802 0.50 31.41 ? 242 HOH A O   1 
HETATM 873 O O   . HOH C 3 .   ? 10.612  10.865  -4.792  1.00 42.38 ? 243 HOH A O   1 
HETATM 874 O O   . HOH C 3 .   ? -8.180  11.542  -4.539  1.00 36.16 ? 244 HOH A O   1 
HETATM 875 O O   . HOH C 3 .   ? 12.820  3.063   -11.691 1.00 52.12 ? 245 HOH A O   1 
HETATM 876 O O   . HOH C 3 .   ? -0.588  -14.497 -5.279  1.00 54.53 ? 246 HOH A O   1 
HETATM 877 O O   . HOH C 3 .   ? 12.775  -8.920  -0.153  1.00 35.89 ? 247 HOH A O   1 
HETATM 878 O O   . HOH C 3 .   ? -10.894 -2.521  8.694   1.00 43.99 ? 248 HOH A O   1 
HETATM 879 O O   . HOH C 3 .   ? -9.199  -3.582  11.011  1.00 48.46 ? 249 HOH A O   1 
HETATM 880 O O   . HOH C 3 .   ? 3.809   -0.829  -11.021 1.00 43.19 ? 250 HOH A O   1 
HETATM 881 O O   . HOH C 3 .   ? -5.073  4.968   20.528  1.00 50.39 ? 251 HOH A O   1 
HETATM 882 O O   . HOH C 3 .   ? -6.901  2.185   22.694  1.00 53.74 ? 252 HOH A O   1 
HETATM 883 O O   . HOH C 3 .   ? 4.995   8.855   -20.843 1.00 53.42 ? 253 HOH A O   1 
HETATM 884 O O   . HOH D 3 .   ? 12.108  3.364   3.705   0.50 64.01 ? 201 HOH B O   1 
HETATM 885 O O   . HOH D 3 .   ? 7.007   0.661   7.566   1.00 38.13 ? 202 HOH B O   1 
HETATM 886 O O   . HOH D 3 .   ? 5.716   3.682   5.039   1.00 45.57 ? 203 HOH B O   1 
HETATM 887 O O   . HOH D 3 .   ? 14.556  -2.581  -6.218  1.00 26.77 ? 204 HOH B O   1 
HETATM 888 O O   . HOH D 3 .   ? 8.985   1.999   9.447   1.00 43.17 ? 205 HOH B O   1 
HETATM 889 O O   . HOH D 3 .   ? 11.371  -6.431  1.408   1.00 38.99 ? 206 HOH B O   1 
HETATM 890 O O   . HOH D 3 .   ? 8.781   1.293   12.017  1.00 47.93 ? 207 HOH B O   1 
HETATM 891 O O   . HOH D 3 .   ? 5.274   1.767   6.600   1.00 41.19 ? 208 HOH B O   1 
# 
loop_
_pdbx_poly_seq_scheme.asym_id 
_pdbx_poly_seq_scheme.entity_id 
_pdbx_poly_seq_scheme.seq_id 
_pdbx_poly_seq_scheme.mon_id 
_pdbx_poly_seq_scheme.ndb_seq_num 
_pdbx_poly_seq_scheme.pdb_seq_num 
_pdbx_poly_seq_scheme.auth_seq_num 
_pdbx_poly_seq_scheme.pdb_mon_id 
_pdbx_poly_seq_scheme.auth_mon_id 
_pdbx_poly_seq_scheme.pdb_strand_id 
_pdbx_poly_seq_scheme.pdb_ins_code 
_pdbx_poly_seq_scheme.hetero 
A 1 1   GLY 1   4   ?   ?   ?   A . n 
A 1 2   PRO 2   5   ?   ?   ?   A . n 
A 1 3   MET 3   6   ?   ?   ?   A . n 
A 1 4   SER 4   7   ?   ?   ?   A . n 
A 1 5   VAL 5   8   ?   ?   ?   A . n 
A 1 6   PRO 6   9   ?   ?   ?   A . n 
A 1 7   THR 7   10  ?   ?   ?   A . n 
A 1 8   ASP 8   11  ?   ?   ?   A . n 
A 1 9   GLY 9   12  ?   ?   ?   A . n 
A 1 10  ALA 10  13  ?   ?   ?   A . n 
A 1 11  VAL 11  14  ?   ?   ?   A . n 
A 1 12  THR 12  15  ?   ?   ?   A . n 
A 1 13  THR 13  16  ?   ?   ?   A . n 
A 1 14  SER 14  17  ?   ?   ?   A . n 
A 1 15  GLN 15  18  ?   ?   ?   A . n 
A 1 16  ILE 16  19  ?   ?   ?   A . n 
A 1 17  PRO 17  20  ?   ?   ?   A . n 
A 1 18  ALA 18  21  ?   ?   ?   A . n 
A 1 19  SER 19  22  ?   ?   ?   A . n 
A 1 20  GLU 20  23  ?   ?   ?   A . n 
A 1 21  GLN 21  24  ?   ?   ?   A . n 
A 1 22  GLU 22  25  25  GLU GLU A . n 
A 1 23  THR 23  26  26  THR THR A . n 
A 1 24  LEU 24  27  27  LEU LEU A . n 
A 1 25  VAL 25  28  28  VAL VAL A . n 
A 1 26  ARG 26  29  29  ARG ARG A . n 
A 1 27  PRO 27  30  30  PRO PRO A . n 
A 1 28  LYS 28  31  31  LYS LYS A . n 
A 1 29  PRO 29  32  32  PRO PRO A . n 
A 1 30  LEU 30  33  33  LEU LEU A . n 
A 1 31  LEU 31  34  34  LEU LEU A . n 
A 1 32  LEU 32  35  35  LEU LEU A . n 
A 1 33  LYS 33  36  36  LYS LYS A . n 
A 1 34  LEU 34  37  37  LEU LEU A . n 
A 1 35  LEU 35  38  38  LEU LEU A . n 
A 1 36  LYS 36  39  39  LYS LYS A . n 
A 1 37  SER 37  40  40  SER SER A . n 
A 1 38  VAL 38  41  41  VAL VAL A . n 
A 1 39  GLY 39  42  42  GLY GLY A . n 
A 1 40  ALA 40  43  43  ALA ALA A . n 
A 1 41  GLN 41  44  44  GLN GLN A . n 
A 1 42  LYS 42  45  45  LYS LYS A . n 
A 1 43  ASP 43  46  46  ASP ASP A . n 
A 1 44  THR 44  47  47  THR THR A . n 
A 1 45  TYR 45  48  48  TYR TYR A . n 
A 1 46  THR 46  49  49  THR THR A . n 
A 1 47  MET 47  50  50  MET MET A . n 
A 1 48  LYS 48  51  51  LYS LYS A . n 
A 1 49  GLU 49  52  52  GLU GLU A . n 
A 1 50  VAL 50  53  53  VAL VAL A . n 
A 1 51  LEU 51  54  54  LEU LEU A . n 
A 1 52  PHE 52  55  55  PHE PHE A . n 
A 1 53  TYR 53  56  56  TYR TYR A . n 
A 1 54  LEU 54  57  57  LEU LEU A . n 
A 1 55  GLY 55  58  58  GLY GLY A . n 
A 1 56  GLN 56  59  59  GLN GLN A . n 
A 1 57  TYR 57  60  60  TYR TYR A . n 
A 1 58  ILE 58  61  61  ILE ILE A . n 
A 1 59  MET 59  62  62  MET MET A . n 
A 1 60  THR 60  63  63  THR THR A . n 
A 1 61  LYS 61  64  64  LYS LYS A . n 
A 1 62  ARG 62  65  65  ARG ARG A . n 
A 1 63  LEU 63  66  66  LEU LEU A . n 
A 1 64  TYR 64  67  67  TYR TYR A . n 
A 1 65  ASP 65  68  68  ASP ASP A . n 
A 1 66  GLU 66  69  69  GLU GLU A . n 
A 1 67  LYS 67  70  70  LYS LYS A . n 
A 1 68  GLN 68  71  71  GLN GLN A . n 
A 1 69  GLN 69  72  72  GLN GLN A . n 
A 1 70  HIS 70  73  73  HIS HIS A . n 
A 1 71  ILE 71  74  74  ILE ILE A . n 
A 1 72  VAL 72  75  75  VAL VAL A . n 
A 1 73  TYR 73  76  76  TYR TYR A . n 
A 1 74  CYS 74  77  77  CYS CYS A . n 
A 1 75  SER 75  78  78  SER SER A . n 
A 1 76  ASN 76  79  79  ASN ASN A . n 
A 1 77  ASP 77  80  80  ASP ASP A . n 
A 1 78  LEU 78  81  81  LEU LEU A . n 
A 1 79  LEU 79  82  82  LEU LEU A . n 
A 1 80  GLY 80  83  83  GLY GLY A . n 
A 1 81  ASP 81  84  84  ASP ASP A . n 
A 1 82  LEU 82  85  85  LEU LEU A . n 
A 1 83  PHE 83  86  86  PHE PHE A . n 
A 1 84  GLY 84  87  87  GLY GLY A . n 
A 1 85  VAL 85  88  88  VAL VAL A . n 
A 1 86  PRO 86  89  89  PRO PRO A . n 
A 1 87  SER 87  90  90  SER SER A . n 
A 1 88  PHE 88  91  91  PHE PHE A . n 
A 1 89  SER 89  92  92  SER SER A . n 
A 1 90  VAL 90  93  93  VAL VAL A . n 
A 1 91  LYS 91  94  94  LYS LYS A . n 
A 1 92  GLU 92  95  95  GLU GLU A . n 
A 1 93  HIS 93  96  96  HIS HIS A . n 
A 1 94  ARG 94  97  97  ARG ARG A . n 
A 1 95  LYS 95  98  98  LYS LYS A . n 
A 1 96  ILE 96  99  99  ILE ILE A . n 
A 1 97  TYR 97  100 100 TYR TYR A . n 
A 1 98  THR 98  101 101 THR THR A . n 
A 1 99  MET 99  102 102 MET MET A . n 
A 1 100 ILE 100 103 103 ILE ILE A . n 
A 1 101 TYR 101 104 104 TYR TYR A . n 
A 1 102 ARG 102 105 105 ARG ARG A . n 
A 1 103 ASN 103 106 106 ASN ASN A . n 
A 1 104 LEU 104 107 107 LEU LEU A . n 
A 1 105 VAL 105 108 108 VAL VAL A . n 
A 1 106 VAL 106 109 109 VAL VAL A . n 
A 1 107 VAL 107 110 ?   ?   ?   A . n 
A 1 108 ASN 108 111 ?   ?   ?   A . n 
A 1 109 GLN 109 112 ?   ?   ?   A . n 
A 1 110 GLN 110 113 ?   ?   ?   A . n 
A 1 111 GLU 111 114 ?   ?   ?   A . n 
A 1 112 SER 112 115 ?   ?   ?   A . n 
A 1 113 SER 113 116 ?   ?   ?   A . n 
A 1 114 ASP 114 117 ?   ?   ?   A . n 
A 1 115 SER 115 118 ?   ?   ?   A . n 
A 1 116 GLY 116 119 ?   ?   ?   A . n 
A 1 117 THR 117 120 ?   ?   ?   A . n 
A 1 118 SER 118 121 ?   ?   ?   A . n 
A 1 119 VAL 119 122 ?   ?   ?   A . n 
A 1 120 SER 120 123 ?   ?   ?   A . n 
A 1 121 GLU 121 124 ?   ?   ?   A . n 
A 1 122 ASN 122 125 ?   ?   ?   A . n 
B 2 1   2JN 1   1   1   2JN STQ B . n 
B 2 2   DAL 2   2   2   DAL DAL B . n 
B 2 3   E03 3   3   3   E03 FRP B . n 
B 2 4   DTY 4   4   4   DTY DTY B . n 
B 2 5   2JN 5   5   5   2JN STQ B . n 
B 2 6   DSG 6   6   6   DSG DSG B . n 
B 2 7   TDF 7   7   7   TDF TDF B . n 
B 2 8   DGL 8   8   8   DGL DGL B . n 
B 2 9   MK8 9   9   9   MK8 STQ B . n 
B 2 10  DLE 10  10  10  DLE DLE B . n 
B 2 11  DLE 11  11  11  DLE DLE B . n 
B 2 12  2JN 12  12  12  2JN STQ B . n 
# 
loop_
_pdbx_nonpoly_scheme.asym_id 
_pdbx_nonpoly_scheme.entity_id 
_pdbx_nonpoly_scheme.mon_id 
_pdbx_nonpoly_scheme.ndb_seq_num 
_pdbx_nonpoly_scheme.pdb_seq_num 
_pdbx_nonpoly_scheme.auth_seq_num 
_pdbx_nonpoly_scheme.pdb_mon_id 
_pdbx_nonpoly_scheme.auth_mon_id 
_pdbx_nonpoly_scheme.pdb_strand_id 
_pdbx_nonpoly_scheme.pdb_ins_code 
C 3 HOH 1  201 59 HOH HOH A . 
C 3 HOH 2  202 56 HOH HOH A . 
C 3 HOH 3  203 32 HOH HOH A . 
C 3 HOH 4  204 41 HOH HOH A . 
C 3 HOH 5  205 16 HOH HOH A . 
C 3 HOH 6  206 17 HOH HOH A . 
C 3 HOH 7  207 35 HOH HOH A . 
C 3 HOH 8  208 7  HOH HOH A . 
C 3 HOH 9  209 34 HOH HOH A . 
C 3 HOH 10 210 2  HOH HOH A . 
C 3 HOH 11 211 4  HOH HOH A . 
C 3 HOH 12 212 15 HOH HOH A . 
C 3 HOH 13 213 26 HOH HOH A . 
C 3 HOH 14 214 48 HOH HOH A . 
C 3 HOH 15 215 13 HOH HOH A . 
C 3 HOH 16 216 10 HOH HOH A . 
C 3 HOH 17 217 18 HOH HOH A . 
C 3 HOH 18 218 37 HOH HOH A . 
C 3 HOH 19 219 11 HOH HOH A . 
C 3 HOH 20 220 55 HOH HOH A . 
C 3 HOH 21 221 14 HOH HOH A . 
C 3 HOH 22 222 58 HOH HOH A . 
C 3 HOH 23 223 29 HOH HOH A . 
C 3 HOH 24 224 28 HOH HOH A . 
C 3 HOH 25 225 43 HOH HOH A . 
C 3 HOH 26 226 46 HOH HOH A . 
C 3 HOH 27 227 9  HOH HOH A . 
C 3 HOH 28 228 64 HOH HOH A . 
C 3 HOH 29 229 38 HOH HOH A . 
C 3 HOH 30 230 6  HOH HOH A . 
C 3 HOH 31 231 3  HOH HOH A . 
C 3 HOH 32 232 65 HOH HOH A . 
C 3 HOH 33 233 30 HOH HOH A . 
C 3 HOH 34 234 22 HOH HOH A . 
C 3 HOH 35 235 8  HOH HOH A . 
C 3 HOH 36 236 36 HOH HOH A . 
C 3 HOH 37 237 45 HOH HOH A . 
C 3 HOH 38 238 40 HOH HOH A . 
C 3 HOH 39 239 39 HOH HOH A . 
C 3 HOH 40 240 52 HOH HOH A . 
C 3 HOH 41 241 68 HOH HOH A . 
C 3 HOH 42 242 60 HOH HOH A . 
C 3 HOH 43 243 42 HOH HOH A . 
C 3 HOH 44 244 23 HOH HOH A . 
C 3 HOH 45 245 49 HOH HOH A . 
C 3 HOH 46 246 21 HOH HOH A . 
C 3 HOH 47 247 47 HOH HOH A . 
C 3 HOH 48 248 19 HOH HOH A . 
C 3 HOH 49 249 27 HOH HOH A . 
C 3 HOH 50 250 61 HOH HOH A . 
C 3 HOH 51 251 67 HOH HOH A . 
C 3 HOH 52 252 69 HOH HOH A . 
C 3 HOH 53 253 50 HOH HOH A . 
D 3 HOH 1  201 62 HOH HOH B . 
D 3 HOH 2  202 44 HOH HOH B . 
D 3 HOH 3  203 24 HOH HOH B . 
D 3 HOH 4  204 5  HOH HOH B . 
D 3 HOH 5  205 12 HOH HOH B . 
D 3 HOH 6  206 63 HOH HOH B . 
D 3 HOH 7  207 54 HOH HOH B . 
D 3 HOH 8  208 31 HOH HOH B . 
# 
_pdbx_struct_assembly.id                   1 
_pdbx_struct_assembly.details              author_and_software_defined_assembly 
_pdbx_struct_assembly.method_details       PISA 
_pdbx_struct_assembly.oligomeric_details   dimeric 
_pdbx_struct_assembly.oligomeric_count     2 
# 
_pdbx_struct_assembly_gen.assembly_id       1 
_pdbx_struct_assembly_gen.oper_expression   1 
_pdbx_struct_assembly_gen.asym_id_list      A,B,C,D 
# 
loop_
_pdbx_struct_assembly_prop.biol_id 
_pdbx_struct_assembly_prop.type 
_pdbx_struct_assembly_prop.value 
_pdbx_struct_assembly_prop.details 
1 'ABSA (A^2)' 1220 ? 
1 MORE         -6   ? 
1 'SSA (A^2)'  5950 ? 
# 
_pdbx_struct_oper_list.id                   1 
_pdbx_struct_oper_list.type                 'identity operation' 
_pdbx_struct_oper_list.name                 1_555 
_pdbx_struct_oper_list.symmetry_operation   x,y,z 
_pdbx_struct_oper_list.matrix[1][1]         1.0000000000 
_pdbx_struct_oper_list.matrix[1][2]         0.0000000000 
_pdbx_struct_oper_list.matrix[1][3]         0.0000000000 
_pdbx_struct_oper_list.vector[1]            0.0000000000 
_pdbx_struct_oper_list.matrix[2][1]         0.0000000000 
_pdbx_struct_oper_list.matrix[2][2]         1.0000000000 
_pdbx_struct_oper_list.matrix[2][3]         0.0000000000 
_pdbx_struct_oper_list.vector[2]            0.0000000000 
_pdbx_struct_oper_list.matrix[3][1]         0.0000000000 
_pdbx_struct_oper_list.matrix[3][2]         0.0000000000 
_pdbx_struct_oper_list.matrix[3][3]         1.0000000000 
_pdbx_struct_oper_list.vector[3]            0.0000000000 
# 
loop_
_pdbx_struct_special_symmetry.id 
_pdbx_struct_special_symmetry.PDB_model_num 
_pdbx_struct_special_symmetry.auth_asym_id 
_pdbx_struct_special_symmetry.auth_comp_id 
_pdbx_struct_special_symmetry.auth_seq_id 
_pdbx_struct_special_symmetry.PDB_ins_code 
_pdbx_struct_special_symmetry.label_asym_id 
_pdbx_struct_special_symmetry.label_comp_id 
_pdbx_struct_special_symmetry.label_seq_id 
1 1 A HOH 242 ? C HOH . 
2 1 B HOH 201 ? D HOH . 
# 
loop_
_pdbx_audit_revision_history.ordinal 
_pdbx_audit_revision_history.data_content_type 
_pdbx_audit_revision_history.major_revision 
_pdbx_audit_revision_history.minor_revision 
_pdbx_audit_revision_history.revision_date 
1 'Structure model' 1 0 2019-10-16 
2 'Structure model' 1 1 2020-11-04 
3 'Structure model' 2 0 2023-11-15 
4 'Structure model' 2 1 2023-11-22 
# 
_pdbx_audit_revision_details.ordinal             1 
_pdbx_audit_revision_details.revision_ordinal    1 
_pdbx_audit_revision_details.data_content_type   'Structure model' 
_pdbx_audit_revision_details.provider            repository 
_pdbx_audit_revision_details.type                'Initial release' 
_pdbx_audit_revision_details.description         ? 
_pdbx_audit_revision_details.details             ? 
# 
loop_
_pdbx_audit_revision_group.ordinal 
_pdbx_audit_revision_group.revision_ordinal 
_pdbx_audit_revision_group.data_content_type 
_pdbx_audit_revision_group.group 
1 2 'Structure model' 'Database references'    
2 3 'Structure model' 'Atomic model'           
3 3 'Structure model' 'Data collection'        
4 3 'Structure model' 'Database references'    
5 3 'Structure model' 'Derived calculations'   
6 4 'Structure model' 'Refinement description' 
# 
loop_
_pdbx_audit_revision_category.ordinal 
_pdbx_audit_revision_category.revision_ordinal 
_pdbx_audit_revision_category.data_content_type 
_pdbx_audit_revision_category.category 
1 2 'Structure model' citation                      
2 2 'Structure model' citation_author               
3 3 'Structure model' atom_site                     
4 3 'Structure model' chem_comp_atom                
5 3 'Structure model' chem_comp_bond                
6 3 'Structure model' database_2                    
7 3 'Structure model' struct_conn                   
8 4 'Structure model' pdbx_initial_refinement_model 
# 
loop_
_pdbx_audit_revision_item.ordinal 
_pdbx_audit_revision_item.revision_ordinal 
_pdbx_audit_revision_item.data_content_type 
_pdbx_audit_revision_item.item 
1  2 'Structure model' '_citation.country'                   
2  2 'Structure model' '_citation.journal_abbrev'            
3  2 'Structure model' '_citation.journal_id_CSD'            
4  2 'Structure model' '_citation.journal_id_ISSN'           
5  2 'Structure model' '_citation.journal_volume'            
6  2 'Structure model' '_citation.page_first'                
7  2 'Structure model' '_citation.page_last'                 
8  2 'Structure model' '_citation.pdbx_database_id_DOI'      
9  2 'Structure model' '_citation.pdbx_database_id_PubMed'   
10 2 'Structure model' '_citation.title'                     
11 2 'Structure model' '_citation.year'                      
12 3 'Structure model' '_atom_site.auth_atom_id'             
13 3 'Structure model' '_atom_site.label_atom_id'            
14 3 'Structure model' '_database_2.pdbx_DOI'                
15 3 'Structure model' '_database_2.pdbx_database_accession' 
16 3 'Structure model' '_struct_conn.pdbx_leaving_atom_flag' 
17 3 'Structure model' '_struct_conn.ptnr1_label_atom_id'    
18 3 'Structure model' '_struct_conn.ptnr2_label_atom_id'    
# 
loop_
_software.citation_id 
_software.classification 
_software.compiler_name 
_software.compiler_version 
_software.contact_author 
_software.contact_author_email 
_software.date 
_software.description 
_software.dependencies 
_software.hardware 
_software.language 
_software.location 
_software.mods 
_software.name 
_software.os 
_software.os_version 
_software.type 
_software.version 
_software.pdbx_ordinal 
? refinement        ? ? ? ? ? ? ? ? ? ? ? REFMAC      ? ? ? 5.8.0189 1 
? 'data extraction' ? ? ? ? ? ? ? ? ? ? ? PDB_EXTRACT ? ? ? 3.25     2 
? 'data reduction'  ? ? ? ? ? ? ? ? ? ? ? XDS         ? ? ? .        3 
? 'data scaling'    ? ? ? ? ? ? ? ? ? ? ? Aimless     ? ? ? .        4 
? phasing           ? ? ? ? ? ? ? ? ? ? ? PHASER      ? ? ? .        5 
# 
_pdbx_entry_details.entry_id                 6KZU 
_pdbx_entry_details.has_ligand_of_interest   Y 
_pdbx_entry_details.compound_details         ? 
_pdbx_entry_details.source_details           ? 
_pdbx_entry_details.nonpolymer_details       ? 
_pdbx_entry_details.sequence_details         ? 
# 
loop_
_pdbx_unobs_or_zero_occ_residues.id 
_pdbx_unobs_or_zero_occ_residues.PDB_model_num 
_pdbx_unobs_or_zero_occ_residues.polymer_flag 
_pdbx_unobs_or_zero_occ_residues.occupancy_flag 
_pdbx_unobs_or_zero_occ_residues.auth_asym_id 
_pdbx_unobs_or_zero_occ_residues.auth_comp_id 
_pdbx_unobs_or_zero_occ_residues.auth_seq_id 
_pdbx_unobs_or_zero_occ_residues.PDB_ins_code 
_pdbx_unobs_or_zero_occ_residues.label_asym_id 
_pdbx_unobs_or_zero_occ_residues.label_comp_id 
_pdbx_unobs_or_zero_occ_residues.label_seq_id 
1  1 Y 1 A GLY 4   ? A GLY 1   
2  1 Y 1 A PRO 5   ? A PRO 2   
3  1 Y 1 A MET 6   ? A MET 3   
4  1 Y 1 A SER 7   ? A SER 4   
5  1 Y 1 A VAL 8   ? A VAL 5   
6  1 Y 1 A PRO 9   ? A PRO 6   
7  1 Y 1 A THR 10  ? A THR 7   
8  1 Y 1 A ASP 11  ? A ASP 8   
9  1 Y 1 A GLY 12  ? A GLY 9   
10 1 Y 1 A ALA 13  ? A ALA 10  
11 1 Y 1 A VAL 14  ? A VAL 11  
12 1 Y 1 A THR 15  ? A THR 12  
13 1 Y 1 A THR 16  ? A THR 13  
14 1 Y 1 A SER 17  ? A SER 14  
15 1 Y 1 A GLN 18  ? A GLN 15  
16 1 Y 1 A ILE 19  ? A ILE 16  
17 1 Y 1 A PRO 20  ? A PRO 17  
18 1 Y 1 A ALA 21  ? A ALA 18  
19 1 Y 1 A SER 22  ? A SER 19  
20 1 Y 1 A GLU 23  ? A GLU 20  
21 1 Y 1 A GLN 24  ? A GLN 21  
22 1 Y 1 A VAL 110 ? A VAL 107 
23 1 Y 1 A ASN 111 ? A ASN 108 
24 1 Y 1 A GLN 112 ? A GLN 109 
25 1 Y 1 A GLN 113 ? A GLN 110 
26 1 Y 1 A GLU 114 ? A GLU 111 
27 1 Y 1 A SER 115 ? A SER 112 
28 1 Y 1 A SER 116 ? A SER 113 
29 1 Y 1 A ASP 117 ? A ASP 114 
30 1 Y 1 A SER 118 ? A SER 115 
31 1 Y 1 A GLY 119 ? A GLY 116 
32 1 Y 1 A THR 120 ? A THR 117 
33 1 Y 1 A SER 121 ? A SER 118 
34 1 Y 1 A VAL 122 ? A VAL 119 
35 1 Y 1 A SER 123 ? A SER 120 
36 1 Y 1 A GLU 124 ? A GLU 121 
37 1 Y 1 A ASN 125 ? A ASN 122 
# 
loop_
_chem_comp_atom.comp_id 
_chem_comp_atom.atom_id 
_chem_comp_atom.type_symbol 
_chem_comp_atom.pdbx_aromatic_flag 
_chem_comp_atom.pdbx_stereo_config 
_chem_comp_atom.pdbx_ordinal 
2JN O    O N N 1   
2JN C    C N N 2   
2JN CA   C N R 3   
2JN CAA  C N N 4   
2JN N    N N N 5   
2JN CAO  C N N 6   
2JN CAM  C N N 7   
2JN CAK  C N N 8   
2JN CAI  C N N 9   
2JN OXT  O N N 10  
2JN H1   H N N 11  
2JN H4   H N N 12  
2JN H3   H N N 13  
2JN H    H N N 14  
2JN H2   H N N 15  
2JN H7   H N N 16  
2JN H8   H N N 17  
2JN H9   H N N 18  
2JN H10  H N N 19  
2JN H11  H N N 20  
2JN H12  H N N 21  
2JN H13  H N N 22  
2JN H14  H N N 23  
2JN H15  H N N 24  
2JN HXT  H N N 25  
ALA N    N N N 26  
ALA CA   C N S 27  
ALA C    C N N 28  
ALA O    O N N 29  
ALA CB   C N N 30  
ALA OXT  O N N 31  
ALA H    H N N 32  
ALA H2   H N N 33  
ALA HA   H N N 34  
ALA HB1  H N N 35  
ALA HB2  H N N 36  
ALA HB3  H N N 37  
ALA HXT  H N N 38  
ARG N    N N N 39  
ARG CA   C N S 40  
ARG C    C N N 41  
ARG O    O N N 42  
ARG CB   C N N 43  
ARG CG   C N N 44  
ARG CD   C N N 45  
ARG NE   N N N 46  
ARG CZ   C N N 47  
ARG NH1  N N N 48  
ARG NH2  N N N 49  
ARG OXT  O N N 50  
ARG H    H N N 51  
ARG H2   H N N 52  
ARG HA   H N N 53  
ARG HB2  H N N 54  
ARG HB3  H N N 55  
ARG HG2  H N N 56  
ARG HG3  H N N 57  
ARG HD2  H N N 58  
ARG HD3  H N N 59  
ARG HE   H N N 60  
ARG HH11 H N N 61  
ARG HH12 H N N 62  
ARG HH21 H N N 63  
ARG HH22 H N N 64  
ARG HXT  H N N 65  
ASN N    N N N 66  
ASN CA   C N S 67  
ASN C    C N N 68  
ASN O    O N N 69  
ASN CB   C N N 70  
ASN CG   C N N 71  
ASN OD1  O N N 72  
ASN ND2  N N N 73  
ASN OXT  O N N 74  
ASN H    H N N 75  
ASN H2   H N N 76  
ASN HA   H N N 77  
ASN HB2  H N N 78  
ASN HB3  H N N 79  
ASN HD21 H N N 80  
ASN HD22 H N N 81  
ASN HXT  H N N 82  
ASP N    N N N 83  
ASP CA   C N S 84  
ASP C    C N N 85  
ASP O    O N N 86  
ASP CB   C N N 87  
ASP CG   C N N 88  
ASP OD1  O N N 89  
ASP OD2  O N N 90  
ASP OXT  O N N 91  
ASP H    H N N 92  
ASP H2   H N N 93  
ASP HA   H N N 94  
ASP HB2  H N N 95  
ASP HB3  H N N 96  
ASP HD2  H N N 97  
ASP HXT  H N N 98  
CYS N    N N N 99  
CYS CA   C N R 100 
CYS C    C N N 101 
CYS O    O N N 102 
CYS CB   C N N 103 
CYS SG   S N N 104 
CYS OXT  O N N 105 
CYS H    H N N 106 
CYS H2   H N N 107 
CYS HA   H N N 108 
CYS HB2  H N N 109 
CYS HB3  H N N 110 
CYS HG   H N N 111 
CYS HXT  H N N 112 
DAL N    N N N 113 
DAL CA   C N R 114 
DAL CB   C N N 115 
DAL C    C N N 116 
DAL O    O N N 117 
DAL OXT  O N N 118 
DAL H    H N N 119 
DAL H2   H N N 120 
DAL HA   H N N 121 
DAL HB1  H N N 122 
DAL HB2  H N N 123 
DAL HB3  H N N 124 
DAL HXT  H N N 125 
DGL N    N N N 126 
DGL CA   C N R 127 
DGL C    C N N 128 
DGL O    O N N 129 
DGL CB   C N N 130 
DGL CG   C N N 131 
DGL CD   C N N 132 
DGL OE1  O N N 133 
DGL OE2  O N N 134 
DGL OXT  O N N 135 
DGL H    H N N 136 
DGL H2   H N N 137 
DGL HA   H N N 138 
DGL HB2  H N N 139 
DGL HB3  H N N 140 
DGL HG2  H N N 141 
DGL HG3  H N N 142 
DGL HE2  H N N 143 
DGL HXT  H N N 144 
DLE N    N N N 145 
DLE CA   C N R 146 
DLE CB   C N N 147 
DLE CG   C N N 148 
DLE CD1  C N N 149 
DLE CD2  C N N 150 
DLE C    C N N 151 
DLE O    O N N 152 
DLE OXT  O N N 153 
DLE H    H N N 154 
DLE H2   H N N 155 
DLE HA   H N N 156 
DLE HB2  H N N 157 
DLE HB3  H N N 158 
DLE HG   H N N 159 
DLE HD11 H N N 160 
DLE HD12 H N N 161 
DLE HD13 H N N 162 
DLE HD21 H N N 163 
DLE HD22 H N N 164 
DLE HD23 H N N 165 
DLE HXT  H N N 166 
DSG N    N N N 167 
DSG CA   C N R 168 
DSG C    C N N 169 
DSG O    O N N 170 
DSG CB   C N N 171 
DSG CG   C N N 172 
DSG OD1  O N N 173 
DSG ND2  N N N 174 
DSG OXT  O N N 175 
DSG H    H N N 176 
DSG H2   H N N 177 
DSG HA   H N N 178 
DSG HB2  H N N 179 
DSG HB3  H N N 180 
DSG HD21 H N N 181 
DSG HD22 H N N 182 
DSG HXT  H N N 183 
DTY N    N N N 184 
DTY CA   C N R 185 
DTY C    C N N 186 
DTY O    O N N 187 
DTY CB   C N N 188 
DTY CG   C Y N 189 
DTY CD1  C Y N 190 
DTY CD2  C Y N 191 
DTY CE1  C Y N 192 
DTY CE2  C Y N 193 
DTY CZ   C Y N 194 
DTY OH   O N N 195 
DTY OXT  O N N 196 
DTY H    H N N 197 
DTY H2   H N N 198 
DTY HA   H N N 199 
DTY HB2  H N N 200 
DTY HB3  H N N 201 
DTY HD1  H N N 202 
DTY HD2  H N N 203 
DTY HE1  H N N 204 
DTY HE2  H N N 205 
DTY HH   H N N 206 
DTY HXT  H N N 207 
E03 F1   F N N 208 
E03 N    N N N 209 
E03 CA   C N R 210 
E03 CB   C N N 211 
E03 CG   C Y N 212 
E03 CD1  C Y N 213 
E03 NE1  N Y N 214 
E03 CE2  C Y N 215 
E03 CD2  C Y N 216 
E03 CE3  C Y N 217 
E03 CZ3  C Y N 218 
E03 CH2  C Y N 219 
E03 CZ2  C Y N 220 
E03 C    C N N 221 
E03 O    O N N 222 
E03 OXT  O N N 223 
E03 H    H N N 224 
E03 H2   H N N 225 
E03 HA   H N N 226 
E03 H5   H N N 227 
E03 H6   H N N 228 
E03 H7   H N N 229 
E03 H8   H N N 230 
E03 H9   H N N 231 
E03 H10  H N N 232 
E03 H11  H N N 233 
E03 HXT  H N N 234 
GLN N    N N N 235 
GLN CA   C N S 236 
GLN C    C N N 237 
GLN O    O N N 238 
GLN CB   C N N 239 
GLN CG   C N N 240 
GLN CD   C N N 241 
GLN OE1  O N N 242 
GLN NE2  N N N 243 
GLN OXT  O N N 244 
GLN H    H N N 245 
GLN H2   H N N 246 
GLN HA   H N N 247 
GLN HB2  H N N 248 
GLN HB3  H N N 249 
GLN HG2  H N N 250 
GLN HG3  H N N 251 
GLN HE21 H N N 252 
GLN HE22 H N N 253 
GLN HXT  H N N 254 
GLU N    N N N 255 
GLU CA   C N S 256 
GLU C    C N N 257 
GLU O    O N N 258 
GLU CB   C N N 259 
GLU CG   C N N 260 
GLU CD   C N N 261 
GLU OE1  O N N 262 
GLU OE2  O N N 263 
GLU OXT  O N N 264 
GLU H    H N N 265 
GLU H2   H N N 266 
GLU HA   H N N 267 
GLU HB2  H N N 268 
GLU HB3  H N N 269 
GLU HG2  H N N 270 
GLU HG3  H N N 271 
GLU HE2  H N N 272 
GLU HXT  H N N 273 
GLY N    N N N 274 
GLY CA   C N N 275 
GLY C    C N N 276 
GLY O    O N N 277 
GLY OXT  O N N 278 
GLY H    H N N 279 
GLY H2   H N N 280 
GLY HA2  H N N 281 
GLY HA3  H N N 282 
GLY HXT  H N N 283 
HIS N    N N N 284 
HIS CA   C N S 285 
HIS C    C N N 286 
HIS O    O N N 287 
HIS CB   C N N 288 
HIS CG   C Y N 289 
HIS ND1  N Y N 290 
HIS CD2  C Y N 291 
HIS CE1  C Y N 292 
HIS NE2  N Y N 293 
HIS OXT  O N N 294 
HIS H    H N N 295 
HIS H2   H N N 296 
HIS HA   H N N 297 
HIS HB2  H N N 298 
HIS HB3  H N N 299 
HIS HD1  H N N 300 
HIS HD2  H N N 301 
HIS HE1  H N N 302 
HIS HE2  H N N 303 
HIS HXT  H N N 304 
HOH O    O N N 305 
HOH H1   H N N 306 
HOH H2   H N N 307 
ILE N    N N N 308 
ILE CA   C N S 309 
ILE C    C N N 310 
ILE O    O N N 311 
ILE CB   C N S 312 
ILE CG1  C N N 313 
ILE CG2  C N N 314 
ILE CD1  C N N 315 
ILE OXT  O N N 316 
ILE H    H N N 317 
ILE H2   H N N 318 
ILE HA   H N N 319 
ILE HB   H N N 320 
ILE HG12 H N N 321 
ILE HG13 H N N 322 
ILE HG21 H N N 323 
ILE HG22 H N N 324 
ILE HG23 H N N 325 
ILE HD11 H N N 326 
ILE HD12 H N N 327 
ILE HD13 H N N 328 
ILE HXT  H N N 329 
LEU N    N N N 330 
LEU CA   C N S 331 
LEU C    C N N 332 
LEU O    O N N 333 
LEU CB   C N N 334 
LEU CG   C N N 335 
LEU CD1  C N N 336 
LEU CD2  C N N 337 
LEU OXT  O N N 338 
LEU H    H N N 339 
LEU H2   H N N 340 
LEU HA   H N N 341 
LEU HB2  H N N 342 
LEU HB3  H N N 343 
LEU HG   H N N 344 
LEU HD11 H N N 345 
LEU HD12 H N N 346 
LEU HD13 H N N 347 
LEU HD21 H N N 348 
LEU HD22 H N N 349 
LEU HD23 H N N 350 
LEU HXT  H N N 351 
LYS N    N N N 352 
LYS CA   C N S 353 
LYS C    C N N 354 
LYS O    O N N 355 
LYS CB   C N N 356 
LYS CG   C N N 357 
LYS CD   C N N 358 
LYS CE   C N N 359 
LYS NZ   N N N 360 
LYS OXT  O N N 361 
LYS H    H N N 362 
LYS H2   H N N 363 
LYS HA   H N N 364 
LYS HB2  H N N 365 
LYS HB3  H N N 366 
LYS HG2  H N N 367 
LYS HG3  H N N 368 
LYS HD2  H N N 369 
LYS HD3  H N N 370 
LYS HE2  H N N 371 
LYS HE3  H N N 372 
LYS HZ1  H N N 373 
LYS HZ2  H N N 374 
LYS HZ3  H N N 375 
LYS HXT  H N N 376 
MET N    N N N 377 
MET CA   C N S 378 
MET C    C N N 379 
MET O    O N N 380 
MET CB   C N N 381 
MET CG   C N N 382 
MET SD   S N N 383 
MET CE   C N N 384 
MET OXT  O N N 385 
MET H    H N N 386 
MET H2   H N N 387 
MET HA   H N N 388 
MET HB2  H N N 389 
MET HB3  H N N 390 
MET HG2  H N N 391 
MET HG3  H N N 392 
MET HE1  H N N 393 
MET HE2  H N N 394 
MET HE3  H N N 395 
MET HXT  H N N 396 
MK8 C    C N N 397 
MK8 N    N N N 398 
MK8 O    O N N 399 
MK8 CA   C N S 400 
MK8 CB   C N N 401 
MK8 CD   C N N 402 
MK8 CE   C N N 403 
MK8 CG   C N N 404 
MK8 CB1  C N N 405 
MK8 OXT  O N N 406 
MK8 H    H N N 407 
MK8 H2   H N N 408 
MK8 HB   H N N 409 
MK8 HBA  H N N 410 
MK8 HD   H N N 411 
MK8 HDA  H N N 412 
MK8 HE   H N N 413 
MK8 HEA  H N N 414 
MK8 HEB  H N N 415 
MK8 HG   H N N 416 
MK8 HGA  H N N 417 
MK8 HB1  H N N 418 
MK8 HB1A H N N 419 
MK8 HB1B H N N 420 
MK8 HXT  H N N 421 
PHE N    N N N 422 
PHE CA   C N S 423 
PHE C    C N N 424 
PHE O    O N N 425 
PHE CB   C N N 426 
PHE CG   C Y N 427 
PHE CD1  C Y N 428 
PHE CD2  C Y N 429 
PHE CE1  C Y N 430 
PHE CE2  C Y N 431 
PHE CZ   C Y N 432 
PHE OXT  O N N 433 
PHE H    H N N 434 
PHE H2   H N N 435 
PHE HA   H N N 436 
PHE HB2  H N N 437 
PHE HB3  H N N 438 
PHE HD1  H N N 439 
PHE HD2  H N N 440 
PHE HE1  H N N 441 
PHE HE2  H N N 442 
PHE HZ   H N N 443 
PHE HXT  H N N 444 
PRO N    N N N 445 
PRO CA   C N S 446 
PRO C    C N N 447 
PRO O    O N N 448 
PRO CB   C N N 449 
PRO CG   C N N 450 
PRO CD   C N N 451 
PRO OXT  O N N 452 
PRO H    H N N 453 
PRO HA   H N N 454 
PRO HB2  H N N 455 
PRO HB3  H N N 456 
PRO HG2  H N N 457 
PRO HG3  H N N 458 
PRO HD2  H N N 459 
PRO HD3  H N N 460 
PRO HXT  H N N 461 
SER N    N N N 462 
SER CA   C N S 463 
SER C    C N N 464 
SER O    O N N 465 
SER CB   C N N 466 
SER OG   O N N 467 
SER OXT  O N N 468 
SER H    H N N 469 
SER H2   H N N 470 
SER HA   H N N 471 
SER HB2  H N N 472 
SER HB3  H N N 473 
SER HG   H N N 474 
SER HXT  H N N 475 
TDF C    C N N 476 
TDF N    N N N 477 
TDF O    O N N 478 
TDF CA   C N R 479 
TDF CB   C N N 480 
TDF CG   C Y N 481 
TDF CZ   C Y N 482 
TDF C13  C N N 483 
TDF F19  F N N 484 
TDF F20  F N N 485 
TDF F21  F N N 486 
TDF CD1  C Y N 487 
TDF CD2  C Y N 488 
TDF CE1  C Y N 489 
TDF CE2  C Y N 490 
TDF OXT  O N N 491 
TDF H    H N N 492 
TDF H2   H N N 493 
TDF HA   H N N 494 
TDF HB   H N N 495 
TDF HBA  H N N 496 
TDF HD1  H N N 497 
TDF HD2  H N N 498 
TDF HE1  H N N 499 
TDF HE2  H N N 500 
TDF HXT  H N N 501 
THR N    N N N 502 
THR CA   C N S 503 
THR C    C N N 504 
THR O    O N N 505 
THR CB   C N R 506 
THR OG1  O N N 507 
THR CG2  C N N 508 
THR OXT  O N N 509 
THR H    H N N 510 
THR H2   H N N 511 
THR HA   H N N 512 
THR HB   H N N 513 
THR HG1  H N N 514 
THR HG21 H N N 515 
THR HG22 H N N 516 
THR HG23 H N N 517 
THR HXT  H N N 518 
TYR N    N N N 519 
TYR CA   C N S 520 
TYR C    C N N 521 
TYR O    O N N 522 
TYR CB   C N N 523 
TYR CG   C Y N 524 
TYR CD1  C Y N 525 
TYR CD2  C Y N 526 
TYR CE1  C Y N 527 
TYR CE2  C Y N 528 
TYR CZ   C Y N 529 
TYR OH   O N N 530 
TYR OXT  O N N 531 
TYR H    H N N 532 
TYR H2   H N N 533 
TYR HA   H N N 534 
TYR HB2  H N N 535 
TYR HB3  H N N 536 
TYR HD1  H N N 537 
TYR HD2  H N N 538 
TYR HE1  H N N 539 
TYR HE2  H N N 540 
TYR HH   H N N 541 
TYR HXT  H N N 542 
VAL N    N N N 543 
VAL CA   C N S 544 
VAL C    C N N 545 
VAL O    O N N 546 
VAL CB   C N N 547 
VAL CG1  C N N 548 
VAL CG2  C N N 549 
VAL OXT  O N N 550 
VAL H    H N N 551 
VAL H2   H N N 552 
VAL HA   H N N 553 
VAL HB   H N N 554 
VAL HG11 H N N 555 
VAL HG12 H N N 556 
VAL HG13 H N N 557 
VAL HG21 H N N 558 
VAL HG22 H N N 559 
VAL HG23 H N N 560 
VAL HXT  H N N 561 
# 
loop_
_chem_comp_bond.comp_id 
_chem_comp_bond.atom_id_1 
_chem_comp_bond.atom_id_2 
_chem_comp_bond.value_order 
_chem_comp_bond.pdbx_aromatic_flag 
_chem_comp_bond.pdbx_stereo_config 
_chem_comp_bond.pdbx_ordinal 
2JN C   O    doub N N 1   
2JN C   CA   sing N N 2   
2JN CAA CA   sing N N 3   
2JN CA  N    sing N N 4   
2JN CA  CAO  sing N N 5   
2JN CAO CAM  sing N N 6   
2JN CAM CAK  sing N N 7   
2JN CAK CAI  sing N N 8   
2JN C   OXT  sing N N 9   
2JN CAA H1   sing N N 10  
2JN CAA H4   sing N N 11  
2JN CAA H3   sing N N 12  
2JN N   H    sing N N 13  
2JN N   H2   sing N N 14  
2JN CAO H7   sing N N 15  
2JN CAO H8   sing N N 16  
2JN CAM H9   sing N N 17  
2JN CAM H10  sing N N 18  
2JN CAK H11  sing N N 19  
2JN CAK H12  sing N N 20  
2JN CAI H13  sing N N 21  
2JN CAI H14  sing N N 22  
2JN CAI H15  sing N N 23  
2JN OXT HXT  sing N N 24  
ALA N   CA   sing N N 25  
ALA N   H    sing N N 26  
ALA N   H2   sing N N 27  
ALA CA  C    sing N N 28  
ALA CA  CB   sing N N 29  
ALA CA  HA   sing N N 30  
ALA C   O    doub N N 31  
ALA C   OXT  sing N N 32  
ALA CB  HB1  sing N N 33  
ALA CB  HB2  sing N N 34  
ALA CB  HB3  sing N N 35  
ALA OXT HXT  sing N N 36  
ARG N   CA   sing N N 37  
ARG N   H    sing N N 38  
ARG N   H2   sing N N 39  
ARG CA  C    sing N N 40  
ARG CA  CB   sing N N 41  
ARG CA  HA   sing N N 42  
ARG C   O    doub N N 43  
ARG C   OXT  sing N N 44  
ARG CB  CG   sing N N 45  
ARG CB  HB2  sing N N 46  
ARG CB  HB3  sing N N 47  
ARG CG  CD   sing N N 48  
ARG CG  HG2  sing N N 49  
ARG CG  HG3  sing N N 50  
ARG CD  NE   sing N N 51  
ARG CD  HD2  sing N N 52  
ARG CD  HD3  sing N N 53  
ARG NE  CZ   sing N N 54  
ARG NE  HE   sing N N 55  
ARG CZ  NH1  sing N N 56  
ARG CZ  NH2  doub N N 57  
ARG NH1 HH11 sing N N 58  
ARG NH1 HH12 sing N N 59  
ARG NH2 HH21 sing N N 60  
ARG NH2 HH22 sing N N 61  
ARG OXT HXT  sing N N 62  
ASN N   CA   sing N N 63  
ASN N   H    sing N N 64  
ASN N   H2   sing N N 65  
ASN CA  C    sing N N 66  
ASN CA  CB   sing N N 67  
ASN CA  HA   sing N N 68  
ASN C   O    doub N N 69  
ASN C   OXT  sing N N 70  
ASN CB  CG   sing N N 71  
ASN CB  HB2  sing N N 72  
ASN CB  HB3  sing N N 73  
ASN CG  OD1  doub N N 74  
ASN CG  ND2  sing N N 75  
ASN ND2 HD21 sing N N 76  
ASN ND2 HD22 sing N N 77  
ASN OXT HXT  sing N N 78  
ASP N   CA   sing N N 79  
ASP N   H    sing N N 80  
ASP N   H2   sing N N 81  
ASP CA  C    sing N N 82  
ASP CA  CB   sing N N 83  
ASP CA  HA   sing N N 84  
ASP C   O    doub N N 85  
ASP C   OXT  sing N N 86  
ASP CB  CG   sing N N 87  
ASP CB  HB2  sing N N 88  
ASP CB  HB3  sing N N 89  
ASP CG  OD1  doub N N 90  
ASP CG  OD2  sing N N 91  
ASP OD2 HD2  sing N N 92  
ASP OXT HXT  sing N N 93  
CYS N   CA   sing N N 94  
CYS N   H    sing N N 95  
CYS N   H2   sing N N 96  
CYS CA  C    sing N N 97  
CYS CA  CB   sing N N 98  
CYS CA  HA   sing N N 99  
CYS C   O    doub N N 100 
CYS C   OXT  sing N N 101 
CYS CB  SG   sing N N 102 
CYS CB  HB2  sing N N 103 
CYS CB  HB3  sing N N 104 
CYS SG  HG   sing N N 105 
CYS OXT HXT  sing N N 106 
DAL N   CA   sing N N 107 
DAL N   H    sing N N 108 
DAL N   H2   sing N N 109 
DAL CA  CB   sing N N 110 
DAL CA  C    sing N N 111 
DAL CA  HA   sing N N 112 
DAL CB  HB1  sing N N 113 
DAL CB  HB2  sing N N 114 
DAL CB  HB3  sing N N 115 
DAL C   O    doub N N 116 
DAL C   OXT  sing N N 117 
DAL OXT HXT  sing N N 118 
DGL N   CA   sing N N 119 
DGL N   H    sing N N 120 
DGL N   H2   sing N N 121 
DGL CA  C    sing N N 122 
DGL CA  CB   sing N N 123 
DGL CA  HA   sing N N 124 
DGL C   O    doub N N 125 
DGL C   OXT  sing N N 126 
DGL CB  CG   sing N N 127 
DGL CB  HB2  sing N N 128 
DGL CB  HB3  sing N N 129 
DGL CG  CD   sing N N 130 
DGL CG  HG2  sing N N 131 
DGL CG  HG3  sing N N 132 
DGL CD  OE1  doub N N 133 
DGL CD  OE2  sing N N 134 
DGL OE2 HE2  sing N N 135 
DGL OXT HXT  sing N N 136 
DLE N   CA   sing N N 137 
DLE N   H    sing N N 138 
DLE N   H2   sing N N 139 
DLE CA  CB   sing N N 140 
DLE CA  C    sing N N 141 
DLE CA  HA   sing N N 142 
DLE CB  CG   sing N N 143 
DLE CB  HB2  sing N N 144 
DLE CB  HB3  sing N N 145 
DLE CG  CD1  sing N N 146 
DLE CG  CD2  sing N N 147 
DLE CG  HG   sing N N 148 
DLE CD1 HD11 sing N N 149 
DLE CD1 HD12 sing N N 150 
DLE CD1 HD13 sing N N 151 
DLE CD2 HD21 sing N N 152 
DLE CD2 HD22 sing N N 153 
DLE CD2 HD23 sing N N 154 
DLE C   O    doub N N 155 
DLE C   OXT  sing N N 156 
DLE OXT HXT  sing N N 157 
DSG N   CA   sing N N 158 
DSG N   H    sing N N 159 
DSG N   H2   sing N N 160 
DSG CA  C    sing N N 161 
DSG CA  CB   sing N N 162 
DSG CA  HA   sing N N 163 
DSG C   O    doub N N 164 
DSG C   OXT  sing N N 165 
DSG CB  CG   sing N N 166 
DSG CB  HB2  sing N N 167 
DSG CB  HB3  sing N N 168 
DSG CG  OD1  doub N N 169 
DSG CG  ND2  sing N N 170 
DSG ND2 HD21 sing N N 171 
DSG ND2 HD22 sing N N 172 
DSG OXT HXT  sing N N 173 
DTY N   CA   sing N N 174 
DTY N   H    sing N N 175 
DTY N   H2   sing N N 176 
DTY CA  C    sing N N 177 
DTY CA  CB   sing N N 178 
DTY CA  HA   sing N N 179 
DTY C   O    doub N N 180 
DTY C   OXT  sing N N 181 
DTY CB  CG   sing N N 182 
DTY CB  HB2  sing N N 183 
DTY CB  HB3  sing N N 184 
DTY CG  CD1  doub Y N 185 
DTY CG  CD2  sing Y N 186 
DTY CD1 CE1  sing Y N 187 
DTY CD1 HD1  sing N N 188 
DTY CD2 CE2  doub Y N 189 
DTY CD2 HD2  sing N N 190 
DTY CE1 CZ   doub Y N 191 
DTY CE1 HE1  sing N N 192 
DTY CE2 CZ   sing Y N 193 
DTY CE2 HE2  sing N N 194 
DTY CZ  OH   sing N N 195 
DTY OH  HH   sing N N 196 
DTY OXT HXT  sing N N 197 
E03 NE1 CD1  sing Y N 198 
E03 NE1 CE2  sing Y N 199 
E03 CD1 CG   doub Y N 200 
E03 CZ2 CE2  doub Y N 201 
E03 CZ2 CH2  sing Y N 202 
E03 CE2 CD2  sing Y N 203 
E03 CG  CD2  sing Y N 204 
E03 CG  CB   sing N N 205 
E03 F1  CH2  sing N N 206 
E03 CH2 CZ3  doub Y N 207 
E03 CD2 CE3  doub Y N 208 
E03 CB  CA   sing N N 209 
E03 CZ3 CE3  sing Y N 210 
E03 N   CA   sing N N 211 
E03 CA  C    sing N N 212 
E03 C   O    doub N N 213 
E03 C   OXT  sing N N 214 
E03 N   H    sing N N 215 
E03 N   H2   sing N N 216 
E03 CA  HA   sing N N 217 
E03 CB  H5   sing N N 218 
E03 CB  H6   sing N N 219 
E03 CD1 H7   sing N N 220 
E03 NE1 H8   sing N N 221 
E03 CE3 H9   sing N N 222 
E03 CZ3 H10  sing N N 223 
E03 CZ2 H11  sing N N 224 
E03 OXT HXT  sing N N 225 
GLN N   CA   sing N N 226 
GLN N   H    sing N N 227 
GLN N   H2   sing N N 228 
GLN CA  C    sing N N 229 
GLN CA  CB   sing N N 230 
GLN CA  HA   sing N N 231 
GLN C   O    doub N N 232 
GLN C   OXT  sing N N 233 
GLN CB  CG   sing N N 234 
GLN CB  HB2  sing N N 235 
GLN CB  HB3  sing N N 236 
GLN CG  CD   sing N N 237 
GLN CG  HG2  sing N N 238 
GLN CG  HG3  sing N N 239 
GLN CD  OE1  doub N N 240 
GLN CD  NE2  sing N N 241 
GLN NE2 HE21 sing N N 242 
GLN NE2 HE22 sing N N 243 
GLN OXT HXT  sing N N 244 
GLU N   CA   sing N N 245 
GLU N   H    sing N N 246 
GLU N   H2   sing N N 247 
GLU CA  C    sing N N 248 
GLU CA  CB   sing N N 249 
GLU CA  HA   sing N N 250 
GLU C   O    doub N N 251 
GLU C   OXT  sing N N 252 
GLU CB  CG   sing N N 253 
GLU CB  HB2  sing N N 254 
GLU CB  HB3  sing N N 255 
GLU CG  CD   sing N N 256 
GLU CG  HG2  sing N N 257 
GLU CG  HG3  sing N N 258 
GLU CD  OE1  doub N N 259 
GLU CD  OE2  sing N N 260 
GLU OE2 HE2  sing N N 261 
GLU OXT HXT  sing N N 262 
GLY N   CA   sing N N 263 
GLY N   H    sing N N 264 
GLY N   H2   sing N N 265 
GLY CA  C    sing N N 266 
GLY CA  HA2  sing N N 267 
GLY CA  HA3  sing N N 268 
GLY C   O    doub N N 269 
GLY C   OXT  sing N N 270 
GLY OXT HXT  sing N N 271 
HIS N   CA   sing N N 272 
HIS N   H    sing N N 273 
HIS N   H2   sing N N 274 
HIS CA  C    sing N N 275 
HIS CA  CB   sing N N 276 
HIS CA  HA   sing N N 277 
HIS C   O    doub N N 278 
HIS C   OXT  sing N N 279 
HIS CB  CG   sing N N 280 
HIS CB  HB2  sing N N 281 
HIS CB  HB3  sing N N 282 
HIS CG  ND1  sing Y N 283 
HIS CG  CD2  doub Y N 284 
HIS ND1 CE1  doub Y N 285 
HIS ND1 HD1  sing N N 286 
HIS CD2 NE2  sing Y N 287 
HIS CD2 HD2  sing N N 288 
HIS CE1 NE2  sing Y N 289 
HIS CE1 HE1  sing N N 290 
HIS NE2 HE2  sing N N 291 
HIS OXT HXT  sing N N 292 
HOH O   H1   sing N N 293 
HOH O   H2   sing N N 294 
ILE N   CA   sing N N 295 
ILE N   H    sing N N 296 
ILE N   H2   sing N N 297 
ILE CA  C    sing N N 298 
ILE CA  CB   sing N N 299 
ILE CA  HA   sing N N 300 
ILE C   O    doub N N 301 
ILE C   OXT  sing N N 302 
ILE CB  CG1  sing N N 303 
ILE CB  CG2  sing N N 304 
ILE CB  HB   sing N N 305 
ILE CG1 CD1  sing N N 306 
ILE CG1 HG12 sing N N 307 
ILE CG1 HG13 sing N N 308 
ILE CG2 HG21 sing N N 309 
ILE CG2 HG22 sing N N 310 
ILE CG2 HG23 sing N N 311 
ILE CD1 HD11 sing N N 312 
ILE CD1 HD12 sing N N 313 
ILE CD1 HD13 sing N N 314 
ILE OXT HXT  sing N N 315 
LEU N   CA   sing N N 316 
LEU N   H    sing N N 317 
LEU N   H2   sing N N 318 
LEU CA  C    sing N N 319 
LEU CA  CB   sing N N 320 
LEU CA  HA   sing N N 321 
LEU C   O    doub N N 322 
LEU C   OXT  sing N N 323 
LEU CB  CG   sing N N 324 
LEU CB  HB2  sing N N 325 
LEU CB  HB3  sing N N 326 
LEU CG  CD1  sing N N 327 
LEU CG  CD2  sing N N 328 
LEU CG  HG   sing N N 329 
LEU CD1 HD11 sing N N 330 
LEU CD1 HD12 sing N N 331 
LEU CD1 HD13 sing N N 332 
LEU CD2 HD21 sing N N 333 
LEU CD2 HD22 sing N N 334 
LEU CD2 HD23 sing N N 335 
LEU OXT HXT  sing N N 336 
LYS N   CA   sing N N 337 
LYS N   H    sing N N 338 
LYS N   H2   sing N N 339 
LYS CA  C    sing N N 340 
LYS CA  CB   sing N N 341 
LYS CA  HA   sing N N 342 
LYS C   O    doub N N 343 
LYS C   OXT  sing N N 344 
LYS CB  CG   sing N N 345 
LYS CB  HB2  sing N N 346 
LYS CB  HB3  sing N N 347 
LYS CG  CD   sing N N 348 
LYS CG  HG2  sing N N 349 
LYS CG  HG3  sing N N 350 
LYS CD  CE   sing N N 351 
LYS CD  HD2  sing N N 352 
LYS CD  HD3  sing N N 353 
LYS CE  NZ   sing N N 354 
LYS CE  HE2  sing N N 355 
LYS CE  HE3  sing N N 356 
LYS NZ  HZ1  sing N N 357 
LYS NZ  HZ2  sing N N 358 
LYS NZ  HZ3  sing N N 359 
LYS OXT HXT  sing N N 360 
MET N   CA   sing N N 361 
MET N   H    sing N N 362 
MET N   H2   sing N N 363 
MET CA  C    sing N N 364 
MET CA  CB   sing N N 365 
MET CA  HA   sing N N 366 
MET C   O    doub N N 367 
MET C   OXT  sing N N 368 
MET CB  CG   sing N N 369 
MET CB  HB2  sing N N 370 
MET CB  HB3  sing N N 371 
MET CG  SD   sing N N 372 
MET CG  HG2  sing N N 373 
MET CG  HG3  sing N N 374 
MET SD  CE   sing N N 375 
MET CE  HE1  sing N N 376 
MET CE  HE2  sing N N 377 
MET CE  HE3  sing N N 378 
MET OXT HXT  sing N N 379 
MK8 C   CA   sing N N 380 
MK8 C   OXT  sing N N 381 
MK8 N   H    sing N N 382 
MK8 N   H2   sing N N 383 
MK8 O   C    doub N N 384 
MK8 CA  N    sing N N 385 
MK8 CA  CB   sing N N 386 
MK8 CB  HB   sing N N 387 
MK8 CB  HBA  sing N N 388 
MK8 CD  CG   sing N N 389 
MK8 CD  HD   sing N N 390 
MK8 CD  HDA  sing N N 391 
MK8 CE  CD   sing N N 392 
MK8 CE  HE   sing N N 393 
MK8 CE  HEA  sing N N 394 
MK8 CE  HEB  sing N N 395 
MK8 CG  CB   sing N N 396 
MK8 CG  HG   sing N N 397 
MK8 CG  HGA  sing N N 398 
MK8 CB1 CA   sing N N 399 
MK8 CB1 HB1  sing N N 400 
MK8 CB1 HB1A sing N N 401 
MK8 CB1 HB1B sing N N 402 
MK8 OXT HXT  sing N N 403 
PHE N   CA   sing N N 404 
PHE N   H    sing N N 405 
PHE N   H2   sing N N 406 
PHE CA  C    sing N N 407 
PHE CA  CB   sing N N 408 
PHE CA  HA   sing N N 409 
PHE C   O    doub N N 410 
PHE C   OXT  sing N N 411 
PHE CB  CG   sing N N 412 
PHE CB  HB2  sing N N 413 
PHE CB  HB3  sing N N 414 
PHE CG  CD1  doub Y N 415 
PHE CG  CD2  sing Y N 416 
PHE CD1 CE1  sing Y N 417 
PHE CD1 HD1  sing N N 418 
PHE CD2 CE2  doub Y N 419 
PHE CD2 HD2  sing N N 420 
PHE CE1 CZ   doub Y N 421 
PHE CE1 HE1  sing N N 422 
PHE CE2 CZ   sing Y N 423 
PHE CE2 HE2  sing N N 424 
PHE CZ  HZ   sing N N 425 
PHE OXT HXT  sing N N 426 
PRO N   CA   sing N N 427 
PRO N   CD   sing N N 428 
PRO N   H    sing N N 429 
PRO CA  C    sing N N 430 
PRO CA  CB   sing N N 431 
PRO CA  HA   sing N N 432 
PRO C   O    doub N N 433 
PRO C   OXT  sing N N 434 
PRO CB  CG   sing N N 435 
PRO CB  HB2  sing N N 436 
PRO CB  HB3  sing N N 437 
PRO CG  CD   sing N N 438 
PRO CG  HG2  sing N N 439 
PRO CG  HG3  sing N N 440 
PRO CD  HD2  sing N N 441 
PRO CD  HD3  sing N N 442 
PRO OXT HXT  sing N N 443 
SER N   CA   sing N N 444 
SER N   H    sing N N 445 
SER N   H2   sing N N 446 
SER CA  C    sing N N 447 
SER CA  CB   sing N N 448 
SER CA  HA   sing N N 449 
SER C   O    doub N N 450 
SER C   OXT  sing N N 451 
SER CB  OG   sing N N 452 
SER CB  HB2  sing N N 453 
SER CB  HB3  sing N N 454 
SER OG  HG   sing N N 455 
SER OXT HXT  sing N N 456 
TDF C   O    doub N N 457 
TDF C   CA   sing N N 458 
TDF C   OXT  sing N N 459 
TDF N   CA   sing N N 460 
TDF N   H    sing N N 461 
TDF N   H2   sing N N 462 
TDF CA  CB   sing N N 463 
TDF CA  HA   sing N N 464 
TDF CB  CG   sing N N 465 
TDF CB  HB   sing N N 466 
TDF CB  HBA  sing N N 467 
TDF CG  CD1  doub Y N 468 
TDF CG  CD2  sing Y N 469 
TDF CZ  C13  sing N N 470 
TDF CZ  CE1  doub Y N 471 
TDF CZ  CE2  sing Y N 472 
TDF C13 F19  sing N N 473 
TDF C13 F20  sing N N 474 
TDF C13 F21  sing N N 475 
TDF CD1 CE1  sing Y N 476 
TDF CD1 HD1  sing N N 477 
TDF CD2 CE2  doub Y N 478 
TDF CD2 HD2  sing N N 479 
TDF CE1 HE1  sing N N 480 
TDF CE2 HE2  sing N N 481 
TDF OXT HXT  sing N N 482 
THR N   CA   sing N N 483 
THR N   H    sing N N 484 
THR N   H2   sing N N 485 
THR CA  C    sing N N 486 
THR CA  CB   sing N N 487 
THR CA  HA   sing N N 488 
THR C   O    doub N N 489 
THR C   OXT  sing N N 490 
THR CB  OG1  sing N N 491 
THR CB  CG2  sing N N 492 
THR CB  HB   sing N N 493 
THR OG1 HG1  sing N N 494 
THR CG2 HG21 sing N N 495 
THR CG2 HG22 sing N N 496 
THR CG2 HG23 sing N N 497 
THR OXT HXT  sing N N 498 
TYR N   CA   sing N N 499 
TYR N   H    sing N N 500 
TYR N   H2   sing N N 501 
TYR CA  C    sing N N 502 
TYR CA  CB   sing N N 503 
TYR CA  HA   sing N N 504 
TYR C   O    doub N N 505 
TYR C   OXT  sing N N 506 
TYR CB  CG   sing N N 507 
TYR CB  HB2  sing N N 508 
TYR CB  HB3  sing N N 509 
TYR CG  CD1  doub Y N 510 
TYR CG  CD2  sing Y N 511 
TYR CD1 CE1  sing Y N 512 
TYR CD1 HD1  sing N N 513 
TYR CD2 CE2  doub Y N 514 
TYR CD2 HD2  sing N N 515 
TYR CE1 CZ   doub Y N 516 
TYR CE1 HE1  sing N N 517 
TYR CE2 CZ   sing Y N 518 
TYR CE2 HE2  sing N N 519 
TYR CZ  OH   sing N N 520 
TYR OH  HH   sing N N 521 
TYR OXT HXT  sing N N 522 
VAL N   CA   sing N N 523 
VAL N   H    sing N N 524 
VAL N   H2   sing N N 525 
VAL CA  C    sing N N 526 
VAL CA  CB   sing N N 527 
VAL CA  HA   sing N N 528 
VAL C   O    doub N N 529 
VAL C   OXT  sing N N 530 
VAL CB  CG1  sing N N 531 
VAL CB  CG2  sing N N 532 
VAL CB  HB   sing N N 533 
VAL CG1 HG11 sing N N 534 
VAL CG1 HG12 sing N N 535 
VAL CG1 HG13 sing N N 536 
VAL CG2 HG21 sing N N 537 
VAL CG2 HG22 sing N N 538 
VAL CG2 HG23 sing N N 539 
VAL OXT HXT  sing N N 540 
# 
_pdbx_entity_instance_feature.ordinal        1 
_pdbx_entity_instance_feature.comp_id        2JN 
_pdbx_entity_instance_feature.asym_id        ? 
_pdbx_entity_instance_feature.seq_num        ? 
_pdbx_entity_instance_feature.auth_comp_id   2JN 
_pdbx_entity_instance_feature.auth_asym_id   ? 
_pdbx_entity_instance_feature.auth_seq_num   ? 
_pdbx_entity_instance_feature.feature_type   'SUBJECT OF INVESTIGATION' 
_pdbx_entity_instance_feature.details        ? 
# 
_pdbx_entity_nonpoly.entity_id   3 
_pdbx_entity_nonpoly.name        water 
_pdbx_entity_nonpoly.comp_id     HOH 
# 
_pdbx_initial_refinement_model.id               1 
_pdbx_initial_refinement_model.entity_id_list   ? 
_pdbx_initial_refinement_model.type             'experimental model' 
_pdbx_initial_refinement_model.source_name      PDB 
_pdbx_initial_refinement_model.accession_code   4UMN 
_pdbx_initial_refinement_model.details          ? 
# 
_pdbx_struct_assembly_auth_evidence.id                     1 
_pdbx_struct_assembly_auth_evidence.assembly_id            1 
_pdbx_struct_assembly_auth_evidence.experimental_support   'surface plasmon resonance' 
_pdbx_struct_assembly_auth_evidence.details                ? 
# 
